data_9W44
#
_entry.id   9W44
#
_cell.length_a   1.00
_cell.length_b   1.00
_cell.length_c   1.00
_cell.angle_alpha   90.00
_cell.angle_beta   90.00
_cell.angle_gamma   90.00
#
_symmetry.space_group_name_H-M   'P 1'
#
loop_
_entity.id
_entity.type
_entity.pdbx_description
1 polymer Hemagglutinin
2 branched 'N-acetyl-alpha-neuraminic acid-(2-3)-beta-D-galactopyranose-(1-4)-2-acetamido-2-deoxy-beta-D-glucopyranose'
3 branched beta-D-mannopyranose-(1-2)-beta-D-mannopyranose-(1-3)-beta-D-mannopyranose-(1-6)-beta-D-mannopyranose-(1-4)-2-acetamido-2-deoxy-beta-D-glucopyranose-(1-4)-2-acetamido-2-deoxy-beta-D-glucopyranose
4 branched 2-acetamido-2-deoxy-beta-D-glucopyranose-(1-4)-2-acetamido-2-deoxy-beta-D-glucopyranose
5 non-polymer 2-acetamido-2-deoxy-beta-D-glucopyranose
#
_entity_poly.entity_id   1
_entity_poly.type   'polypeptide(L)'
_entity_poly.pdbx_seq_one_letter_code
;NQICIGKAIKPINGTVETVSRMAKVTGMKKVGGERMQKICAKGEQIHDSSSACGIVSHHLKQEGCDFPFLLNKPKFATTG
PMNTSTTGFNFYLTEKAKSWMNITWRVLGENKDFGDNLVEKYGESGATSEGATLKNYYWYVPTAKPGPVVYEKLAECTGT
IYYGALLSDAEAGYIAVTGRNVTERWDVRFTGSSESSISFSGPKQSPMEEYIIKSVRSSVDTVRNIIILDSGRVKKGETF
SISLSSGAVVIPTIFCDGDFAVTPQVQIDKDCASDCHSAYGSFPNGSSFIIHHSVHTVGSCPPSILRNFDVIDGYEATWE
ETKQSRGFFGAILGFFTGGIQGAIDGWYGVTNHDTGKGTAADQTSTQKAVEAITNKLNEAIENGNQRYNQLYGLARTQAE
LLGNLGKEVNDLRLETFTEFIRLETILVNTRIIEEHQAIGSKKKEEVKRLLGPNALDLGNGCFNLTHTCDSNCVNSISRG
TYTRENYIHNVTLAGTPKIDGVV
;
_entity_poly.pdbx_strand_id   A,B,C
#
loop_
_chem_comp.id
_chem_comp.type
_chem_comp.name
_chem_comp.formula
BMA D-saccharide, beta linking beta-D-mannopyranose 'C6 H12 O6'
GAL D-saccharide, beta linking beta-D-galactopyranose 'C6 H12 O6'
NAG D-saccharide, beta linking 2-acetamido-2-deoxy-beta-D-glucopyranose 'C8 H15 N O6'
SIA D-saccharide, alpha linking 'N-acetyl-alpha-neuraminic acid' 'C11 H19 N O9'
#
# COMPACT_ATOMS: atom_id res chain seq x y z
N ASN A 1 -26.46 -31.94 -50.05
CA ASN A 1 -26.12 -32.08 -48.65
C ASN A 1 -25.78 -30.72 -48.03
N GLN A 2 -24.94 -30.75 -47.00
CA GLN A 2 -24.54 -29.54 -46.30
C GLN A 2 -23.21 -29.80 -45.60
N ILE A 3 -22.55 -28.70 -45.22
CA ILE A 3 -21.27 -28.79 -44.53
C ILE A 3 -21.31 -27.90 -43.29
N CYS A 4 -20.38 -28.14 -42.37
CA CYS A 4 -20.27 -27.34 -41.17
C CYS A 4 -18.79 -27.19 -40.80
N ILE A 5 -18.48 -26.10 -40.12
CA ILE A 5 -17.14 -25.80 -39.64
C ILE A 5 -17.22 -25.50 -38.15
N GLY A 6 -16.25 -26.00 -37.40
CA GLY A 6 -16.29 -25.77 -35.97
C GLY A 6 -15.08 -26.31 -35.25
N LYS A 7 -15.23 -26.47 -33.95
CA LYS A 7 -14.18 -26.97 -33.07
C LYS A 7 -14.30 -28.48 -32.90
N ALA A 8 -13.19 -29.10 -32.54
CA ALA A 8 -13.16 -30.53 -32.27
C ALA A 8 -13.64 -30.79 -30.84
N ILE A 9 -14.58 -31.71 -30.70
CA ILE A 9 -15.12 -32.03 -29.39
C ILE A 9 -14.06 -32.77 -28.57
N LYS A 10 -13.79 -32.27 -27.37
CA LYS A 10 -12.84 -32.87 -26.47
C LYS A 10 -13.39 -32.79 -25.05
N PRO A 11 -12.98 -33.71 -24.17
CA PRO A 11 -13.48 -33.67 -22.79
C PRO A 11 -13.08 -32.38 -22.09
N ILE A 12 -13.99 -31.89 -21.25
CA ILE A 12 -13.77 -30.65 -20.51
C ILE A 12 -12.78 -30.92 -19.39
N ASN A 13 -11.69 -30.16 -19.36
CA ASN A 13 -10.66 -30.39 -18.36
C ASN A 13 -10.84 -29.55 -17.11
N GLY A 14 -11.34 -28.33 -17.23
CA GLY A 14 -11.48 -27.51 -16.04
C GLY A 14 -12.26 -26.25 -16.30
N THR A 15 -12.20 -25.34 -15.33
CA THR A 15 -12.87 -24.06 -15.41
C THR A 15 -11.90 -22.96 -15.04
N VAL A 16 -11.84 -21.91 -15.85
CA VAL A 16 -11.02 -20.75 -15.58
C VAL A 16 -11.93 -19.56 -15.36
N GLU A 17 -11.38 -18.52 -14.74
CA GLU A 17 -12.14 -17.33 -14.39
C GLU A 17 -11.75 -16.18 -15.31
N THR A 18 -12.75 -15.59 -15.96
CA THR A 18 -12.58 -14.41 -16.78
C THR A 18 -13.12 -13.20 -16.04
N VAL A 19 -13.15 -12.05 -16.73
CA VAL A 19 -13.58 -10.82 -16.09
C VAL A 19 -15.04 -10.90 -15.66
N SER A 20 -15.90 -11.44 -16.53
CA SER A 20 -17.33 -11.39 -16.30
C SER A 20 -17.99 -12.76 -16.13
N ARG A 21 -17.26 -13.86 -16.31
CA ARG A 21 -17.86 -15.18 -16.15
C ARG A 21 -16.76 -16.20 -15.96
N MET A 22 -17.19 -17.43 -15.65
CA MET A 22 -16.30 -18.58 -15.56
C MET A 22 -16.50 -19.45 -16.80
N ALA A 23 -15.41 -19.80 -17.47
CA ALA A 23 -15.45 -20.51 -18.73
C ALA A 23 -14.89 -21.91 -18.58
N LYS A 24 -15.58 -22.88 -19.16
CA LYS A 24 -15.10 -24.26 -19.18
C LYS A 24 -14.12 -24.46 -20.33
N VAL A 25 -12.95 -25.02 -20.01
CA VAL A 25 -11.87 -25.14 -20.97
C VAL A 25 -11.37 -26.59 -21.00
N THR A 26 -10.80 -26.96 -22.14
CA THR A 26 -10.26 -28.29 -22.38
C THR A 26 -8.84 -28.45 -21.90
N GLY A 27 -8.23 -27.40 -21.36
CA GLY A 27 -6.88 -27.49 -20.86
C GLY A 27 -6.41 -26.22 -20.16
N MET A 28 -5.69 -26.38 -19.06
CA MET A 28 -5.18 -25.24 -18.32
C MET A 28 -3.90 -25.64 -17.60
N LYS A 29 -3.10 -24.63 -17.26
CA LYS A 29 -1.84 -24.86 -16.55
C LYS A 29 -1.72 -23.79 -15.47
N LYS A 30 -0.56 -23.76 -14.81
CA LYS A 30 -0.32 -22.84 -13.70
C LYS A 30 0.79 -21.86 -14.06
N VAL A 31 0.65 -20.62 -13.59
CA VAL A 31 1.59 -19.57 -13.96
C VAL A 31 2.94 -19.79 -13.29
N GLY A 32 2.94 -20.18 -12.02
CA GLY A 32 4.16 -20.27 -11.25
C GLY A 32 4.66 -21.69 -11.07
N GLY A 33 5.96 -21.79 -10.81
CA GLY A 33 6.59 -23.07 -10.55
C GLY A 33 6.62 -23.39 -9.06
N GLU A 34 6.56 -24.68 -8.75
CA GLU A 34 6.47 -25.15 -7.38
C GLU A 34 7.84 -25.57 -6.87
N ARG A 35 8.04 -25.37 -5.56
CA ARG A 35 9.30 -25.73 -4.92
C ARG A 35 9.50 -27.24 -4.93
N MET A 36 10.76 -27.66 -5.07
CA MET A 36 11.11 -29.07 -5.05
C MET A 36 11.43 -29.50 -3.63
N GLN A 37 11.69 -30.79 -3.44
CA GLN A 37 11.95 -31.35 -2.11
C GLN A 37 13.43 -31.39 -1.77
N LYS A 38 14.30 -30.85 -2.60
CA LYS A 38 15.73 -30.92 -2.38
C LYS A 38 16.41 -29.74 -3.06
N ILE A 39 17.68 -29.55 -2.75
CA ILE A 39 18.49 -28.50 -3.35
C ILE A 39 19.46 -29.16 -4.32
N CYS A 40 19.39 -28.76 -5.58
CA CYS A 40 20.24 -29.32 -6.63
C CYS A 40 21.49 -28.45 -6.71
N ALA A 41 22.61 -28.97 -6.20
CA ALA A 41 23.83 -28.20 -6.07
C ALA A 41 24.99 -28.82 -6.86
N LYS A 42 24.68 -29.37 -8.03
CA LYS A 42 25.75 -29.86 -8.90
C LYS A 42 26.49 -28.70 -9.53
N GLY A 43 27.82 -28.75 -9.50
CA GLY A 43 28.62 -27.67 -10.02
C GLY A 43 28.76 -26.47 -9.10
N GLU A 44 28.26 -26.56 -7.88
CA GLU A 44 28.37 -25.49 -6.89
C GLU A 44 29.14 -25.98 -5.68
N GLN A 45 29.87 -25.07 -5.06
CA GLN A 45 30.61 -25.37 -3.84
C GLN A 45 29.78 -25.00 -2.62
N ILE A 46 29.98 -25.73 -1.54
CA ILE A 46 29.22 -25.55 -0.31
C ILE A 46 30.21 -25.25 0.82
N HIS A 47 29.92 -24.20 1.58
CA HIS A 47 30.74 -23.79 2.72
C HIS A 47 30.06 -24.23 4.00
N ASP A 48 30.84 -24.84 4.90
CA ASP A 48 30.31 -25.30 6.18
C ASP A 48 31.41 -25.17 7.23
N SER A 49 31.18 -24.29 8.21
CA SER A 49 32.13 -24.09 9.30
C SER A 49 31.40 -24.01 10.64
N SER A 50 30.31 -24.74 10.79
CA SER A 50 29.51 -24.66 12.00
C SER A 50 30.20 -25.31 13.20
N SER A 51 31.24 -26.10 12.98
CA SER A 51 31.94 -26.78 14.06
C SER A 51 33.13 -26.01 14.60
N ALA A 52 33.50 -24.89 13.99
CA ALA A 52 34.70 -24.15 14.39
C ALA A 52 34.52 -22.65 14.51
N CYS A 53 33.52 -22.05 13.86
CA CYS A 53 33.40 -20.60 13.80
C CYS A 53 31.99 -20.16 14.13
N GLY A 54 31.86 -18.90 14.53
CA GLY A 54 30.59 -18.26 14.71
C GLY A 54 30.43 -17.08 13.77
N ILE A 55 29.28 -16.40 13.89
CA ILE A 55 29.00 -15.26 13.03
C ILE A 55 29.95 -14.12 13.31
N VAL A 56 30.20 -13.81 14.58
CA VAL A 56 31.07 -12.70 14.93
C VAL A 56 32.51 -12.99 14.52
N SER A 57 32.93 -14.25 14.63
CA SER A 57 34.30 -14.61 14.29
C SER A 57 34.63 -14.31 12.83
N HIS A 58 33.63 -14.39 11.95
CA HIS A 58 33.87 -14.10 10.54
C HIS A 58 34.15 -12.61 10.32
N HIS A 59 33.44 -11.74 11.02
CA HIS A 59 33.63 -10.30 10.84
C HIS A 59 35.00 -9.86 11.32
N LEU A 60 35.49 -10.47 12.39
CA LEU A 60 36.75 -10.06 13.00
C LEU A 60 37.96 -10.78 12.40
N LYS A 61 37.75 -11.60 11.37
CA LYS A 61 38.84 -12.31 10.69
C LYS A 61 39.61 -13.20 11.64
N GLN A 62 38.87 -13.98 12.43
CA GLN A 62 39.49 -14.97 13.29
C GLN A 62 40.18 -16.04 12.46
N GLU A 63 41.23 -16.64 13.04
CA GLU A 63 42.02 -17.65 12.34
C GLU A 63 41.16 -18.83 11.92
N GLY A 64 40.97 -19.00 10.61
CA GLY A 64 40.17 -20.08 10.09
C GLY A 64 38.74 -19.72 9.75
N CYS A 65 38.35 -18.45 9.90
CA CYS A 65 36.99 -17.99 9.61
C CYS A 65 37.11 -16.72 8.78
N ASP A 66 37.14 -16.86 7.47
CA ASP A 66 37.39 -15.73 6.57
C ASP A 66 36.47 -15.77 5.36
N PHE A 67 35.19 -16.06 5.57
CA PHE A 67 34.25 -16.04 4.46
C PHE A 67 34.12 -14.66 3.81
N PRO A 68 33.98 -13.56 4.55
CA PRO A 68 33.81 -12.26 3.88
C PRO A 68 35.04 -11.78 3.11
N PHE A 69 36.15 -12.51 3.16
CA PHE A 69 37.38 -12.11 2.47
C PHE A 69 37.84 -13.14 1.46
N LEU A 70 36.98 -14.10 1.11
CA LEU A 70 37.33 -15.10 0.12
C LEU A 70 37.28 -14.52 -1.28
N LEU A 71 38.16 -15.02 -2.15
CA LEU A 71 38.16 -14.57 -3.55
C LEU A 71 36.90 -15.04 -4.27
N ASN A 72 36.56 -16.32 -4.14
CA ASN A 72 35.35 -16.88 -4.71
C ASN A 72 34.45 -17.32 -3.55
N LYS A 73 33.23 -16.80 -3.52
CA LYS A 73 32.33 -17.06 -2.40
C LYS A 73 31.28 -18.08 -2.81
N PRO A 74 31.19 -19.22 -2.14
CA PRO A 74 30.15 -20.20 -2.48
C PRO A 74 28.75 -19.65 -2.24
N LYS A 75 27.80 -20.14 -3.03
CA LYS A 75 26.41 -19.69 -2.91
C LYS A 75 25.71 -20.28 -1.70
N PHE A 76 26.21 -21.39 -1.15
CA PHE A 76 25.61 -22.02 0.03
C PHE A 76 26.63 -21.97 1.16
N ALA A 77 26.20 -21.51 2.33
CA ALA A 77 27.11 -21.34 3.46
C ALA A 77 26.37 -21.62 4.76
N THR A 78 27.07 -22.27 5.69
CA THR A 78 26.55 -22.56 7.02
C THR A 78 27.63 -22.27 8.05
N THR A 79 27.22 -21.81 9.22
CA THR A 79 28.14 -21.51 10.30
C THR A 79 27.40 -21.62 11.63
N GLY A 80 28.14 -21.47 12.72
CA GLY A 80 27.58 -21.61 14.04
C GLY A 80 26.60 -20.49 14.38
N PRO A 81 25.85 -20.67 15.46
CA PRO A 81 24.84 -19.67 15.83
C PRO A 81 25.45 -18.35 16.29
N MET A 82 24.61 -17.36 16.53
CA MET A 82 25.08 -16.02 16.84
C MET A 82 25.80 -15.97 18.19
N ASN A 83 25.34 -16.78 19.15
CA ASN A 83 25.93 -16.77 20.48
C ASN A 83 27.16 -17.67 20.60
N THR A 84 27.80 -18.00 19.48
CA THR A 84 29.01 -18.79 19.53
C THR A 84 30.18 -17.94 20.01
N SER A 85 30.95 -18.47 20.96
CA SER A 85 32.07 -17.73 21.50
C SER A 85 33.23 -17.69 20.51
N THR A 86 34.09 -16.69 20.67
CA THR A 86 35.31 -16.56 19.89
C THR A 86 36.51 -16.89 20.77
N THR A 87 37.68 -16.94 20.13
CA THR A 87 38.92 -17.16 20.84
C THR A 87 39.58 -15.86 21.30
N GLY A 88 39.01 -14.71 20.95
CA GLY A 88 39.55 -13.44 21.36
C GLY A 88 38.92 -12.91 22.63
N PHE A 89 38.35 -11.72 22.58
CA PHE A 89 37.71 -11.14 23.74
C PHE A 89 36.21 -11.47 23.75
N ASN A 90 35.57 -11.14 24.87
CA ASN A 90 34.13 -11.27 24.94
C ASN A 90 33.47 -10.20 24.09
N PHE A 91 32.24 -10.45 23.66
CA PHE A 91 31.57 -9.51 22.78
C PHE A 91 30.12 -9.31 23.20
N TYR A 92 29.61 -8.13 22.85
CA TYR A 92 28.20 -7.78 23.05
C TYR A 92 27.72 -7.03 21.82
N LEU A 93 26.52 -7.37 21.36
CA LEU A 93 25.93 -6.76 20.18
C LEU A 93 24.52 -6.26 20.49
N THR A 94 24.18 -5.11 19.94
CA THR A 94 22.82 -4.60 20.05
C THR A 94 21.89 -5.40 19.14
N GLU A 95 20.58 -5.18 19.32
CA GLU A 95 19.60 -5.91 18.51
C GLU A 95 19.75 -5.59 17.03
N LYS A 96 19.94 -4.32 16.70
CA LYS A 96 20.17 -3.94 15.31
C LYS A 96 21.43 -4.60 14.77
N ALA A 97 22.49 -4.61 15.58
CA ALA A 97 23.73 -5.25 15.16
C ALA A 97 23.53 -6.74 14.91
N LYS A 98 22.76 -7.41 15.77
CA LYS A 98 22.48 -8.82 15.55
C LYS A 98 21.71 -9.04 14.25
N SER A 99 20.68 -8.21 14.02
CA SER A 99 19.87 -8.36 12.83
C SER A 99 20.70 -8.15 11.56
N TRP A 100 21.66 -7.22 11.60
CA TRP A 100 22.46 -6.99 10.41
C TRP A 100 23.61 -7.99 10.26
N MET A 101 24.16 -8.49 11.38
CA MET A 101 25.20 -9.50 11.30
C MET A 101 24.65 -10.85 10.85
N ASN A 102 23.36 -11.10 11.05
CA ASN A 102 22.77 -12.31 10.48
C ASN A 102 22.91 -12.36 8.97
N ILE A 103 23.10 -11.21 8.32
CA ILE A 103 23.17 -11.12 6.88
C ILE A 103 24.59 -10.83 6.39
N THR A 104 25.28 -9.90 7.03
CA THR A 104 26.51 -9.36 6.47
C THR A 104 27.67 -10.34 6.46
N TRP A 105 27.59 -11.44 7.20
CA TRP A 105 28.71 -12.38 7.20
C TRP A 105 28.78 -13.22 5.92
N ARG A 106 27.75 -13.18 5.09
CA ARG A 106 27.69 -14.04 3.90
C ARG A 106 27.35 -13.27 2.63
N VAL A 107 27.65 -11.98 2.58
CA VAL A 107 27.42 -11.21 1.35
C VAL A 107 28.38 -11.67 0.28
N LEU A 108 27.87 -11.85 -0.94
CA LEU A 108 28.63 -12.41 -2.03
C LEU A 108 29.42 -11.38 -2.83
N GLY A 109 29.33 -10.11 -2.48
CA GLY A 109 30.06 -9.07 -3.19
C GLY A 109 31.48 -8.93 -2.69
N GLU A 110 32.11 -7.82 -3.06
CA GLU A 110 33.46 -7.50 -2.64
C GLU A 110 33.41 -6.41 -1.59
N ASN A 111 34.09 -6.65 -0.46
CA ASN A 111 34.07 -5.73 0.66
C ASN A 111 35.22 -4.74 0.57
N LYS A 112 34.98 -3.52 1.04
CA LYS A 112 35.95 -2.44 0.98
C LYS A 112 36.55 -2.19 2.35
N ASP A 113 37.87 -2.04 2.40
CA ASP A 113 38.61 -1.84 3.64
C ASP A 113 39.17 -0.42 3.69
N PHE A 114 39.13 0.19 4.88
CA PHE A 114 39.66 1.53 5.07
C PHE A 114 40.50 1.63 6.33
N GLY A 115 41.13 0.51 6.74
CA GLY A 115 41.99 0.54 7.91
C GLY A 115 43.24 1.37 7.71
N ASP A 116 43.79 1.36 6.50
CA ASP A 116 45.02 2.12 6.24
C ASP A 116 44.78 3.62 6.40
N ASN A 117 43.60 4.10 5.97
CA ASN A 117 43.28 5.51 6.15
C ASN A 117 43.25 5.88 7.62
N LEU A 118 42.64 5.03 8.46
CA LEU A 118 42.62 5.29 9.89
C LEU A 118 44.02 5.27 10.47
N VAL A 119 44.85 4.32 10.04
CA VAL A 119 46.20 4.22 10.58
C VAL A 119 47.01 5.47 10.22
N GLU A 120 46.91 5.94 8.98
CA GLU A 120 47.68 7.11 8.59
C GLU A 120 47.12 8.38 9.19
N LYS A 121 45.82 8.44 9.46
CA LYS A 121 45.24 9.63 10.06
C LYS A 121 45.55 9.74 11.54
N TYR A 122 45.46 8.64 12.29
CA TYR A 122 45.54 8.71 13.74
C TYR A 122 46.67 7.89 14.35
N GLY A 123 47.51 7.24 13.54
CA GLY A 123 48.60 6.45 14.07
C GLY A 123 48.24 5.00 14.25
N GLU A 124 49.19 4.26 14.81
CA GLU A 124 49.03 2.83 14.99
C GLU A 124 47.91 2.52 15.99
N SER A 125 47.22 1.42 15.74
CA SER A 125 46.10 1.02 16.59
C SER A 125 46.60 0.54 17.95
N GLY A 126 45.75 0.66 18.96
CA GLY A 126 46.06 0.13 20.26
C GLY A 126 46.18 -1.38 20.23
N ALA A 127 47.07 -1.91 21.06
CA ALA A 127 47.41 -3.33 21.04
C ALA A 127 47.11 -3.97 22.37
N THR A 128 46.51 -5.16 22.32
CA THR A 128 46.30 -5.98 23.50
C THR A 128 46.63 -7.42 23.16
N SER A 129 47.11 -8.15 24.16
CA SER A 129 47.51 -9.53 23.96
C SER A 129 46.34 -10.50 23.89
N GLU A 130 45.14 -10.08 24.27
CA GLU A 130 43.98 -10.95 24.24
C GLU A 130 43.33 -11.04 22.87
N GLY A 131 43.80 -10.25 21.90
CA GLY A 131 43.25 -10.30 20.57
C GLY A 131 44.28 -10.70 19.53
N ALA A 132 45.17 -11.61 19.89
CA ALA A 132 46.20 -12.06 18.96
C ALA A 132 45.61 -12.87 17.81
N THR A 133 44.52 -13.60 18.07
CA THR A 133 43.92 -14.43 17.04
C THR A 133 43.12 -13.62 16.02
N LEU A 134 42.50 -12.53 16.46
CA LEU A 134 41.68 -11.70 15.58
C LEU A 134 42.53 -10.62 14.93
N LYS A 135 42.09 -10.16 13.77
CA LYS A 135 42.88 -9.22 12.98
C LYS A 135 42.11 -7.97 12.58
N ASN A 136 40.81 -8.07 12.32
CA ASN A 136 40.06 -6.99 11.68
C ASN A 136 39.40 -6.10 12.73
N TYR A 137 40.20 -5.23 13.32
CA TYR A 137 39.68 -4.21 14.22
C TYR A 137 40.73 -3.12 14.40
N TYR A 138 40.25 -1.89 14.57
CA TYR A 138 41.10 -0.74 14.85
C TYR A 138 40.70 -0.15 16.19
N TRP A 139 41.66 -0.01 17.10
CA TRP A 139 41.43 0.48 18.45
C TRP A 139 42.06 1.86 18.59
N TYR A 140 41.22 2.88 18.80
CA TYR A 140 41.68 4.26 18.85
C TYR A 140 42.07 4.60 20.29
N VAL A 141 43.37 4.61 20.55
CA VAL A 141 43.90 4.97 21.87
C VAL A 141 44.97 6.04 21.68
N PRO A 142 44.60 7.32 21.66
CA PRO A 142 45.60 8.37 21.45
C PRO A 142 46.46 8.57 22.69
N THR A 143 47.56 9.32 22.49
CA THR A 143 48.47 9.60 23.60
C THR A 143 47.82 10.51 24.63
N ALA A 144 47.12 11.53 24.19
CA ALA A 144 46.42 12.46 25.07
C ALA A 144 44.94 12.07 25.12
N LYS A 145 44.47 11.68 26.29
CA LYS A 145 43.11 11.17 26.42
C LYS A 145 42.22 12.18 27.13
N PRO A 146 40.92 12.22 26.81
CA PRO A 146 40.22 11.38 25.83
C PRO A 146 40.53 11.75 24.38
N GLY A 147 40.81 13.02 24.13
CA GLY A 147 41.14 13.50 22.81
C GLY A 147 40.09 13.16 21.77
N PRO A 148 38.91 13.78 21.87
CA PRO A 148 37.84 13.47 20.93
C PRO A 148 38.14 14.00 19.54
N VAL A 149 37.75 13.23 18.53
CA VAL A 149 37.88 13.62 17.13
C VAL A 149 36.63 13.17 16.38
N VAL A 150 36.49 13.65 15.16
CA VAL A 150 35.45 13.22 14.25
C VAL A 150 36.10 12.74 12.96
N TYR A 151 35.89 11.49 12.63
CA TYR A 151 36.49 10.86 11.45
C TYR A 151 35.47 10.88 10.32
N GLU A 152 35.82 11.53 9.22
CA GLU A 152 34.95 11.64 8.05
C GLU A 152 35.60 10.94 6.87
N LYS A 153 34.79 10.19 6.12
CA LYS A 153 35.32 9.49 4.96
C LYS A 153 34.23 9.35 3.91
N LEU A 154 34.63 9.44 2.65
CA LEU A 154 33.71 9.22 1.53
C LEU A 154 33.63 7.74 1.24
N ALA A 155 32.42 7.19 1.28
CA ALA A 155 32.24 5.76 1.10
C ALA A 155 32.48 5.34 -0.34
N GLU A 156 32.81 4.06 -0.52
CA GLU A 156 33.01 3.48 -1.84
C GLU A 156 31.87 2.57 -2.28
N CYS A 157 31.02 2.16 -1.35
CA CYS A 157 29.89 1.30 -1.67
C CYS A 157 28.82 1.48 -0.60
N THR A 158 27.60 1.09 -0.94
CA THR A 158 26.51 1.09 0.02
C THR A 158 26.61 -0.15 0.90
N GLY A 159 26.56 0.03 2.21
CA GLY A 159 26.72 -1.11 3.09
C GLY A 159 26.61 -0.72 4.55
N THR A 160 27.10 -1.60 5.41
CA THR A 160 27.05 -1.43 6.85
C THR A 160 28.45 -1.45 7.45
N ILE A 161 28.61 -0.68 8.52
CA ILE A 161 29.87 -0.58 9.25
C ILE A 161 29.58 -0.80 10.72
N TYR A 162 30.40 -1.62 11.37
CA TYR A 162 30.23 -1.93 12.78
C TYR A 162 31.24 -1.15 13.61
N TYR A 163 30.74 -0.40 14.59
CA TYR A 163 31.56 0.46 15.44
C TYR A 163 31.21 0.20 16.90
N GLY A 164 31.85 0.93 17.80
CA GLY A 164 31.52 0.79 19.20
C GLY A 164 32.71 1.02 20.11
N ALA A 165 32.89 0.16 21.12
CA ALA A 165 33.99 0.32 22.05
C ALA A 165 34.59 -1.03 22.40
N LEU A 166 35.80 -0.98 22.96
CA LEU A 166 36.49 -2.18 23.46
C LEU A 166 37.08 -1.82 24.81
N LEU A 167 36.47 -2.34 25.89
CA LEU A 167 36.80 -1.90 27.24
C LEU A 167 36.97 -3.10 28.16
N SER A 168 37.74 -2.89 29.22
CA SER A 168 37.91 -3.90 30.26
C SER A 168 36.82 -3.77 31.31
N ASP A 169 36.62 -4.83 32.07
CA ASP A 169 35.63 -4.86 33.14
C ASP A 169 36.24 -4.54 34.50
N ALA A 170 37.50 -4.13 34.54
CA ALA A 170 38.16 -3.68 35.76
C ALA A 170 38.29 -2.16 35.74
N GLU A 171 38.16 -1.55 36.92
CA GLU A 171 38.21 -0.09 37.00
C GLU A 171 39.56 0.45 36.57
N ALA A 172 40.65 -0.21 36.97
CA ALA A 172 41.98 0.29 36.63
C ALA A 172 42.21 0.30 35.12
N GLY A 173 41.83 -0.80 34.46
CA GLY A 173 41.99 -0.84 33.01
C GLY A 173 41.13 0.16 32.29
N TYR A 174 39.88 0.32 32.74
CA TYR A 174 38.99 1.30 32.14
C TYR A 174 39.55 2.71 32.26
N ILE A 175 40.05 3.06 33.45
CA ILE A 175 40.61 4.39 33.64
C ILE A 175 41.88 4.57 32.81
N ALA A 176 42.71 3.53 32.74
CA ALA A 176 43.96 3.63 31.98
C ALA A 176 43.68 3.80 30.49
N VAL A 177 42.64 3.16 29.98
CA VAL A 177 42.39 3.22 28.53
C VAL A 177 41.60 4.47 28.17
N THR A 178 40.47 4.71 28.84
CA THR A 178 39.60 5.81 28.44
C THR A 178 40.16 7.17 28.88
N GLY A 179 40.77 7.22 30.06
CA GLY A 179 41.19 8.49 30.62
C GLY A 179 40.08 9.33 31.17
N ARG A 180 38.90 8.77 31.37
CA ARG A 180 37.74 9.47 31.91
C ARG A 180 37.52 9.07 33.37
N ASN A 181 36.56 9.73 34.00
CA ASN A 181 36.10 9.35 35.32
C ASN A 181 35.01 8.29 35.21
N VAL A 182 34.93 7.44 36.24
CA VAL A 182 33.99 6.32 36.18
C VAL A 182 32.55 6.80 36.19
N THR A 183 32.27 7.94 36.82
CA THR A 183 30.89 8.42 36.91
C THR A 183 30.40 9.08 35.64
N GLU A 184 31.28 9.35 34.68
CA GLU A 184 30.89 10.00 33.43
C GLU A 184 30.22 9.01 32.49
N ARG A 185 29.33 9.52 31.66
CA ARG A 185 28.72 8.77 30.57
C ARG A 185 29.11 9.44 29.26
N TRP A 186 29.61 8.64 28.31
CA TRP A 186 30.03 9.18 27.03
C TRP A 186 29.38 8.39 25.91
N ASP A 187 29.43 8.96 24.70
CA ASP A 187 28.74 8.39 23.55
C ASP A 187 29.69 8.23 22.39
N VAL A 188 29.38 7.25 21.53
CA VAL A 188 29.98 7.11 20.22
C VAL A 188 28.84 7.20 19.21
N ARG A 189 28.97 8.12 18.25
CA ARG A 189 27.90 8.44 17.31
C ARG A 189 28.36 8.20 15.89
N PHE A 190 27.42 7.73 15.06
CA PHE A 190 27.66 7.42 13.66
C PHE A 190 26.64 8.15 12.82
N THR A 191 27.10 8.89 11.82
CA THR A 191 26.22 9.64 10.91
C THR A 191 26.52 9.21 9.49
N GLY A 192 25.57 8.53 8.86
CA GLY A 192 25.68 8.12 7.48
C GLY A 192 24.38 8.32 6.74
N SER A 193 23.87 7.26 6.12
CA SER A 193 22.52 7.31 5.56
C SER A 193 21.47 7.51 6.66
N SER A 194 21.78 7.13 7.89
CA SER A 194 20.92 7.35 9.04
C SER A 194 21.81 7.75 10.21
N GLU A 195 21.23 7.76 11.41
CA GLU A 195 21.95 8.15 12.61
C GLU A 195 21.93 7.01 13.62
N SER A 196 23.06 6.77 14.27
CA SER A 196 23.17 5.75 15.29
C SER A 196 24.04 6.27 16.43
N SER A 197 23.84 5.70 17.62
CA SER A 197 24.61 6.12 18.78
C SER A 197 24.63 5.00 19.80
N ILE A 198 25.66 5.01 20.65
CA ILE A 198 25.78 4.04 21.73
C ILE A 198 26.50 4.69 22.90
N SER A 199 26.09 4.32 24.11
CA SER A 199 26.57 4.96 25.33
C SER A 199 27.40 4.01 26.17
N PHE A 200 28.38 4.58 26.88
CA PHE A 200 29.28 3.81 27.73
C PHE A 200 29.55 4.58 29.01
N SER A 201 29.94 3.84 30.04
CA SER A 201 30.28 4.40 31.34
C SER A 201 31.25 3.44 32.04
N GLY A 202 31.48 3.67 33.33
CA GLY A 202 32.39 2.86 34.09
C GLY A 202 31.86 1.46 34.31
N PRO A 203 32.75 0.53 34.65
CA PRO A 203 32.32 -0.88 34.80
C PRO A 203 31.28 -1.08 35.88
N LYS A 204 31.26 -0.26 36.92
CA LYS A 204 30.28 -0.38 38.00
C LYS A 204 29.11 0.58 37.85
N GLN A 205 28.97 1.20 36.68
CA GLN A 205 27.90 2.16 36.43
C GLN A 205 27.12 1.73 35.20
N SER A 206 25.86 2.15 35.15
CA SER A 206 25.03 1.87 33.99
C SER A 206 25.52 2.67 32.79
N PRO A 207 25.42 2.11 31.58
CA PRO A 207 24.90 0.78 31.24
C PRO A 207 25.97 -0.29 31.08
N MET A 208 27.20 -0.01 31.50
CA MET A 208 28.29 -0.96 31.29
C MET A 208 28.10 -2.24 32.08
N GLU A 209 27.49 -2.15 33.27
CA GLU A 209 27.24 -3.36 34.06
C GLU A 209 26.32 -4.32 33.33
N GLU A 210 25.30 -3.80 32.66
CA GLU A 210 24.41 -4.65 31.88
C GLU A 210 25.16 -5.28 30.71
N TYR A 211 26.06 -4.52 30.08
CA TYR A 211 26.89 -5.10 29.02
C TYR A 211 27.74 -6.25 29.55
N ILE A 212 28.32 -6.07 30.74
CA ILE A 212 29.14 -7.13 31.32
C ILE A 212 28.29 -8.37 31.60
N ILE A 213 27.10 -8.17 32.16
CA ILE A 213 26.25 -9.32 32.50
C ILE A 213 25.78 -10.04 31.25
N LYS A 214 25.41 -9.31 30.21
CA LYS A 214 24.83 -9.89 29.01
C LYS A 214 25.87 -10.35 27.99
N SER A 215 27.15 -10.15 28.24
CA SER A 215 28.17 -10.46 27.25
C SER A 215 28.32 -11.97 27.06
N VAL A 216 28.83 -12.34 25.89
CA VAL A 216 29.11 -13.73 25.56
C VAL A 216 30.57 -14.00 25.91
N ARG A 217 30.80 -14.90 26.86
CA ARG A 217 32.15 -15.16 27.34
C ARG A 217 32.96 -15.92 26.30
N SER A 218 34.26 -15.62 26.26
CA SER A 218 35.16 -16.23 25.28
C SER A 218 35.60 -17.62 25.75
N SER A 219 36.28 -18.33 24.85
CA SER A 219 36.78 -19.66 25.19
C SER A 219 37.83 -19.60 26.29
N VAL A 220 38.72 -18.62 26.23
CA VAL A 220 39.71 -18.42 27.28
C VAL A 220 39.06 -17.67 28.44
N ASP A 221 39.15 -18.23 29.64
CA ASP A 221 38.46 -17.68 30.79
C ASP A 221 39.23 -16.56 31.47
N THR A 222 40.46 -16.27 31.04
CA THR A 222 41.24 -15.20 31.63
C THR A 222 41.13 -13.88 30.88
N VAL A 223 40.28 -13.83 29.85
CA VAL A 223 40.15 -12.62 29.04
C VAL A 223 39.15 -11.68 29.71
N ARG A 224 39.56 -10.43 29.91
CA ARG A 224 38.72 -9.44 30.58
C ARG A 224 38.10 -8.42 29.62
N ASN A 225 38.58 -8.34 28.39
CA ASN A 225 38.11 -7.31 27.47
C ASN A 225 36.78 -7.71 26.84
N ILE A 226 35.90 -6.72 26.71
CA ILE A 226 34.61 -6.88 26.04
C ILE A 226 34.54 -5.85 24.93
N ILE A 227 34.16 -6.30 23.74
CA ILE A 227 33.96 -5.43 22.59
C ILE A 227 32.45 -5.29 22.39
N ILE A 228 31.95 -4.06 22.49
CA ILE A 228 30.54 -3.75 22.38
C ILE A 228 30.32 -3.06 21.05
N LEU A 229 29.42 -3.61 20.23
CA LEU A 229 29.30 -3.20 18.84
C LEU A 229 27.88 -2.80 18.48
N ASP A 230 27.77 -1.75 17.68
CA ASP A 230 26.55 -1.30 17.04
C ASP A 230 26.83 -1.15 15.54
N SER A 231 25.78 -0.91 14.77
CA SER A 231 25.88 -0.87 13.32
C SER A 231 25.39 0.46 12.77
N GLY A 232 25.94 0.83 11.61
CA GLY A 232 25.49 2.00 10.89
C GLY A 232 25.53 1.74 9.40
N ARG A 233 24.80 2.57 8.67
CA ARG A 233 24.62 2.38 7.23
C ARG A 233 25.26 3.53 6.45
N VAL A 234 25.84 3.21 5.30
CA VAL A 234 26.53 4.18 4.45
C VAL A 234 26.07 4.01 3.01
N LYS A 235 25.93 5.12 2.31
CA LYS A 235 25.58 5.17 0.89
C LYS A 235 26.84 5.34 0.05
N LYS A 236 26.71 5.00 -1.24
CA LYS A 236 27.89 4.87 -2.10
C LYS A 236 28.59 6.21 -2.31
N GLY A 237 27.84 7.25 -2.70
CA GLY A 237 28.47 8.50 -3.05
C GLY A 237 28.65 9.51 -1.95
N GLU A 238 28.06 9.27 -0.77
CA GLU A 238 28.07 10.23 0.31
C GLU A 238 29.21 9.96 1.28
N THR A 239 29.38 10.88 2.22
CA THR A 239 30.39 10.77 3.27
C THR A 239 29.74 10.42 4.59
N PHE A 240 30.46 9.65 5.39
CA PHE A 240 30.00 9.25 6.71
C PHE A 240 31.00 9.72 7.76
N SER A 241 30.50 9.94 8.97
CA SER A 241 31.31 10.45 10.07
C SER A 241 31.09 9.61 11.32
N ILE A 242 32.16 9.43 12.10
CA ILE A 242 32.13 8.72 13.36
C ILE A 242 32.78 9.60 14.42
N SER A 243 32.12 9.74 15.57
CA SER A 243 32.66 10.52 16.68
C SER A 243 33.47 9.59 17.57
N LEU A 244 34.78 9.78 17.60
CA LEU A 244 35.69 8.87 18.26
C LEU A 244 36.31 9.52 19.49
N SER A 245 36.43 8.74 20.56
CA SER A 245 37.15 9.10 21.76
C SER A 245 38.09 7.95 22.13
N SER A 246 38.93 8.19 23.12
CA SER A 246 39.87 7.16 23.54
C SER A 246 39.11 5.93 24.04
N GLY A 247 39.51 4.76 23.54
CA GLY A 247 38.86 3.51 23.87
C GLY A 247 37.83 3.05 22.85
N ALA A 248 37.43 3.91 21.92
CA ALA A 248 36.47 3.51 20.90
C ALA A 248 37.12 2.55 19.90
N VAL A 249 36.28 1.73 19.28
CA VAL A 249 36.73 0.71 18.33
C VAL A 249 35.84 0.77 17.10
N VAL A 250 36.39 0.33 15.97
CA VAL A 250 35.65 0.28 14.72
C VAL A 250 36.25 -0.84 13.87
N ILE A 251 35.39 -1.61 13.23
CA ILE A 251 35.81 -2.65 12.30
C ILE A 251 36.03 -1.99 10.93
N PRO A 252 37.26 -1.92 10.44
CA PRO A 252 37.56 -1.10 9.26
C PRO A 252 37.23 -1.81 7.95
N THR A 253 35.95 -2.07 7.73
CA THR A 253 35.49 -2.75 6.53
C THR A 253 34.05 -2.37 6.27
N ILE A 254 33.74 -2.05 5.01
CA ILE A 254 32.37 -1.82 4.57
C ILE A 254 31.87 -3.10 3.93
N PHE A 255 30.82 -3.67 4.50
CA PHE A 255 30.23 -4.91 3.99
C PHE A 255 29.18 -4.50 2.95
N CYS A 256 29.56 -4.57 1.69
CA CYS A 256 28.74 -4.04 0.62
C CYS A 256 27.46 -4.85 0.43
N ASP A 257 26.41 -4.16 0.01
CA ASP A 257 25.13 -4.80 -0.23
C ASP A 257 25.16 -5.60 -1.52
N GLY A 258 24.14 -6.43 -1.70
CA GLY A 258 24.03 -7.29 -2.86
C GLY A 258 23.36 -8.59 -2.48
N ASP A 259 23.74 -9.65 -3.19
CA ASP A 259 23.25 -10.97 -2.87
C ASP A 259 24.08 -11.58 -1.75
N PHE A 260 23.43 -12.40 -0.93
CA PHE A 260 24.12 -13.12 0.14
C PHE A 260 23.70 -14.58 0.12
N ALA A 261 24.58 -15.43 0.66
CA ALA A 261 24.46 -16.86 0.51
C ALA A 261 23.20 -17.40 1.20
N VAL A 262 22.83 -18.61 0.81
CA VAL A 262 21.63 -19.28 1.33
C VAL A 262 22.08 -20.43 2.21
N THR A 263 21.52 -20.50 3.42
CA THR A 263 21.81 -21.59 4.34
C THR A 263 20.85 -22.72 4.09
N PRO A 264 21.32 -23.89 3.63
CA PRO A 264 20.40 -24.99 3.34
C PRO A 264 19.65 -25.46 4.58
N GLN A 265 18.37 -25.75 4.40
CA GLN A 265 17.53 -26.29 5.47
C GLN A 265 16.92 -27.64 5.10
N VAL A 266 17.19 -28.16 3.91
CA VAL A 266 16.70 -29.45 3.47
C VAL A 266 17.89 -30.24 2.96
N GLN A 267 17.60 -31.44 2.44
CA GLN A 267 18.65 -32.32 1.95
C GLN A 267 19.32 -31.73 0.73
N ILE A 268 20.65 -31.77 0.69
CA ILE A 268 21.42 -31.28 -0.45
C ILE A 268 21.72 -32.47 -1.35
N ASP A 269 21.38 -32.33 -2.63
CA ASP A 269 21.55 -33.40 -3.60
C ASP A 269 22.50 -32.95 -4.70
N LYS A 270 23.56 -33.72 -4.91
CA LYS A 270 24.44 -33.53 -6.05
C LYS A 270 23.90 -34.33 -7.24
N ASP A 271 24.66 -34.35 -8.34
CA ASP A 271 24.22 -35.01 -9.57
C ASP A 271 22.85 -34.49 -10.00
N CYS A 272 22.63 -33.20 -9.81
CA CYS A 272 21.37 -32.55 -10.16
C CYS A 272 21.61 -31.05 -10.23
N ALA A 273 21.23 -30.44 -11.34
CA ALA A 273 21.53 -29.04 -11.59
C ALA A 273 20.26 -28.23 -11.69
N SER A 274 20.37 -26.95 -11.32
CA SER A 274 19.28 -26.00 -11.43
C SER A 274 19.87 -24.60 -11.40
N ASP A 275 19.02 -23.60 -11.61
CA ASP A 275 19.47 -22.21 -11.67
C ASP A 275 18.76 -21.30 -10.68
N CYS A 276 17.76 -21.80 -9.95
CA CYS A 276 17.06 -21.01 -8.95
C CYS A 276 16.91 -21.86 -7.69
N HIS A 277 17.49 -21.39 -6.58
CA HIS A 277 17.48 -22.12 -5.34
C HIS A 277 16.99 -21.25 -4.21
N SER A 278 16.40 -21.88 -3.20
CA SER A 278 16.01 -21.22 -1.97
C SER A 278 16.48 -22.07 -0.81
N ALA A 279 16.22 -21.59 0.41
CA ALA A 279 16.66 -22.32 1.60
C ALA A 279 15.90 -23.63 1.81
N TYR A 280 14.78 -23.81 1.12
CA TYR A 280 13.93 -24.99 1.32
C TYR A 280 13.74 -25.80 0.03
N GLY A 281 14.59 -25.58 -0.97
CA GLY A 281 14.50 -26.36 -2.19
C GLY A 281 14.72 -25.54 -3.45
N SER A 282 14.97 -26.21 -4.56
CA SER A 282 15.20 -25.56 -5.84
C SER A 282 13.88 -25.41 -6.59
N PHE A 283 13.95 -24.79 -7.77
CA PHE A 283 12.79 -24.54 -8.59
C PHE A 283 13.05 -25.02 -10.02
N PRO A 284 11.99 -25.37 -10.76
CA PRO A 284 12.19 -25.85 -12.13
C PRO A 284 12.75 -24.78 -13.04
N ASN A 285 13.44 -25.23 -14.08
CA ASN A 285 14.05 -24.31 -15.04
C ASN A 285 12.98 -23.53 -15.79
N GLY A 286 13.32 -22.29 -16.13
CA GLY A 286 12.49 -21.49 -17.01
C GLY A 286 11.11 -21.18 -16.48
N SER A 287 11.00 -20.85 -15.20
CA SER A 287 9.72 -20.49 -14.61
C SER A 287 9.50 -18.98 -14.70
N SER A 288 8.28 -18.58 -15.06
CA SER A 288 7.95 -17.16 -15.11
C SER A 288 7.83 -16.58 -13.71
N PHE A 289 7.27 -17.35 -12.77
CA PHE A 289 7.19 -16.96 -11.38
C PHE A 289 7.45 -18.19 -10.52
N ILE A 290 7.79 -17.96 -9.26
CA ILE A 290 8.06 -19.03 -8.31
C ILE A 290 7.21 -18.80 -7.08
N ILE A 291 6.71 -19.90 -6.50
CA ILE A 291 5.91 -19.83 -5.29
C ILE A 291 6.86 -19.77 -4.09
N HIS A 292 7.16 -18.56 -3.64
CA HIS A 292 8.11 -18.34 -2.55
C HIS A 292 7.58 -17.26 -1.64
N HIS A 293 7.95 -17.32 -0.37
CA HIS A 293 7.47 -16.38 0.63
C HIS A 293 8.45 -15.25 0.91
N SER A 294 9.52 -15.13 0.12
CA SER A 294 10.51 -14.09 0.33
C SER A 294 11.17 -13.77 -1.01
N VAL A 295 12.02 -12.75 -0.98
CA VAL A 295 12.78 -12.35 -2.17
C VAL A 295 14.22 -12.85 -2.11
N HIS A 296 14.57 -13.64 -1.11
CA HIS A 296 15.93 -14.12 -0.94
C HIS A 296 16.10 -15.43 -1.71
N THR A 297 16.97 -15.41 -2.71
CA THR A 297 17.26 -16.59 -3.51
C THR A 297 18.64 -16.42 -4.14
N VAL A 298 19.18 -17.52 -4.63
CA VAL A 298 20.48 -17.51 -5.31
C VAL A 298 20.29 -18.03 -6.72
N GLY A 299 21.19 -17.61 -7.61
CA GLY A 299 21.06 -17.93 -9.01
C GLY A 299 20.18 -16.93 -9.74
N SER A 300 19.77 -17.32 -10.94
CA SER A 300 18.87 -16.52 -11.76
C SER A 300 17.44 -16.91 -11.43
N CYS A 301 16.72 -16.02 -10.75
CA CYS A 301 15.39 -16.34 -10.27
C CYS A 301 14.38 -15.30 -10.72
N PRO A 302 13.16 -15.73 -11.01
CA PRO A 302 12.10 -14.80 -11.39
C PRO A 302 11.42 -14.21 -10.16
N PRO A 303 10.49 -13.28 -10.33
CA PRO A 303 9.75 -12.76 -9.18
C PRO A 303 8.95 -13.85 -8.49
N SER A 304 8.73 -13.67 -7.19
CA SER A 304 8.06 -14.67 -6.36
C SER A 304 6.64 -14.21 -6.01
N ILE A 305 5.74 -15.18 -5.92
CA ILE A 305 4.35 -14.94 -5.53
C ILE A 305 3.99 -15.91 -4.42
N LEU A 306 2.92 -15.58 -3.69
CA LEU A 306 2.56 -16.34 -2.50
C LEU A 306 1.62 -17.51 -2.79
N ARG A 307 0.97 -17.53 -3.95
CA ARG A 307 0.10 -18.65 -4.29
C ARG A 307 -0.01 -18.74 -5.80
N ASN A 308 -0.47 -19.89 -6.28
CA ASN A 308 -0.52 -20.18 -7.70
C ASN A 308 -1.90 -19.86 -8.27
N PHE A 309 -1.93 -19.71 -9.60
CA PHE A 309 -3.16 -19.40 -10.32
C PHE A 309 -3.20 -20.19 -11.61
N ASP A 310 -4.42 -20.33 -12.16
CA ASP A 310 -4.65 -21.13 -13.35
C ASP A 310 -4.84 -20.24 -14.57
N VAL A 311 -4.18 -20.61 -15.66
CA VAL A 311 -4.30 -19.92 -16.93
C VAL A 311 -4.71 -20.92 -17.99
N ILE A 312 -5.40 -20.43 -19.02
CA ILE A 312 -5.98 -21.31 -20.04
C ILE A 312 -4.87 -21.86 -20.94
N ASP A 313 -4.99 -23.14 -21.30
CA ASP A 313 -4.04 -23.79 -22.19
C ASP A 313 -4.69 -24.43 -23.41
N GLY A 314 -6.03 -24.47 -23.48
CA GLY A 314 -6.70 -24.99 -24.63
C GLY A 314 -7.67 -23.99 -25.23
N TYR A 315 -8.94 -24.36 -25.32
CA TYR A 315 -9.96 -23.45 -25.83
C TYR A 315 -11.27 -23.71 -25.09
N GLU A 316 -12.16 -22.73 -25.15
CA GLU A 316 -13.44 -22.84 -24.45
C GLU A 316 -14.31 -23.90 -25.10
N ALA A 317 -15.08 -24.60 -24.26
CA ALA A 317 -15.98 -25.66 -24.71
C ALA A 317 -17.37 -25.08 -24.87
N THR A 318 -17.63 -24.50 -26.04
CA THR A 318 -18.91 -23.87 -26.32
C THR A 318 -19.82 -24.84 -27.09
N TRP A 319 -20.21 -25.90 -26.40
CA TRP A 319 -21.11 -26.89 -26.95
C TRP A 319 -21.83 -27.59 -25.80
N GLU A 320 -22.88 -28.34 -26.16
CA GLU A 320 -23.67 -29.06 -25.17
C GLU A 320 -22.84 -30.09 -24.43
N PHE A 335 -28.25 -32.51 -33.38
CA PHE A 335 -28.28 -31.08 -33.67
C PHE A 335 -26.89 -30.46 -33.51
N PHE A 336 -26.47 -29.71 -34.53
CA PHE A 336 -25.17 -29.07 -34.50
C PHE A 336 -25.15 -27.97 -33.45
N THR A 337 -24.09 -27.97 -32.61
CA THR A 337 -23.95 -26.98 -31.55
C THR A 337 -22.55 -26.38 -31.51
N GLY A 338 -21.84 -26.37 -32.63
CA GLY A 338 -20.50 -25.86 -32.72
C GLY A 338 -19.41 -26.90 -32.61
N GLY A 339 -19.74 -28.10 -32.13
CA GLY A 339 -18.76 -29.16 -31.99
C GLY A 339 -18.81 -30.13 -33.15
N ILE A 340 -17.72 -30.87 -33.32
CA ILE A 340 -17.59 -31.87 -34.38
C ILE A 340 -17.33 -33.21 -33.72
N GLN A 341 -18.20 -34.19 -34.01
CA GLN A 341 -18.09 -35.49 -33.36
C GLN A 341 -16.86 -36.25 -33.84
N GLY A 342 -16.58 -36.21 -35.14
CA GLY A 342 -15.48 -36.99 -35.68
C GLY A 342 -14.13 -36.52 -35.15
N ALA A 343 -13.24 -37.47 -34.92
CA ALA A 343 -11.91 -37.15 -34.42
C ALA A 343 -11.07 -36.51 -35.52
N ILE A 344 -10.34 -35.45 -35.15
CA ILE A 344 -9.48 -34.73 -36.09
C ILE A 344 -8.16 -34.44 -35.41
N ASP A 345 -7.14 -34.19 -36.23
CA ASP A 345 -5.80 -33.88 -35.74
C ASP A 345 -5.61 -32.36 -35.71
N GLY A 346 -6.32 -31.73 -34.78
CA GLY A 346 -6.26 -30.29 -34.66
C GLY A 346 -7.35 -29.79 -33.72
N TRP A 347 -7.52 -28.47 -33.73
CA TRP A 347 -8.54 -27.84 -32.90
C TRP A 347 -9.78 -27.42 -33.69
N TYR A 348 -9.66 -27.24 -35.00
CA TYR A 348 -10.76 -26.82 -35.85
C TYR A 348 -10.90 -27.78 -37.01
N GLY A 349 -12.11 -27.86 -37.55
CA GLY A 349 -12.36 -28.80 -38.62
C GLY A 349 -13.60 -28.49 -39.42
N VAL A 350 -13.72 -29.20 -40.54
CA VAL A 350 -14.86 -29.12 -41.45
C VAL A 350 -15.43 -30.52 -41.61
N THR A 351 -16.75 -30.64 -41.51
CA THR A 351 -17.41 -31.93 -41.58
C THR A 351 -18.68 -31.82 -42.42
N ASN A 352 -19.22 -32.98 -42.78
CA ASN A 352 -20.51 -33.09 -43.47
C ASN A 352 -21.38 -34.13 -42.79
N HIS A 353 -21.34 -34.17 -41.46
CA HIS A 353 -22.05 -35.15 -40.65
C HIS A 353 -21.65 -36.58 -40.99
N ASP A 354 -20.50 -36.76 -41.66
CA ASP A 354 -19.94 -38.07 -41.93
C ASP A 354 -18.62 -38.19 -41.19
N THR A 355 -18.51 -39.21 -40.34
CA THR A 355 -17.35 -39.38 -39.48
C THR A 355 -16.46 -40.49 -40.02
N GLY A 356 -15.14 -40.24 -40.00
CA GLY A 356 -14.17 -41.24 -40.34
C GLY A 356 -13.28 -40.90 -41.51
N LYS A 357 -13.87 -40.38 -42.60
CA LYS A 357 -13.06 -39.95 -43.73
C LYS A 357 -13.50 -38.62 -44.32
N GLY A 358 -14.76 -38.22 -44.15
CA GLY A 358 -15.27 -36.96 -44.65
C GLY A 358 -15.09 -35.77 -43.75
N THR A 359 -14.33 -35.90 -42.68
CA THR A 359 -14.03 -34.80 -41.77
C THR A 359 -12.56 -34.42 -41.93
N ALA A 360 -12.31 -33.14 -42.19
CA ALA A 360 -10.96 -32.65 -42.42
C ALA A 360 -10.67 -31.47 -41.49
N ALA A 361 -9.45 -31.43 -40.97
CA ALA A 361 -9.02 -30.37 -40.06
C ALA A 361 -8.14 -29.36 -40.78
N ASP A 362 -8.15 -28.13 -40.28
CA ASP A 362 -7.32 -27.05 -40.82
C ASP A 362 -6.30 -26.65 -39.77
N GLN A 363 -5.03 -26.67 -40.15
CA GLN A 363 -3.95 -26.35 -39.22
C GLN A 363 -3.79 -24.85 -39.01
N THR A 364 -4.32 -24.03 -39.91
CA THR A 364 -4.11 -22.58 -39.82
C THR A 364 -4.74 -22.01 -38.56
N SER A 365 -6.00 -22.37 -38.29
CA SER A 365 -6.68 -21.84 -37.12
C SER A 365 -6.04 -22.33 -35.83
N THR A 366 -5.64 -23.60 -35.77
CA THR A 366 -4.98 -24.13 -34.59
C THR A 366 -3.66 -23.41 -34.34
N GLN A 367 -2.87 -23.20 -35.40
CA GLN A 367 -1.61 -22.49 -35.25
C GLN A 367 -1.84 -21.06 -34.76
N LYS A 368 -2.86 -20.39 -35.31
CA LYS A 368 -3.17 -19.03 -34.88
C LYS A 368 -3.56 -19.00 -33.40
N ALA A 369 -4.37 -19.97 -32.96
CA ALA A 369 -4.79 -20.01 -31.57
C ALA A 369 -3.60 -20.24 -30.63
N VAL A 370 -2.70 -21.15 -31.00
CA VAL A 370 -1.53 -21.40 -30.17
C VAL A 370 -0.65 -20.15 -30.10
N GLU A 371 -0.45 -19.48 -31.23
CA GLU A 371 0.34 -18.25 -31.22
C GLU A 371 -0.31 -17.18 -30.37
N ALA A 372 -1.64 -17.08 -30.42
CA ALA A 372 -2.35 -16.11 -29.60
C ALA A 372 -2.13 -16.37 -28.12
N ILE A 373 -2.23 -17.64 -27.71
CA ILE A 373 -2.00 -17.98 -26.31
C ILE A 373 -0.59 -17.58 -25.89
N THR A 374 0.40 -17.92 -26.72
CA THR A 374 1.79 -17.62 -26.39
C THR A 374 2.01 -16.11 -26.25
N ASN A 375 1.50 -15.34 -27.21
CA ASN A 375 1.72 -13.89 -27.20
C ASN A 375 1.05 -13.23 -26.00
N LYS A 376 -0.18 -13.63 -25.69
CA LYS A 376 -0.87 -13.06 -24.54
C LYS A 376 -0.12 -13.38 -23.25
N LEU A 377 0.35 -14.62 -23.10
CA LEU A 377 1.09 -14.97 -21.90
C LEU A 377 2.38 -14.16 -21.79
N ASN A 378 3.08 -13.96 -22.91
CA ASN A 378 4.32 -13.18 -22.87
C ASN A 378 4.05 -11.74 -22.47
N GLU A 379 2.99 -11.14 -23.01
CA GLU A 379 2.65 -9.77 -22.63
C GLU A 379 2.30 -9.68 -21.15
N ALA A 380 1.58 -10.68 -20.64
CA ALA A 380 1.26 -10.71 -19.21
C ALA A 380 2.52 -10.76 -18.36
N ILE A 381 3.47 -11.62 -18.74
CA ILE A 381 4.70 -11.75 -17.97
C ILE A 381 5.48 -10.44 -17.98
N GLU A 382 5.50 -9.76 -19.13
CA GLU A 382 6.17 -8.46 -19.20
C GLU A 382 5.51 -7.44 -18.28
N ASN A 383 4.17 -7.41 -18.27
CA ASN A 383 3.47 -6.47 -17.38
C ASN A 383 3.77 -6.79 -15.92
N GLY A 384 3.79 -8.07 -15.56
CA GLY A 384 4.10 -8.45 -14.20
C GLY A 384 5.51 -8.04 -13.79
N ASN A 385 6.47 -8.22 -14.69
CA ASN A 385 7.84 -7.80 -14.40
C ASN A 385 7.93 -6.31 -14.21
N GLN A 386 7.22 -5.54 -15.04
CA GLN A 386 7.21 -4.09 -14.87
C GLN A 386 6.63 -3.70 -13.52
N ARG A 387 5.53 -4.33 -13.12
CA ARG A 387 4.93 -4.02 -11.82
C ARG A 387 5.87 -4.39 -10.67
N TYR A 388 6.56 -5.52 -10.79
CA TYR A 388 7.52 -5.91 -9.77
C TYR A 388 8.64 -4.88 -9.64
N ASN A 389 9.17 -4.42 -10.77
CA ASN A 389 10.22 -3.42 -10.74
C ASN A 389 9.73 -2.12 -10.11
N GLN A 390 8.50 -1.72 -10.43
CA GLN A 390 7.94 -0.51 -9.83
C GLN A 390 7.77 -0.69 -8.32
N LEU A 391 7.35 -1.87 -7.88
CA LEU A 391 7.11 -2.10 -6.46
C LEU A 391 8.40 -2.11 -5.66
N TYR A 392 9.45 -2.73 -6.19
CA TYR A 392 10.68 -2.89 -5.43
C TYR A 392 11.79 -1.93 -5.82
N GLY A 393 11.78 -1.42 -7.03
CA GLY A 393 12.82 -0.49 -7.44
C GLY A 393 13.79 -1.14 -8.41
N LEU A 394 14.32 -0.32 -9.32
CA LEU A 394 15.25 -0.83 -10.32
C LEU A 394 16.60 -1.15 -9.70
N ALA A 395 17.12 -0.28 -8.84
CA ALA A 395 18.41 -0.47 -8.19
C ALA A 395 18.15 -0.98 -6.79
N ARG A 396 17.98 -2.30 -6.66
CA ARG A 396 17.67 -2.93 -5.40
C ARG A 396 18.66 -4.06 -5.14
N THR A 397 18.89 -4.34 -3.86
CA THR A 397 19.73 -5.45 -3.43
C THR A 397 18.97 -6.28 -2.40
N GLN A 398 19.19 -7.60 -2.44
CA GLN A 398 18.50 -8.47 -1.51
C GLN A 398 18.93 -8.22 -0.07
N ALA A 399 20.22 -7.94 0.13
CA ALA A 399 20.72 -7.70 1.48
C ALA A 399 20.05 -6.50 2.13
N GLU A 400 19.91 -5.40 1.38
CA GLU A 400 19.30 -4.21 1.94
C GLU A 400 17.83 -4.45 2.29
N LEU A 401 17.09 -5.10 1.39
CA LEU A 401 15.68 -5.37 1.66
C LEU A 401 15.51 -6.26 2.87
N LEU A 402 16.29 -7.33 2.95
CA LEU A 402 16.16 -8.26 4.07
C LEU A 402 16.57 -7.61 5.39
N GLY A 403 17.63 -6.79 5.36
CA GLY A 403 18.04 -6.10 6.57
C GLY A 403 17.02 -5.07 7.03
N ASN A 404 16.41 -4.34 6.09
CA ASN A 404 15.40 -3.36 6.46
C ASN A 404 14.14 -4.05 6.96
N LEU A 405 13.83 -5.24 6.48
CA LEU A 405 12.69 -5.99 7.01
C LEU A 405 12.90 -6.32 8.49
N GLY A 406 14.11 -6.72 8.86
CA GLY A 406 14.39 -6.98 10.26
C GLY A 406 13.81 -8.32 10.69
N LYS A 407 13.17 -8.33 11.86
CA LYS A 407 12.57 -9.54 12.39
C LYS A 407 11.21 -9.84 11.79
N GLU A 408 10.68 -8.95 10.96
CA GLU A 408 9.37 -9.18 10.35
C GLU A 408 9.49 -10.23 9.25
N VAL A 409 8.59 -11.20 9.26
CA VAL A 409 8.60 -12.30 8.29
C VAL A 409 7.53 -12.12 7.22
N ASN A 410 6.69 -11.10 7.33
CA ASN A 410 5.62 -10.86 6.36
C ASN A 410 5.94 -9.61 5.56
N ASP A 411 6.02 -9.76 4.24
CA ASP A 411 6.28 -8.65 3.33
C ASP A 411 4.98 -8.27 2.65
N LEU A 412 4.54 -7.03 2.85
CA LEU A 412 3.27 -6.60 2.27
C LEU A 412 3.37 -6.42 0.76
N ARG A 413 4.55 -6.04 0.27
CA ARG A 413 4.73 -5.89 -1.17
C ARG A 413 4.49 -7.21 -1.89
N LEU A 414 4.82 -8.34 -1.25
CA LEU A 414 4.52 -9.63 -1.85
C LEU A 414 3.01 -9.85 -1.96
N GLU A 415 2.25 -9.44 -0.95
CA GLU A 415 0.80 -9.56 -1.03
C GLU A 415 0.23 -8.69 -2.15
N THR A 416 0.74 -7.46 -2.27
CA THR A 416 0.29 -6.59 -3.35
C THR A 416 0.61 -7.19 -4.72
N PHE A 417 1.81 -7.74 -4.86
CA PHE A 417 2.20 -8.34 -6.13
C PHE A 417 1.34 -9.57 -6.44
N THR A 418 1.02 -10.37 -5.43
CA THR A 418 0.19 -11.55 -5.66
C THR A 418 -1.21 -11.14 -6.11
N GLU A 419 -1.79 -10.11 -5.49
CA GLU A 419 -3.10 -9.63 -5.93
C GLU A 419 -3.03 -9.13 -7.36
N PHE A 420 -1.98 -8.38 -7.70
CA PHE A 420 -1.82 -7.91 -9.06
C PHE A 420 -1.72 -9.06 -10.04
N ILE A 421 -0.99 -10.11 -9.68
CA ILE A 421 -0.83 -11.25 -10.58
C ILE A 421 -2.14 -11.99 -10.77
N ARG A 422 -2.95 -12.09 -9.71
CA ARG A 422 -4.27 -12.71 -9.85
C ARG A 422 -5.14 -11.93 -10.84
N LEU A 423 -5.16 -10.60 -10.69
CA LEU A 423 -5.93 -9.78 -11.63
C LEU A 423 -5.40 -9.93 -13.05
N GLU A 424 -4.07 -9.96 -13.21
CA GLU A 424 -3.49 -10.12 -14.53
C GLU A 424 -3.87 -11.44 -15.16
N THR A 425 -3.90 -12.52 -14.37
CA THR A 425 -4.29 -13.82 -14.90
C THR A 425 -5.74 -13.80 -15.39
N ILE A 426 -6.62 -13.17 -14.62
CA ILE A 426 -8.01 -13.05 -15.07
C ILE A 426 -8.08 -12.31 -16.40
N LEU A 427 -7.34 -11.20 -16.49
CA LEU A 427 -7.34 -10.42 -17.73
C LEU A 427 -6.81 -11.23 -18.90
N VAL A 428 -5.78 -12.04 -18.67
CA VAL A 428 -5.20 -12.86 -19.74
C VAL A 428 -6.20 -13.88 -20.23
N ASN A 429 -6.91 -14.53 -19.30
CA ASN A 429 -7.94 -15.48 -19.74
C ASN A 429 -8.97 -14.79 -20.61
N THR A 430 -9.42 -13.60 -20.18
CA THR A 430 -10.41 -12.86 -20.98
C THR A 430 -9.87 -12.55 -22.38
N ARG A 431 -8.62 -12.06 -22.44
CA ARG A 431 -8.06 -11.66 -23.73
C ARG A 431 -7.88 -12.85 -24.66
N ILE A 432 -7.44 -13.99 -24.12
CA ILE A 432 -7.23 -15.17 -24.96
C ILE A 432 -8.56 -15.66 -25.50
N ILE A 433 -9.60 -15.70 -24.67
CA ILE A 433 -10.90 -16.15 -25.15
C ILE A 433 -11.42 -15.21 -26.24
N GLU A 434 -11.26 -13.89 -26.04
CA GLU A 434 -11.71 -12.94 -27.06
C GLU A 434 -10.97 -13.13 -28.38
N GLU A 435 -9.65 -13.36 -28.31
CA GLU A 435 -8.88 -13.56 -29.53
C GLU A 435 -9.31 -14.84 -30.25
N HIS A 436 -9.58 -15.91 -29.50
CA HIS A 436 -10.08 -17.13 -30.12
C HIS A 436 -11.41 -16.90 -30.82
N GLN A 437 -12.31 -16.16 -30.17
CA GLN A 437 -13.59 -15.85 -30.80
C GLN A 437 -13.40 -15.07 -32.09
N ALA A 438 -12.48 -14.09 -32.07
CA ALA A 438 -12.21 -13.31 -33.28
C ALA A 438 -11.68 -14.18 -34.39
N ILE A 439 -10.77 -15.11 -34.06
CA ILE A 439 -10.22 -16.00 -35.08
C ILE A 439 -11.33 -16.85 -35.69
N GLY A 440 -12.21 -17.40 -34.84
CA GLY A 440 -13.29 -18.21 -35.35
C GLY A 440 -14.23 -17.43 -36.26
N SER A 441 -14.59 -16.21 -35.84
CA SER A 441 -15.47 -15.39 -36.66
C SER A 441 -14.83 -15.05 -38.00
N LYS A 442 -13.55 -14.71 -38.00
CA LYS A 442 -12.86 -14.41 -39.26
C LYS A 442 -12.83 -15.63 -40.17
N LYS A 443 -12.59 -16.82 -39.60
CA LYS A 443 -12.58 -18.02 -40.42
C LYS A 443 -13.95 -18.28 -41.03
N LYS A 444 -15.01 -18.10 -40.23
CA LYS A 444 -16.36 -18.30 -40.76
C LYS A 444 -16.67 -17.32 -41.87
N GLU A 445 -16.29 -16.05 -41.70
CA GLU A 445 -16.52 -15.06 -42.75
C GLU A 445 -15.76 -15.41 -44.02
N GLU A 446 -14.51 -15.86 -43.88
CA GLU A 446 -13.73 -16.23 -45.05
C GLU A 446 -14.35 -17.42 -45.78
N VAL A 447 -14.84 -18.41 -45.02
CA VAL A 447 -15.50 -19.55 -45.64
C VAL A 447 -16.75 -19.11 -46.39
N LYS A 448 -17.55 -18.23 -45.77
CA LYS A 448 -18.75 -17.74 -46.44
C LYS A 448 -18.41 -16.99 -47.71
N ARG A 449 -17.36 -16.17 -47.68
CA ARG A 449 -16.93 -15.46 -48.87
C ARG A 449 -16.49 -16.41 -49.96
N LEU A 450 -15.72 -17.44 -49.60
CA LEU A 450 -15.18 -18.36 -50.59
C LEU A 450 -16.29 -19.21 -51.20
N LEU A 451 -17.30 -19.59 -50.41
CA LEU A 451 -18.31 -20.52 -50.87
C LEU A 451 -19.11 -19.95 -52.04
N GLY A 452 -19.83 -18.86 -51.81
CA GLY A 452 -20.61 -18.24 -52.85
C GLY A 452 -21.96 -17.76 -52.37
N PRO A 453 -22.59 -16.85 -53.13
CA PRO A 453 -23.87 -16.28 -52.70
C PRO A 453 -25.07 -17.18 -52.96
N ASN A 454 -24.93 -18.23 -53.78
CA ASN A 454 -26.08 -19.05 -54.13
C ASN A 454 -26.66 -19.76 -52.91
N ALA A 455 -25.80 -20.32 -52.07
CA ALA A 455 -26.26 -21.06 -50.91
C ALA A 455 -26.72 -20.11 -49.80
N LEU A 456 -27.37 -20.68 -48.80
CA LEU A 456 -27.91 -19.92 -47.68
C LEU A 456 -27.25 -20.36 -46.39
N ASP A 457 -27.20 -19.44 -45.42
CA ASP A 457 -26.56 -19.66 -44.14
C ASP A 457 -27.61 -19.87 -43.06
N LEU A 458 -27.42 -20.91 -42.26
CA LEU A 458 -28.33 -21.20 -41.15
C LEU A 458 -28.02 -20.39 -39.90
N GLY A 459 -26.95 -19.60 -39.91
CA GLY A 459 -26.62 -18.77 -38.78
C GLY A 459 -25.95 -19.49 -37.63
N ASN A 460 -25.46 -20.71 -37.85
CA ASN A 460 -24.79 -21.45 -36.78
C ASN A 460 -23.52 -22.14 -37.26
N GLY A 461 -22.90 -21.65 -38.34
CA GLY A 461 -21.70 -22.27 -38.87
C GLY A 461 -21.94 -23.38 -39.86
N CYS A 462 -23.19 -23.72 -40.14
CA CYS A 462 -23.52 -24.78 -41.10
C CYS A 462 -24.11 -24.16 -42.35
N PHE A 463 -23.59 -24.58 -43.50
CA PHE A 463 -24.02 -24.08 -44.80
C PHE A 463 -24.72 -25.18 -45.57
N ASN A 464 -25.94 -24.90 -46.04
CA ASN A 464 -26.68 -25.81 -46.90
C ASN A 464 -26.45 -25.43 -48.36
N LEU A 465 -25.95 -26.39 -49.14
CA LEU A 465 -25.64 -26.15 -50.53
C LEU A 465 -26.81 -26.52 -51.43
N THR A 466 -26.84 -25.93 -52.62
CA THR A 466 -27.86 -26.26 -53.61
C THR A 466 -27.64 -27.61 -54.26
N HIS A 467 -26.46 -28.18 -54.12
CA HIS A 467 -26.12 -29.49 -54.67
C HIS A 467 -25.69 -30.41 -53.53
N THR A 468 -25.41 -31.66 -53.88
CA THR A 468 -24.86 -32.60 -52.92
C THR A 468 -23.35 -32.40 -52.78
N CYS A 469 -22.85 -32.55 -51.57
CA CYS A 469 -21.42 -32.39 -51.27
C CYS A 469 -20.91 -33.70 -50.70
N ASP A 470 -20.14 -34.43 -51.50
CA ASP A 470 -19.51 -35.66 -51.04
C ASP A 470 -18.30 -35.30 -50.17
N SER A 471 -17.61 -36.33 -49.67
CA SER A 471 -16.46 -36.08 -48.80
C SER A 471 -15.34 -35.39 -49.55
N ASN A 472 -15.22 -35.66 -50.85
CA ASN A 472 -14.23 -34.96 -51.67
C ASN A 472 -14.54 -33.47 -51.74
N CYS A 473 -15.81 -33.11 -51.93
CA CYS A 473 -16.20 -31.70 -51.88
C CYS A 473 -15.87 -31.09 -50.53
N VAL A 474 -15.95 -31.89 -49.46
CA VAL A 474 -15.64 -31.39 -48.13
C VAL A 474 -14.15 -31.09 -48.00
N ASN A 475 -13.30 -32.04 -48.39
CA ASN A 475 -11.87 -31.83 -48.20
C ASN A 475 -11.31 -30.80 -49.17
N SER A 476 -11.96 -30.61 -50.32
CA SER A 476 -11.51 -29.57 -51.24
C SER A 476 -11.64 -28.19 -50.63
N ILE A 477 -12.64 -28.00 -49.77
CA ILE A 477 -12.84 -26.71 -49.12
C ILE A 477 -11.69 -26.42 -48.16
N SER A 478 -11.17 -27.45 -47.50
CA SER A 478 -10.23 -27.24 -46.40
C SER A 478 -8.97 -26.52 -46.86
N ARG A 479 -8.37 -26.95 -47.97
CA ARG A 479 -7.19 -26.25 -48.48
C ARG A 479 -7.52 -25.05 -49.34
N GLY A 480 -8.80 -24.78 -49.59
CA GLY A 480 -9.20 -23.58 -50.28
C GLY A 480 -9.17 -23.65 -51.79
N THR A 481 -8.82 -24.79 -52.37
CA THR A 481 -8.83 -24.96 -53.82
C THR A 481 -10.21 -25.33 -54.36
N TYR A 482 -11.26 -25.12 -53.56
CA TYR A 482 -12.60 -25.46 -53.98
C TYR A 482 -13.06 -24.59 -55.15
N THR A 483 -13.69 -25.22 -56.14
CA THR A 483 -14.26 -24.51 -57.27
C THR A 483 -15.69 -24.97 -57.48
N ARG A 484 -16.53 -24.06 -57.98
CA ARG A 484 -17.95 -24.31 -58.12
C ARG A 484 -18.33 -25.00 -59.41
N GLU A 485 -17.44 -25.01 -60.41
CA GLU A 485 -17.82 -25.48 -61.74
C GLU A 485 -18.22 -26.95 -61.74
N ASN A 486 -17.48 -27.79 -61.03
CA ASN A 486 -17.69 -29.23 -61.10
C ASN A 486 -18.80 -29.73 -60.19
N TYR A 487 -19.42 -28.86 -59.39
CA TYR A 487 -20.43 -29.27 -58.44
C TYR A 487 -21.80 -28.67 -58.73
N ILE A 488 -21.96 -27.95 -59.84
CA ILE A 488 -23.23 -27.31 -60.13
C ILE A 488 -24.32 -28.34 -60.40
N HIS A 489 -23.96 -29.51 -60.90
CA HIS A 489 -24.93 -30.50 -61.35
C HIS A 489 -25.86 -30.91 -60.20
N ASN A 490 -27.09 -31.27 -60.58
CA ASN A 490 -28.16 -31.66 -59.67
C ASN A 490 -28.61 -30.50 -58.78
N VAL A 491 -29.85 -30.55 -58.31
CA VAL A 491 -30.43 -29.47 -57.52
C VAL A 491 -31.11 -30.09 -56.30
N THR A 492 -30.85 -29.53 -55.13
CA THR A 492 -31.47 -29.97 -53.90
C THR A 492 -31.49 -28.83 -52.90
N LEU A 493 -32.32 -28.98 -51.87
CA LEU A 493 -32.44 -27.97 -50.83
C LEU A 493 -32.36 -28.62 -49.44
N ASN B 1 -31.73 0.24 -56.72
CA ASN B 1 -30.39 0.28 -56.15
C ASN B 1 -30.42 -0.08 -54.67
N GLN B 2 -29.46 0.45 -53.92
CA GLN B 2 -29.35 0.16 -52.50
C GLN B 2 -28.57 1.29 -51.83
N ILE B 3 -28.69 1.36 -50.50
CA ILE B 3 -27.99 2.37 -49.73
C ILE B 3 -27.27 1.70 -48.56
N CYS B 4 -26.32 2.42 -47.98
CA CYS B 4 -25.57 1.94 -46.83
C CYS B 4 -25.29 3.11 -45.90
N ILE B 5 -25.14 2.79 -44.61
CA ILE B 5 -24.82 3.77 -43.59
C ILE B 5 -23.60 3.26 -42.82
N GLY B 6 -22.69 4.16 -42.50
CA GLY B 6 -21.49 3.73 -41.80
C GLY B 6 -20.59 4.87 -41.40
N LYS B 7 -19.34 4.52 -41.13
CA LYS B 7 -18.31 5.47 -40.72
C LYS B 7 -17.49 5.92 -41.92
N ALA B 8 -16.87 7.09 -41.77
CA ALA B 8 -16.00 7.62 -42.81
C ALA B 8 -14.62 6.97 -42.70
N ILE B 9 -14.12 6.46 -43.83
CA ILE B 9 -12.81 5.82 -43.84
C ILE B 9 -11.73 6.87 -43.63
N LYS B 10 -10.87 6.64 -42.65
CA LYS B 10 -9.77 7.54 -42.35
C LYS B 10 -8.53 6.71 -42.01
N PRO B 11 -7.34 7.25 -42.22
CA PRO B 11 -6.12 6.50 -41.89
C PRO B 11 -6.05 6.18 -40.41
N ILE B 12 -5.53 5.00 -40.10
CA ILE B 12 -5.41 4.54 -38.72
C ILE B 12 -4.25 5.29 -38.07
N ASN B 13 -4.53 5.96 -36.95
CA ASN B 13 -3.50 6.75 -36.29
C ASN B 13 -2.74 5.96 -35.23
N GLY B 14 -3.40 5.06 -34.52
CA GLY B 14 -2.67 4.33 -33.50
C GLY B 14 -3.50 3.21 -32.92
N THR B 15 -3.04 2.70 -31.78
CA THR B 15 -3.68 1.60 -31.08
C THR B 15 -3.80 1.95 -29.60
N VAL B 16 -4.99 1.73 -29.04
CA VAL B 16 -5.23 1.93 -27.62
C VAL B 16 -5.57 0.59 -27.00
N GLU B 17 -5.49 0.54 -25.67
CA GLU B 17 -5.69 -0.70 -24.93
C GLU B 17 -7.01 -0.63 -24.17
N THR B 18 -7.87 -1.62 -24.39
CA THR B 18 -9.12 -1.77 -23.68
C THR B 18 -9.00 -2.94 -22.71
N VAL B 19 -10.12 -3.28 -22.06
CA VAL B 19 -10.10 -4.33 -21.05
C VAL B 19 -9.78 -5.68 -21.68
N SER B 20 -10.38 -5.98 -22.83
CA SER B 20 -10.28 -7.31 -23.41
C SER B 20 -9.44 -7.39 -24.68
N ARG B 21 -9.07 -6.26 -25.28
CA ARG B 21 -8.33 -6.30 -26.53
C ARG B 21 -7.66 -4.94 -26.77
N MET B 22 -6.87 -4.89 -27.82
CA MET B 22 -6.26 -3.66 -28.31
C MET B 22 -6.99 -3.22 -29.57
N ALA B 23 -7.41 -1.96 -29.59
CA ALA B 23 -8.25 -1.43 -30.65
C ALA B 23 -7.49 -0.40 -31.47
N LYS B 24 -7.62 -0.49 -32.80
CA LYS B 24 -7.02 0.49 -33.69
C LYS B 24 -7.94 1.69 -33.83
N VAL B 25 -7.39 2.88 -33.63
CA VAL B 25 -8.17 4.11 -33.59
C VAL B 25 -7.55 5.14 -34.54
N THR B 26 -8.39 6.05 -34.99
CA THR B 26 -8.01 7.12 -35.92
C THR B 26 -7.48 8.35 -35.22
N GLY B 27 -7.43 8.36 -33.89
CA GLY B 27 -6.92 9.49 -33.16
C GLY B 27 -6.84 9.25 -31.67
N MET B 28 -5.75 9.71 -31.05
CA MET B 28 -5.58 9.55 -29.60
C MET B 28 -4.75 10.70 -29.08
N LYS B 29 -4.86 10.95 -27.78
CA LYS B 29 -4.11 11.99 -27.11
C LYS B 29 -3.60 11.44 -25.78
N LYS B 30 -3.01 12.31 -24.97
CA LYS B 30 -2.39 11.91 -23.71
C LYS B 30 -3.12 12.58 -22.55
N VAL B 31 -3.25 11.84 -21.44
CA VAL B 31 -4.01 12.34 -20.30
C VAL B 31 -3.26 13.48 -19.61
N GLY B 32 -1.96 13.35 -19.43
CA GLY B 32 -1.19 14.30 -18.65
C GLY B 32 -0.41 15.28 -19.51
N GLY B 33 -0.09 16.42 -18.89
CA GLY B 33 0.71 17.43 -19.54
C GLY B 33 2.19 17.28 -19.23
N GLU B 34 3.02 17.67 -20.18
CA GLU B 34 4.46 17.49 -20.08
C GLU B 34 5.14 18.77 -19.61
N ARG B 35 6.23 18.59 -18.86
CA ARG B 35 6.98 19.71 -18.34
C ARG B 35 7.65 20.50 -19.46
N MET B 36 7.71 21.81 -19.29
CA MET B 36 8.38 22.67 -20.26
C MET B 36 9.86 22.82 -19.89
N GLN B 37 10.60 23.52 -20.74
CA GLN B 37 12.04 23.67 -20.55
C GLN B 37 12.42 24.93 -19.79
N LYS B 38 11.44 25.68 -19.28
CA LYS B 38 11.72 26.93 -18.61
C LYS B 38 10.60 27.20 -17.61
N ILE B 39 10.82 28.21 -16.77
CA ILE B 39 9.84 28.65 -15.78
C ILE B 39 9.27 29.98 -16.25
N CYS B 40 7.96 30.03 -16.42
CA CYS B 40 7.26 31.24 -16.86
C CYS B 40 6.87 32.03 -15.63
N ALA B 41 7.59 33.12 -15.37
CA ALA B 41 7.44 33.88 -14.13
C ALA B 41 7.01 35.32 -14.39
N LYS B 42 6.19 35.53 -15.42
CA LYS B 42 5.64 36.85 -15.66
C LYS B 42 4.57 37.15 -14.62
N GLY B 43 4.64 38.34 -14.03
CA GLY B 43 3.71 38.72 -12.99
C GLY B 43 4.03 38.17 -11.62
N GLU B 44 5.16 37.51 -11.46
CA GLU B 44 5.58 36.96 -10.18
C GLU B 44 6.91 37.59 -9.77
N GLN B 45 7.09 37.75 -8.45
CA GLN B 45 8.33 38.27 -7.90
C GLN B 45 9.24 37.12 -7.51
N ILE B 46 10.55 37.36 -7.62
CA ILE B 46 11.57 36.35 -7.35
C ILE B 46 12.47 36.87 -6.24
N HIS B 47 12.67 36.04 -5.23
CA HIS B 47 13.54 36.36 -4.10
C HIS B 47 14.87 35.64 -4.25
N ASP B 48 15.96 36.35 -4.09
CA ASP B 48 17.30 35.78 -4.19
C ASP B 48 18.21 36.47 -3.20
N SER B 49 18.70 35.71 -2.22
CA SER B 49 19.62 36.24 -1.22
C SER B 49 20.77 35.27 -0.97
N SER B 50 21.21 34.57 -2.02
CA SER B 50 22.26 33.56 -1.85
C SER B 50 23.63 34.18 -1.58
N SER B 51 23.80 35.47 -1.83
CA SER B 51 25.09 36.11 -1.64
C SER B 51 25.26 36.75 -0.28
N ALA B 52 24.22 36.76 0.56
CA ALA B 52 24.31 37.44 1.85
C ALA B 52 23.75 36.64 3.03
N CYS B 53 22.89 35.65 2.81
CA CYS B 53 22.21 34.98 3.90
C CYS B 53 22.28 33.46 3.71
N GLY B 54 22.10 32.75 4.82
CA GLY B 54 21.95 31.31 4.82
C GLY B 54 20.57 30.92 5.33
N ILE B 55 20.36 29.61 5.41
CA ILE B 55 19.08 29.09 5.87
C ILE B 55 18.85 29.43 7.33
N VAL B 56 19.86 29.25 8.18
CA VAL B 56 19.71 29.51 9.60
C VAL B 56 19.51 30.99 9.87
N SER B 57 20.16 31.85 9.08
CA SER B 57 20.05 33.28 9.29
C SER B 57 18.63 33.78 9.12
N HIS B 58 17.83 33.11 8.29
CA HIS B 58 16.44 33.52 8.10
C HIS B 58 15.61 33.22 9.33
N HIS B 59 15.84 32.07 9.97
CA HIS B 59 15.05 31.70 11.14
C HIS B 59 15.32 32.64 12.31
N LEU B 60 16.57 33.06 12.47
CA LEU B 60 16.97 33.90 13.60
C LEU B 60 16.77 35.38 13.34
N LYS B 61 16.19 35.75 12.20
CA LYS B 61 15.90 37.15 11.88
C LYS B 61 17.17 37.99 11.87
N GLN B 62 18.20 37.47 11.19
CA GLN B 62 19.42 38.24 11.01
C GLN B 62 19.16 39.47 10.16
N GLU B 63 19.96 40.50 10.37
CA GLU B 63 19.81 41.75 9.65
C GLU B 63 19.92 41.55 8.14
N GLY B 64 18.82 41.74 7.43
CA GLY B 64 18.79 41.57 5.98
C GLY B 64 18.29 40.23 5.50
N CYS B 65 17.86 39.34 6.40
CA CYS B 65 17.35 38.02 6.05
C CYS B 65 16.05 37.81 6.82
N ASP B 66 14.93 38.18 6.22
CA ASP B 66 13.65 38.13 6.91
C ASP B 66 12.55 37.59 6.00
N PHE B 67 12.85 36.53 5.26
CA PHE B 67 11.83 35.91 4.42
C PHE B 67 10.63 35.40 5.22
N PRO B 68 10.80 34.66 6.33
CA PRO B 68 9.61 34.14 7.03
C PRO B 68 8.75 35.22 7.68
N PHE B 69 9.16 36.49 7.63
CA PHE B 69 8.40 37.57 8.25
C PHE B 69 7.95 38.63 7.25
N LEU B 70 8.02 38.31 5.96
CA LEU B 70 7.58 39.24 4.93
C LEU B 70 6.06 39.27 4.85
N LEU B 71 5.52 40.44 4.52
CA LEU B 71 4.08 40.56 4.35
C LEU B 71 3.60 39.80 3.12
N ASN B 72 4.27 39.99 1.99
CA ASN B 72 3.97 39.25 0.77
C ASN B 72 5.18 38.39 0.43
N LYS B 73 4.96 37.09 0.31
CA LYS B 73 6.05 36.14 0.12
C LYS B 73 6.10 35.71 -1.34
N PRO B 74 7.20 35.93 -2.04
CA PRO B 74 7.30 35.48 -3.43
C PRO B 74 7.25 33.97 -3.54
N LYS B 75 6.73 33.48 -4.66
CA LYS B 75 6.61 32.05 -4.89
C LYS B 75 7.94 31.39 -5.23
N PHE B 76 8.93 32.15 -5.68
CA PHE B 76 10.24 31.62 -6.00
C PHE B 76 11.27 32.25 -5.08
N ALA B 77 12.11 31.42 -4.47
CA ALA B 77 13.07 31.90 -3.49
C ALA B 77 14.35 31.08 -3.56
N THR B 78 15.48 31.76 -3.41
CA THR B 78 16.79 31.13 -3.37
C THR B 78 17.62 31.75 -2.26
N THR B 79 18.46 30.94 -1.63
CA THR B 79 19.32 31.42 -0.54
C THR B 79 20.54 30.51 -0.48
N GLY B 80 21.46 30.86 0.42
CA GLY B 80 22.70 30.12 0.57
C GLY B 80 22.48 28.72 1.12
N PRO B 81 23.51 27.89 1.04
CA PRO B 81 23.38 26.51 1.53
C PRO B 81 23.24 26.42 3.04
N MET B 82 23.00 25.20 3.54
CA MET B 82 22.73 25.02 4.96
C MET B 82 23.94 25.36 5.82
N ASN B 83 25.14 25.07 5.32
CA ASN B 83 26.36 25.31 6.09
C ASN B 83 26.87 26.73 5.97
N THR B 84 26.02 27.68 5.59
CA THR B 84 26.44 29.07 5.52
C THR B 84 26.51 29.67 6.92
N SER B 85 27.61 30.36 7.22
CA SER B 85 27.80 30.94 8.52
C SER B 85 26.92 32.17 8.71
N THR B 86 26.65 32.50 9.97
CA THR B 86 25.92 33.70 10.35
C THR B 86 26.89 34.71 10.95
N THR B 87 26.38 35.91 11.19
CA THR B 87 27.15 36.96 11.84
C THR B 87 27.02 36.92 13.36
N GLY B 88 26.17 36.04 13.89
CA GLY B 88 26.00 35.93 15.33
C GLY B 88 26.91 34.87 15.94
N PHE B 89 26.33 33.91 16.63
CA PHE B 89 27.11 32.83 17.24
C PHE B 89 27.21 31.65 16.30
N ASN B 90 28.06 30.70 16.68
CA ASN B 90 28.16 29.46 15.93
C ASN B 90 26.92 28.60 16.20
N PHE B 91 26.61 27.70 15.27
CA PHE B 91 25.39 26.91 15.41
C PHE B 91 25.65 25.46 15.08
N TYR B 92 24.81 24.59 15.65
CA TYR B 92 24.79 23.17 15.35
C TYR B 92 23.34 22.71 15.26
N LEU B 93 23.05 21.88 14.26
CA LEU B 93 21.71 21.37 14.03
C LEU B 93 21.73 19.86 13.91
N THR B 94 20.73 19.20 14.46
CA THR B 94 20.57 17.78 14.30
C THR B 94 20.10 17.45 12.88
N GLU B 95 20.12 16.16 12.54
CA GLU B 95 19.69 15.75 11.21
C GLU B 95 18.22 16.06 10.96
N LYS B 96 17.37 15.79 11.96
CA LYS B 96 15.96 16.16 11.85
C LYS B 96 15.80 17.67 11.69
N ALA B 97 16.57 18.43 12.45
CA ALA B 97 16.50 19.89 12.34
C ALA B 97 16.92 20.36 10.96
N LYS B 98 17.97 19.75 10.38
CA LYS B 98 18.38 20.11 9.04
C LYS B 98 17.29 19.80 8.03
N SER B 99 16.68 18.62 8.15
CA SER B 99 15.65 18.21 7.20
C SER B 99 14.45 19.16 7.26
N TRP B 100 14.05 19.56 8.47
CA TRP B 100 12.90 20.45 8.57
C TRP B 100 13.24 21.90 8.24
N MET B 101 14.48 22.33 8.49
CA MET B 101 14.89 23.69 8.15
C MET B 101 15.08 23.88 6.66
N ASN B 102 15.33 22.80 5.92
CA ASN B 102 15.35 22.91 4.47
C ASN B 102 14.01 23.37 3.92
N ILE B 103 12.93 23.21 4.68
CA ILE B 103 11.59 23.55 4.23
C ILE B 103 11.06 24.79 4.95
N THR B 104 11.24 24.89 6.26
CA THR B 104 10.52 25.89 7.05
C THR B 104 10.97 27.32 6.79
N TRP B 105 12.11 27.54 6.12
CA TRP B 105 12.54 28.90 5.88
C TRP B 105 11.76 29.58 4.77
N ARG B 106 10.98 28.84 3.98
CA ARG B 106 10.30 29.40 2.83
C ARG B 106 8.82 29.08 2.80
N VAL B 107 8.21 28.83 3.96
CA VAL B 107 6.76 28.60 4.00
C VAL B 107 6.03 29.89 3.65
N LEU B 108 4.99 29.76 2.84
CA LEU B 108 4.27 30.91 2.32
C LEU B 108 3.11 31.37 3.20
N GLY B 109 2.86 30.70 4.32
CA GLY B 109 1.79 31.07 5.22
C GLY B 109 2.21 32.17 6.17
N GLU B 110 1.41 32.35 7.21
CA GLU B 110 1.68 33.34 8.25
C GLU B 110 2.16 32.62 9.51
N ASN B 111 3.28 33.07 10.04
CA ASN B 111 3.88 32.43 11.21
C ASN B 111 3.42 33.10 12.49
N LYS B 112 3.31 32.30 13.55
CA LYS B 112 2.81 32.76 14.84
C LYS B 112 3.97 32.89 15.82
N ASP B 113 3.95 33.97 16.60
CA ASP B 113 4.99 34.27 17.57
C ASP B 113 4.43 34.18 18.97
N PHE B 114 5.22 33.64 19.90
CA PHE B 114 4.82 33.54 21.30
C PHE B 114 5.94 33.97 22.24
N GLY B 115 6.80 34.88 21.78
CA GLY B 115 7.86 35.38 22.63
C GLY B 115 7.36 36.21 23.80
N ASP B 116 6.28 36.97 23.58
CA ASP B 116 5.75 37.81 24.66
C ASP B 116 5.22 36.96 25.81
N ASN B 117 4.62 35.81 25.49
CA ASN B 117 4.15 34.92 26.54
C ASN B 117 5.31 34.42 27.39
N LEU B 118 6.42 34.04 26.74
CA LEU B 118 7.59 33.61 27.48
C LEU B 118 8.15 34.73 28.34
N VAL B 119 8.20 35.95 27.79
CA VAL B 119 8.74 37.08 28.54
C VAL B 119 7.90 37.36 29.78
N GLU B 120 6.57 37.36 29.63
CA GLU B 120 5.72 37.66 30.77
C GLU B 120 5.70 36.51 31.77
N LYS B 121 5.89 35.27 31.32
CA LYS B 121 5.89 34.14 32.24
C LYS B 121 7.18 34.05 33.04
N TYR B 122 8.33 34.25 32.40
CA TYR B 122 9.61 33.99 33.04
C TYR B 122 10.54 35.19 33.13
N GLY B 123 10.15 36.35 32.61
CA GLY B 123 10.99 37.52 32.69
C GLY B 123 11.79 37.75 31.42
N GLU B 124 12.63 38.77 31.49
CA GLU B 124 13.43 39.17 30.33
C GLU B 124 14.43 38.08 29.95
N SER B 125 14.67 37.95 28.66
CA SER B 125 15.59 36.94 28.15
C SER B 125 17.03 37.30 28.51
N GLY B 126 17.87 36.27 28.57
CA GLY B 126 19.28 36.50 28.78
C GLY B 126 19.91 37.25 27.62
N ALA B 127 20.92 38.06 27.93
CA ALA B 127 21.53 38.95 26.96
C ALA B 127 23.00 38.63 26.79
N THR B 128 23.44 38.58 25.54
CA THR B 128 24.85 38.45 25.20
C THR B 128 25.17 39.39 24.07
N SER B 129 26.41 39.92 24.07
CA SER B 129 26.82 40.87 23.07
C SER B 129 27.16 40.23 21.73
N GLU B 130 27.31 38.91 21.68
CA GLU B 130 27.64 38.23 20.43
C GLU B 130 26.41 38.00 19.55
N GLY B 131 25.21 38.28 20.04
CA GLY B 131 24.02 38.10 19.25
C GLY B 131 23.27 39.40 19.01
N ALA B 132 24.02 40.48 18.82
CA ALA B 132 23.39 41.78 18.58
C ALA B 132 22.70 41.84 17.23
N THR B 133 23.21 41.11 16.24
CA THR B 133 22.62 41.15 14.91
C THR B 133 21.35 40.32 14.82
N LEU B 134 21.26 39.22 15.57
CA LEU B 134 20.09 38.36 15.53
C LEU B 134 19.05 38.82 16.55
N LYS B 135 17.80 38.47 16.28
CA LYS B 135 16.69 38.97 17.09
C LYS B 135 15.78 37.87 17.60
N ASN B 136 15.56 36.80 16.83
CA ASN B 136 14.50 35.84 17.11
C ASN B 136 15.04 34.67 17.93
N TYR B 137 15.20 34.91 19.23
CA TYR B 137 15.55 33.84 20.16
C TYR B 137 15.24 34.29 21.57
N TYR B 138 14.88 33.33 22.42
CA TYR B 138 14.66 33.56 23.85
C TYR B 138 15.61 32.68 24.64
N TRP B 139 16.43 33.29 25.49
CA TRP B 139 17.42 32.60 26.29
C TRP B 139 16.94 32.57 27.74
N TYR B 140 16.67 31.38 28.27
CA TYR B 140 16.11 31.23 29.60
C TYR B 140 17.24 31.14 30.61
N VAL B 141 17.49 32.24 31.32
CA VAL B 141 18.52 32.30 32.34
C VAL B 141 17.91 32.85 33.62
N PRO B 142 17.32 32.01 34.48
CA PRO B 142 16.71 32.52 35.71
C PRO B 142 17.75 32.94 36.72
N THR B 143 17.28 33.66 37.75
CA THR B 143 18.18 34.12 38.81
C THR B 143 18.71 32.95 39.63
N ALA B 144 17.84 32.01 39.97
CA ALA B 144 18.22 30.82 40.72
C ALA B 144 18.38 29.66 39.75
N LYS B 145 19.59 29.11 39.67
CA LYS B 145 19.91 28.09 38.69
C LYS B 145 20.08 26.73 39.35
N PRO B 146 19.75 25.64 38.65
CA PRO B 146 19.22 25.57 37.28
C PRO B 146 17.76 26.03 37.17
N GLY B 147 16.99 25.83 38.24
CA GLY B 147 15.60 26.23 38.27
C GLY B 147 14.78 25.65 37.14
N PRO B 148 14.59 24.33 37.14
CA PRO B 148 13.85 23.70 36.04
C PRO B 148 12.37 24.04 36.09
N VAL B 149 11.78 24.22 34.91
CA VAL B 149 10.35 24.47 34.76
C VAL B 149 9.85 23.71 33.55
N VAL B 150 8.54 23.66 33.40
CA VAL B 150 7.88 23.08 32.23
C VAL B 150 6.94 24.14 31.66
N TYR B 151 7.20 24.56 30.43
CA TYR B 151 6.43 25.59 29.77
C TYR B 151 5.38 24.93 28.88
N GLU B 152 4.12 25.21 29.13
CA GLU B 152 3.01 24.66 28.37
C GLU B 152 2.27 25.76 27.66
N LYS B 153 1.89 25.52 26.41
CA LYS B 153 1.15 26.52 25.65
C LYS B 153 0.24 25.83 24.64
N LEU B 154 -0.92 26.42 24.41
CA LEU B 154 -1.85 25.93 23.41
C LEU B 154 -1.47 26.52 22.06
N ALA B 155 -1.23 25.65 21.08
CA ALA B 155 -0.76 26.11 19.78
C ALA B 155 -1.89 26.79 19.01
N GLU B 156 -1.48 27.64 18.06
CA GLU B 156 -2.41 28.33 17.19
C GLU B 156 -2.43 27.78 15.78
N CYS B 157 -1.43 26.98 15.39
CA CYS B 157 -1.37 26.40 14.07
C CYS B 157 -0.51 25.15 14.13
N THR B 158 -0.71 24.27 13.15
CA THR B 158 0.14 23.10 13.01
C THR B 158 1.47 23.51 12.39
N GLY B 159 2.57 23.12 13.01
CA GLY B 159 3.87 23.53 12.50
C GLY B 159 5.00 22.95 13.31
N THR B 160 6.18 23.57 13.17
CA THR B 160 7.39 23.14 13.83
C THR B 160 7.97 24.26 14.68
N ILE B 161 8.66 23.86 15.74
CA ILE B 161 9.30 24.78 16.68
C ILE B 161 10.71 24.28 16.93
N TYR B 162 11.68 25.19 16.89
CA TYR B 162 13.07 24.86 17.09
C TYR B 162 13.50 25.27 18.50
N TYR B 163 14.06 24.32 19.24
CA TYR B 163 14.45 24.52 20.63
C TYR B 163 15.86 23.97 20.82
N GLY B 164 16.37 24.07 22.04
CA GLY B 164 17.69 23.52 22.32
C GLY B 164 18.44 24.28 23.38
N ALA B 165 19.71 24.57 23.15
CA ALA B 165 20.51 25.29 24.13
C ALA B 165 21.42 26.30 23.46
N LEU B 166 21.95 27.21 24.26
CA LEU B 166 22.92 28.21 23.79
C LEU B 166 24.00 28.30 24.86
N LEU B 167 25.18 27.74 24.57
CA LEU B 167 26.21 27.55 25.58
C LEU B 167 27.57 27.98 25.05
N SER B 168 28.44 28.36 25.96
CA SER B 168 29.82 28.69 25.62
C SER B 168 30.68 27.44 25.62
N ASP B 169 31.83 27.53 24.97
CA ASP B 169 32.78 26.43 24.89
C ASP B 169 33.88 26.53 25.95
N ALA B 170 33.76 27.48 26.87
CA ALA B 170 34.68 27.61 28.00
C ALA B 170 33.99 27.13 29.27
N GLU B 171 34.79 26.52 30.15
CA GLU B 171 34.23 25.94 31.37
C GLU B 171 33.63 27.02 32.27
N ALA B 172 34.30 28.17 32.39
CA ALA B 172 33.82 29.22 33.27
C ALA B 172 32.46 29.75 32.81
N GLY B 173 32.31 30.00 31.50
CA GLY B 173 31.04 30.48 30.99
C GLY B 173 29.94 29.46 31.14
N TYR B 174 30.25 28.18 30.87
CA TYR B 174 29.25 27.13 31.01
C TYR B 174 28.77 27.03 32.46
N ILE B 175 29.70 27.07 33.42
CA ILE B 175 29.31 26.99 34.82
C ILE B 175 28.52 28.21 35.23
N ALA B 176 28.92 29.40 34.76
CA ALA B 176 28.22 30.62 35.13
C ALA B 176 26.80 30.64 34.58
N VAL B 177 26.59 30.08 33.39
CA VAL B 177 25.26 30.15 32.77
C VAL B 177 24.37 29.03 33.29
N THR B 178 24.83 27.79 33.22
CA THR B 178 23.97 26.66 33.56
C THR B 178 23.79 26.53 35.07
N GLY B 179 24.86 26.76 35.84
CA GLY B 179 24.80 26.50 37.26
C GLY B 179 24.92 25.05 37.64
N ARG B 180 25.28 24.17 36.71
CA ARG B 180 25.44 22.75 36.95
C ARG B 180 26.91 22.40 37.08
N ASN B 181 27.18 21.14 37.39
CA ASN B 181 28.53 20.61 37.39
C ASN B 181 28.88 20.08 36.00
N VAL B 182 30.16 20.15 35.66
CA VAL B 182 30.59 19.80 34.31
C VAL B 182 30.36 18.32 34.03
N THR B 183 30.42 17.47 35.05
CA THR B 183 30.25 16.04 34.85
C THR B 183 28.80 15.62 34.67
N GLU B 184 27.85 16.49 34.94
CA GLU B 184 26.44 16.16 34.81
C GLU B 184 26.01 16.16 33.35
N ARG B 185 25.02 15.34 33.05
CA ARG B 185 24.36 15.34 31.75
C ARG B 185 22.90 15.71 31.96
N TRP B 186 22.41 16.69 31.20
CA TRP B 186 21.03 17.12 31.35
C TRP B 186 20.34 17.10 29.98
N ASP B 187 19.01 17.17 30.01
CA ASP B 187 18.20 17.02 28.82
C ASP B 187 17.24 18.19 28.68
N VAL B 188 16.90 18.49 27.43
CA VAL B 188 15.78 19.36 27.08
C VAL B 188 14.82 18.55 26.24
N ARG B 189 13.56 18.52 26.66
CA ARG B 189 12.55 17.65 26.08
C ARG B 189 11.38 18.47 25.55
N PHE B 190 10.81 18.01 24.43
CA PHE B 190 9.70 18.66 23.77
C PHE B 190 8.60 17.63 23.57
N THR B 191 7.38 17.96 23.99
CA THR B 191 6.22 17.08 23.85
C THR B 191 5.13 17.84 23.12
N GLY B 192 4.86 17.46 21.88
CA GLY B 192 3.78 18.02 21.09
C GLY B 192 3.00 16.93 20.39
N SER B 193 2.89 17.02 19.07
CA SER B 193 2.34 15.92 18.29
C SER B 193 3.21 14.68 18.39
N SER B 194 4.49 14.84 18.69
CA SER B 194 5.41 13.74 18.90
C SER B 194 6.32 14.10 20.06
N GLU B 195 7.37 13.30 20.27
CA GLU B 195 8.31 13.52 21.36
C GLU B 195 9.71 13.72 20.81
N SER B 196 10.43 14.69 21.37
CA SER B 196 11.80 14.94 20.98
C SER B 196 12.62 15.29 22.23
N SER B 197 13.93 15.08 22.13
CA SER B 197 14.80 15.36 23.26
C SER B 197 16.21 15.60 22.76
N ILE B 198 17.00 16.30 23.57
CA ILE B 198 18.41 16.54 23.26
C ILE B 198 19.19 16.68 24.55
N SER B 199 20.43 16.19 24.55
CA SER B 199 21.24 16.09 25.75
C SER B 199 22.44 17.03 25.66
N PHE B 200 22.86 17.54 26.83
CA PHE B 200 23.97 18.46 26.94
C PHE B 200 24.81 18.11 28.16
N SER B 201 26.06 18.54 28.13
CA SER B 201 27.00 18.33 29.22
C SER B 201 28.07 19.42 29.16
N GLY B 202 29.13 19.25 29.94
CA GLY B 202 30.19 20.22 29.99
C GLY B 202 30.99 20.28 28.70
N PRO B 203 31.72 21.38 28.48
CA PRO B 203 32.45 21.53 27.22
C PRO B 203 33.50 20.46 26.98
N LYS B 204 34.06 19.87 28.03
CA LYS B 204 35.06 18.82 27.89
C LYS B 204 34.48 17.43 28.08
N GLN B 205 33.16 17.29 28.07
CA GLN B 205 32.50 16.00 28.24
C GLN B 205 31.57 15.74 27.08
N SER B 206 31.29 14.46 26.85
CA SER B 206 30.35 14.08 25.81
C SER B 206 28.92 14.45 26.21
N PRO B 207 28.09 14.86 25.24
CA PRO B 207 28.36 15.01 23.82
C PRO B 207 28.71 16.41 23.38
N MET B 208 28.99 17.31 24.34
CA MET B 208 29.24 18.70 23.98
C MET B 208 30.51 18.87 23.17
N GLU B 209 31.53 18.03 23.40
CA GLU B 209 32.76 18.12 22.62
C GLU B 209 32.49 17.86 21.14
N GLU B 210 31.63 16.88 20.85
CA GLU B 210 31.27 16.61 19.46
C GLU B 210 30.51 17.79 18.85
N TYR B 211 29.64 18.43 19.65
CA TYR B 211 28.96 19.63 19.17
C TYR B 211 29.95 20.73 18.82
N ILE B 212 30.96 20.91 19.67
CA ILE B 212 31.97 21.94 19.41
C ILE B 212 32.74 21.62 18.13
N ILE B 213 33.13 20.35 17.96
CA ILE B 213 33.91 19.99 16.78
C ILE B 213 33.09 20.14 15.51
N LYS B 214 31.83 19.73 15.54
CA LYS B 214 30.98 19.73 14.35
C LYS B 214 30.30 21.05 14.07
N SER B 215 30.49 22.06 14.91
CA SER B 215 29.75 23.31 14.76
C SER B 215 30.23 24.08 13.53
N VAL B 216 29.35 24.95 13.04
CA VAL B 216 29.67 25.84 11.92
C VAL B 216 30.12 27.18 12.50
N ARG B 217 31.37 27.54 12.24
CA ARG B 217 31.94 28.74 12.83
C ARG B 217 31.36 29.99 12.20
N SER B 218 31.23 31.04 13.02
CA SER B 218 30.64 32.28 12.56
C SER B 218 31.68 33.13 11.83
N SER B 219 31.19 34.22 11.23
CA SER B 219 32.08 35.13 10.50
C SER B 219 33.07 35.79 11.44
N VAL B 220 32.62 36.22 12.62
CA VAL B 220 33.50 36.79 13.62
C VAL B 220 34.20 35.66 14.37
N ASP B 221 35.52 35.71 14.40
CA ASP B 221 36.31 34.61 14.96
C ASP B 221 36.46 34.70 16.47
N THR B 222 35.99 35.76 17.11
CA THR B 222 36.07 35.89 18.56
C THR B 222 34.82 35.41 19.28
N VAL B 223 33.86 34.86 18.55
CA VAL B 223 32.60 34.43 19.16
C VAL B 223 32.77 33.02 19.71
N ARG B 224 32.41 32.83 20.97
CA ARG B 224 32.55 31.55 21.65
C ARG B 224 31.23 30.81 21.82
N ASN B 225 30.09 31.46 21.65
CA ASN B 225 28.81 30.84 21.91
C ASN B 225 28.37 29.96 20.75
N ILE B 226 27.80 28.80 21.09
CA ILE B 226 27.25 27.87 20.13
C ILE B 226 25.79 27.64 20.51
N ILE B 227 24.91 27.74 19.53
CA ILE B 227 23.49 27.45 19.69
C ILE B 227 23.20 26.11 19.04
N ILE B 228 22.75 25.16 19.84
CA ILE B 228 22.48 23.80 19.40
C ILE B 228 20.97 23.63 19.34
N LEU B 229 20.46 23.22 18.19
CA LEU B 229 19.03 23.25 17.94
C LEU B 229 18.50 21.90 17.46
N ASP B 230 17.33 21.53 17.98
CA ASP B 230 16.53 20.41 17.52
C ASP B 230 15.13 20.93 17.21
N SER B 231 14.30 20.07 16.62
CA SER B 231 12.99 20.47 16.16
C SER B 231 11.90 19.62 16.79
N GLY B 232 10.70 20.21 16.91
CA GLY B 232 9.54 19.49 17.38
C GLY B 232 8.31 19.95 16.63
N ARG B 233 7.27 19.12 16.67
CA ARG B 233 6.05 19.35 15.90
C ARG B 233 4.87 19.62 16.82
N VAL B 234 3.99 20.53 16.39
CA VAL B 234 2.82 20.92 17.17
C VAL B 234 1.60 20.88 16.27
N LYS B 235 0.47 20.49 16.85
CA LYS B 235 -0.82 20.47 16.18
C LYS B 235 -1.64 21.69 16.58
N LYS B 236 -2.64 22.01 15.75
CA LYS B 236 -3.34 23.28 15.88
C LYS B 236 -4.10 23.40 17.19
N GLY B 237 -4.91 22.40 17.52
CA GLY B 237 -5.77 22.51 18.68
C GLY B 237 -5.19 22.04 19.99
N GLU B 238 -4.05 21.35 19.96
CA GLU B 238 -3.48 20.73 21.14
C GLU B 238 -2.46 21.65 21.81
N THR B 239 -2.06 21.27 23.02
CA THR B 239 -1.05 21.99 23.77
C THR B 239 0.28 21.26 23.71
N PHE B 240 1.36 22.04 23.71
CA PHE B 240 2.71 21.50 23.68
C PHE B 240 3.47 21.97 24.91
N SER B 241 4.46 21.19 25.32
CA SER B 241 5.24 21.47 26.51
C SER B 241 6.73 21.34 26.21
N ILE B 242 7.53 22.18 26.85
CA ILE B 242 8.98 22.16 26.75
C ILE B 242 9.56 22.15 28.16
N SER B 243 10.50 21.26 28.41
CA SER B 243 11.18 21.18 29.71
C SER B 243 12.40 22.08 29.66
N LEU B 244 12.40 23.16 30.44
CA LEU B 244 13.42 24.18 30.38
C LEU B 244 14.25 24.19 31.66
N SER B 245 15.56 24.39 31.49
CA SER B 245 16.47 24.65 32.59
C SER B 245 17.34 25.85 32.20
N SER B 246 18.12 26.33 33.16
CA SER B 246 18.98 27.48 32.89
C SER B 246 19.96 27.15 31.77
N GLY B 247 20.04 28.05 30.80
CA GLY B 247 20.87 27.85 29.63
C GLY B 247 20.13 27.35 28.41
N ALA B 248 18.88 26.91 28.56
CA ALA B 248 18.10 26.45 27.42
C ALA B 248 17.67 27.63 26.55
N VAL B 249 17.43 27.35 25.28
CA VAL B 249 17.05 28.37 24.30
C VAL B 249 15.89 27.83 23.47
N VAL B 250 15.08 28.74 22.95
CA VAL B 250 13.95 28.39 22.10
C VAL B 250 13.70 29.55 21.15
N ILE B 251 13.41 29.22 19.89
CA ILE B 251 13.05 30.22 18.89
C ILE B 251 11.54 30.46 18.99
N PRO B 252 11.10 31.63 19.43
CA PRO B 252 9.69 31.84 19.77
C PRO B 252 8.82 32.10 18.55
N THR B 253 8.73 31.11 17.67
CA THR B 253 7.94 31.23 16.45
C THR B 253 7.49 29.85 16.00
N ILE B 254 6.22 29.73 15.67
CA ILE B 254 5.69 28.51 15.06
C ILE B 254 5.65 28.73 13.55
N PHE B 255 6.39 27.91 12.81
CA PHE B 255 6.44 28.00 11.35
C PHE B 255 5.31 27.13 10.80
N CYS B 256 4.20 27.77 10.47
CA CYS B 256 2.98 27.04 10.12
C CYS B 256 3.14 26.27 8.82
N ASP B 257 2.43 25.15 8.74
CA ASP B 257 2.47 24.32 7.55
C ASP B 257 1.65 24.95 6.42
N GLY B 258 1.83 24.42 5.23
CA GLY B 258 1.14 24.91 4.06
C GLY B 258 2.05 24.77 2.85
N ASP B 259 1.87 25.68 1.89
CA ASP B 259 2.73 25.71 0.72
C ASP B 259 4.03 26.43 1.05
N PHE B 260 5.10 26.03 0.37
CA PHE B 260 6.39 26.69 0.51
C PHE B 260 7.00 26.93 -0.86
N ALA B 261 7.88 27.91 -0.93
CA ALA B 261 8.38 28.41 -2.20
C ALA B 261 9.18 27.35 -2.95
N VAL B 262 9.40 27.61 -4.23
CA VAL B 262 10.12 26.71 -5.13
C VAL B 262 11.43 27.37 -5.51
N THR B 263 12.52 26.63 -5.38
CA THR B 263 13.83 27.12 -5.77
C THR B 263 14.08 26.78 -7.23
N PRO B 264 14.21 27.77 -8.12
CA PRO B 264 14.38 27.47 -9.54
C PRO B 264 15.69 26.74 -9.81
N GLN B 265 15.62 25.72 -10.67
CA GLN B 265 16.79 24.97 -11.09
C GLN B 265 17.04 25.07 -12.59
N VAL B 266 16.20 25.77 -13.33
CA VAL B 266 16.35 25.96 -14.76
C VAL B 266 16.27 27.45 -15.06
N GLN B 267 16.33 27.78 -16.34
CA GLN B 267 16.29 29.18 -16.76
C GLN B 267 14.94 29.79 -16.43
N ILE B 268 14.96 31.00 -15.87
CA ILE B 268 13.74 31.74 -15.57
C ILE B 268 13.44 32.67 -16.72
N ASP B 269 12.24 32.57 -17.27
CA ASP B 269 11.84 33.37 -18.42
C ASP B 269 10.67 34.28 -18.03
N LYS B 270 10.85 35.57 -18.26
CA LYS B 270 9.76 36.52 -18.13
C LYS B 270 9.05 36.64 -19.48
N ASP B 271 8.08 37.55 -19.57
CA ASP B 271 7.25 37.70 -20.77
C ASP B 271 6.60 36.37 -21.14
N CYS B 272 6.20 35.62 -20.12
CA CYS B 272 5.57 34.32 -20.31
C CYS B 272 4.86 33.95 -19.02
N ALA B 273 3.58 33.62 -19.11
CA ALA B 273 2.75 33.38 -17.94
C ALA B 273 2.28 31.93 -17.90
N SER B 274 2.05 31.44 -16.68
CA SER B 274 1.52 30.11 -16.45
C SER B 274 0.94 30.08 -15.05
N ASP B 275 0.31 28.95 -14.70
CA ASP B 275 -0.33 28.81 -13.41
C ASP B 275 0.14 27.59 -12.62
N CYS B 276 0.97 26.73 -13.21
CA CYS B 276 1.51 25.57 -12.52
C CYS B 276 3.01 25.51 -12.78
N HIS B 277 3.80 25.58 -11.72
CA HIS B 277 5.25 25.60 -11.84
C HIS B 277 5.87 24.56 -10.93
N SER B 278 7.04 24.08 -11.34
CA SER B 278 7.84 23.18 -10.53
C SER B 278 9.29 23.69 -10.55
N ALA B 279 10.16 23.01 -9.82
CA ALA B 279 11.55 23.44 -9.76
C ALA B 279 12.29 23.25 -11.07
N TYR B 280 11.74 22.46 -12.00
CA TYR B 280 12.43 22.16 -13.25
C TYR B 280 11.62 22.59 -14.47
N GLY B 281 10.64 23.47 -14.29
CA GLY B 281 9.88 23.96 -15.42
C GLY B 281 8.40 24.12 -15.15
N SER B 282 7.70 24.86 -16.02
CA SER B 282 6.28 25.08 -15.87
C SER B 282 5.50 24.00 -16.63
N PHE B 283 4.18 24.09 -16.56
CA PHE B 283 3.29 23.13 -17.19
C PHE B 283 2.22 23.86 -17.98
N PRO B 284 1.68 23.22 -19.02
CA PRO B 284 0.65 23.87 -19.83
C PRO B 284 -0.63 24.14 -19.06
N ASN B 285 -1.35 25.17 -19.49
CA ASN B 285 -2.59 25.55 -18.84
C ASN B 285 -3.64 24.44 -18.98
N GLY B 286 -4.47 24.33 -17.95
CA GLY B 286 -5.65 23.45 -18.02
C GLY B 286 -5.33 21.99 -18.21
N SER B 287 -4.33 21.47 -17.50
CA SER B 287 -3.99 20.06 -17.57
C SER B 287 -4.74 19.29 -16.49
N SER B 288 -5.24 18.11 -16.88
CA SER B 288 -5.92 17.26 -15.90
C SER B 288 -4.91 16.61 -14.96
N PHE B 289 -3.75 16.23 -15.48
CA PHE B 289 -2.67 15.69 -14.67
C PHE B 289 -1.36 16.22 -15.22
N ILE B 290 -0.32 16.16 -14.40
CA ILE B 290 1.01 16.63 -14.78
C ILE B 290 2.01 15.50 -14.52
N ILE B 291 2.99 15.36 -15.40
CA ILE B 291 4.03 14.36 -15.24
C ILE B 291 5.11 14.92 -14.31
N HIS B 292 4.98 14.63 -13.02
CA HIS B 292 5.89 15.14 -12.01
C HIS B 292 6.24 14.01 -11.05
N HIS B 293 7.42 14.10 -10.45
CA HIS B 293 7.90 13.07 -9.54
C HIS B 293 7.68 13.43 -8.08
N SER B 294 6.95 14.49 -7.79
CA SER B 294 6.71 14.92 -6.43
C SER B 294 5.40 15.68 -6.37
N VAL B 295 4.98 16.02 -5.16
CA VAL B 295 3.76 16.79 -4.94
C VAL B 295 4.06 18.25 -4.66
N HIS B 296 5.32 18.67 -4.77
CA HIS B 296 5.72 20.04 -4.47
C HIS B 296 5.59 20.88 -5.74
N THR B 297 4.69 21.86 -5.70
CA THR B 297 4.48 22.77 -6.82
C THR B 297 3.89 24.06 -6.29
N VAL B 298 3.93 25.10 -7.11
CA VAL B 298 3.37 26.40 -6.77
C VAL B 298 2.30 26.75 -7.79
N GLY B 299 1.34 27.56 -7.36
CA GLY B 299 0.21 27.90 -8.19
C GLY B 299 -0.90 26.88 -8.08
N SER B 300 -1.80 26.93 -9.05
CA SER B 300 -2.92 25.98 -9.13
C SER B 300 -2.48 24.79 -9.97
N CYS B 301 -2.28 23.65 -9.33
CA CYS B 301 -1.73 22.49 -10.00
C CYS B 301 -2.62 21.27 -9.80
N PRO B 302 -2.74 20.43 -10.83
CA PRO B 302 -3.52 19.20 -10.70
C PRO B 302 -2.69 18.11 -10.06
N PRO B 303 -3.27 16.92 -9.82
CA PRO B 303 -2.48 15.81 -9.29
C PRO B 303 -1.40 15.38 -10.28
N SER B 304 -0.34 14.79 -9.75
CA SER B 304 0.83 14.42 -10.53
C SER B 304 0.93 12.91 -10.66
N ILE B 305 1.41 12.47 -11.83
CA ILE B 305 1.65 11.06 -12.13
C ILE B 305 3.06 10.91 -12.66
N LEU B 306 3.56 9.67 -12.59
CA LEU B 306 4.95 9.40 -12.95
C LEU B 306 5.16 9.13 -14.43
N ARG B 307 4.11 8.77 -15.18
CA ARG B 307 4.26 8.53 -16.61
C ARG B 307 2.93 8.80 -17.29
N ASN B 308 2.99 8.97 -18.61
CA ASN B 308 1.84 9.34 -19.40
C ASN B 308 1.14 8.12 -20.00
N PHE B 309 -0.12 8.30 -20.36
CA PHE B 309 -0.93 7.24 -20.93
C PHE B 309 -1.76 7.80 -22.08
N ASP B 310 -2.16 6.91 -22.98
CA ASP B 310 -2.89 7.29 -24.18
C ASP B 310 -4.39 7.04 -24.01
N VAL B 311 -5.20 8.00 -24.45
CA VAL B 311 -6.65 7.88 -24.42
C VAL B 311 -7.19 8.16 -25.82
N ILE B 312 -8.33 7.55 -26.13
CA ILE B 312 -8.87 7.62 -27.48
C ILE B 312 -9.44 9.01 -27.76
N ASP B 313 -9.18 9.52 -28.96
CA ASP B 313 -9.68 10.81 -29.40
C ASP B 313 -10.51 10.75 -30.67
N GLY B 314 -10.56 9.60 -31.34
CA GLY B 314 -11.39 9.46 -32.53
C GLY B 314 -12.39 8.35 -32.39
N TYR B 315 -12.33 7.36 -33.27
CA TYR B 315 -13.21 6.21 -33.18
C TYR B 315 -12.48 4.98 -33.72
N GLU B 316 -12.98 3.80 -33.36
CA GLU B 316 -12.35 2.56 -33.77
C GLU B 316 -12.48 2.35 -35.27
N ALA B 317 -11.44 1.80 -35.88
CA ALA B 317 -11.41 1.54 -37.31
C ALA B 317 -11.84 0.09 -37.54
N THR B 318 -13.16 -0.10 -37.63
CA THR B 318 -13.72 -1.44 -37.81
C THR B 318 -14.01 -1.69 -39.29
N TRP B 319 -12.92 -1.77 -40.06
CA TRP B 319 -13.01 -2.05 -41.49
C TRP B 319 -11.69 -2.66 -41.94
N GLU B 320 -11.72 -3.24 -43.14
CA GLU B 320 -10.54 -3.88 -43.70
C GLU B 320 -9.39 -2.89 -43.90
N PHE B 335 -16.54 -4.73 -51.72
CA PHE B 335 -17.41 -5.28 -50.68
C PHE B 335 -17.51 -4.34 -49.49
N PHE B 336 -18.74 -4.04 -49.08
CA PHE B 336 -18.95 -3.14 -47.95
C PHE B 336 -18.48 -3.81 -46.66
N THR B 337 -17.72 -3.06 -45.86
CA THR B 337 -17.18 -3.57 -44.60
C THR B 337 -17.37 -2.57 -43.46
N GLY B 338 -18.37 -1.70 -43.56
CA GLY B 338 -18.64 -0.70 -42.55
C GLY B 338 -18.07 0.66 -42.85
N GLY B 339 -17.12 0.76 -43.77
CA GLY B 339 -16.53 2.02 -44.14
C GLY B 339 -17.12 2.62 -45.39
N ILE B 340 -16.96 3.93 -45.54
CA ILE B 340 -17.46 4.67 -46.68
C ILE B 340 -16.27 5.29 -47.40
N GLN B 341 -16.12 4.98 -48.69
CA GLN B 341 -14.97 5.47 -49.44
C GLN B 341 -15.06 6.97 -49.67
N GLY B 342 -16.24 7.49 -49.98
CA GLY B 342 -16.37 8.89 -50.32
C GLY B 342 -16.05 9.78 -49.12
N ALA B 343 -15.40 10.91 -49.41
CA ALA B 343 -15.06 11.86 -48.36
C ALA B 343 -16.30 12.62 -47.89
N ILE B 344 -16.43 12.75 -46.58
CA ILE B 344 -17.55 13.48 -45.97
C ILE B 344 -17.03 14.35 -44.83
N ASP B 345 -17.82 15.35 -44.48
CA ASP B 345 -17.48 16.27 -43.41
C ASP B 345 -18.13 15.81 -42.10
N GLY B 346 -17.59 14.72 -41.57
CA GLY B 346 -18.11 14.17 -40.34
C GLY B 346 -17.52 12.79 -40.09
N TRP B 347 -18.10 12.10 -39.11
CA TRP B 347 -17.66 10.75 -38.75
C TRP B 347 -18.60 9.68 -39.28
N TYR B 348 -19.85 10.00 -39.55
CA TYR B 348 -20.83 9.04 -40.04
C TYR B 348 -21.46 9.56 -41.32
N GLY B 349 -21.94 8.63 -42.14
CA GLY B 349 -22.49 9.02 -43.43
C GLY B 349 -23.37 7.95 -44.04
N VAL B 350 -24.08 8.39 -45.08
CA VAL B 350 -24.96 7.54 -45.88
C VAL B 350 -24.51 7.63 -47.33
N THR B 351 -24.38 6.49 -47.99
CA THR B 351 -23.91 6.44 -49.37
C THR B 351 -24.76 5.46 -50.17
N ASN B 352 -24.60 5.53 -51.49
CA ASN B 352 -25.21 4.59 -52.43
C ASN B 352 -24.17 4.08 -53.41
N HIS B 353 -22.96 3.84 -52.93
CA HIS B 353 -21.82 3.42 -53.75
C HIS B 353 -21.49 4.42 -54.84
N ASP B 354 -21.98 5.65 -54.72
CA ASP B 354 -21.66 6.73 -55.64
C ASP B 354 -20.90 7.81 -54.86
N THR B 355 -19.72 8.16 -55.34
CA THR B 355 -18.84 9.09 -54.65
C THR B 355 -18.85 10.44 -55.36
N GLY B 356 -18.84 11.51 -54.56
CA GLY B 356 -18.71 12.85 -55.07
C GLY B 356 -19.90 13.75 -54.76
N LYS B 357 -21.12 13.27 -54.95
CA LYS B 357 -22.28 14.02 -54.49
C LYS B 357 -23.33 13.16 -53.80
N GLY B 358 -23.39 11.86 -54.08
CA GLY B 358 -24.38 10.97 -53.53
C GLY B 358 -24.10 10.44 -52.14
N THR B 359 -23.01 10.89 -51.51
CA THR B 359 -22.67 10.52 -50.15
C THR B 359 -22.93 11.72 -49.26
N ALA B 360 -23.76 11.54 -48.23
CA ALA B 360 -24.14 12.60 -47.32
C ALA B 360 -23.84 12.20 -45.89
N ALA B 361 -23.35 13.15 -45.11
CA ALA B 361 -22.98 12.90 -43.71
C ALA B 361 -24.05 13.46 -42.79
N ASP B 362 -24.16 12.86 -41.60
CA ASP B 362 -25.09 13.29 -40.57
C ASP B 362 -24.30 13.79 -39.37
N GLN B 363 -24.59 15.03 -38.96
CA GLN B 363 -23.87 15.64 -37.85
C GLN B 363 -24.34 15.15 -36.49
N THR B 364 -25.52 14.55 -36.41
CA THR B 364 -26.07 14.13 -35.13
C THR B 364 -25.20 13.06 -34.47
N SER B 365 -24.84 12.03 -35.23
CA SER B 365 -24.02 10.95 -34.68
C SER B 365 -22.64 11.44 -34.28
N THR B 366 -22.03 12.30 -35.10
CA THR B 366 -20.72 12.84 -34.77
C THR B 366 -20.78 13.67 -33.49
N GLN B 367 -21.80 14.51 -33.36
CA GLN B 367 -21.96 15.31 -32.15
C GLN B 367 -22.15 14.42 -30.93
N LYS B 368 -22.95 13.36 -31.07
CA LYS B 368 -23.16 12.44 -29.96
C LYS B 368 -21.86 11.76 -29.56
N ALA B 369 -21.06 11.34 -30.54
CA ALA B 369 -19.80 10.66 -30.23
C ALA B 369 -18.83 11.61 -29.51
N VAL B 370 -18.73 12.85 -29.97
CA VAL B 370 -17.84 13.81 -29.32
C VAL B 370 -18.30 14.07 -27.90
N GLU B 371 -19.61 14.24 -27.70
CA GLU B 371 -20.13 14.46 -26.35
C GLU B 371 -19.84 13.26 -25.45
N ALA B 372 -19.96 12.05 -26.00
CA ALA B 372 -19.68 10.85 -25.22
C ALA B 372 -18.22 10.83 -24.77
N ILE B 373 -17.31 11.15 -25.68
CA ILE B 373 -15.89 11.18 -25.33
C ILE B 373 -15.66 12.19 -24.19
N THR B 374 -16.23 13.39 -24.34
CA THR B 374 -16.03 14.43 -23.34
C THR B 374 -16.56 13.99 -21.97
N ASN B 375 -17.78 13.44 -21.94
CA ASN B 375 -18.39 13.06 -20.68
C ASN B 375 -17.62 11.94 -19.99
N LYS B 376 -17.20 10.92 -20.77
CA LYS B 376 -16.44 9.84 -20.17
C LYS B 376 -15.12 10.32 -19.60
N LEU B 377 -14.43 11.21 -20.34
CA LEU B 377 -13.17 11.75 -19.82
C LEU B 377 -13.39 12.54 -18.54
N ASN B 378 -14.46 13.34 -18.49
CA ASN B 378 -14.73 14.11 -17.28
C ASN B 378 -15.00 13.21 -16.09
N GLU B 379 -15.78 12.14 -16.29
CA GLU B 379 -16.05 11.21 -15.20
C GLU B 379 -14.76 10.55 -14.72
N ALA B 380 -13.89 10.18 -15.66
CA ALA B 380 -12.61 9.59 -15.29
C ALA B 380 -11.77 10.54 -14.45
N ILE B 381 -11.71 11.82 -14.86
CA ILE B 381 -10.91 12.79 -14.11
C ILE B 381 -11.48 12.97 -12.70
N GLU B 382 -12.81 12.97 -12.58
CA GLU B 382 -13.41 13.06 -11.26
C GLU B 382 -13.04 11.87 -10.39
N ASN B 383 -13.09 10.65 -10.96
CA ASN B 383 -12.70 9.47 -10.20
C ASN B 383 -11.25 9.54 -9.77
N GLY B 384 -10.36 9.99 -10.65
CA GLY B 384 -8.96 10.13 -10.30
C GLY B 384 -8.74 11.13 -9.19
N ASN B 385 -9.46 12.25 -9.23
CA ASN B 385 -9.34 13.24 -8.16
C ASN B 385 -9.82 12.67 -6.83
N GLN B 386 -10.92 11.91 -6.85
CA GLN B 386 -11.40 11.29 -5.62
C GLN B 386 -10.37 10.32 -5.06
N ARG B 387 -9.76 9.51 -5.92
CA ARG B 387 -8.74 8.56 -5.45
C ARG B 387 -7.53 9.30 -4.89
N TYR B 388 -7.13 10.40 -5.52
CA TYR B 388 -6.02 11.20 -5.01
C TYR B 388 -6.32 11.74 -3.63
N ASN B 389 -7.54 12.28 -3.44
CA ASN B 389 -7.93 12.80 -2.14
C ASN B 389 -7.94 11.70 -1.09
N GLN B 390 -8.42 10.51 -1.45
CA GLN B 390 -8.40 9.39 -0.50
C GLN B 390 -6.98 8.99 -0.14
N LEU B 391 -6.08 9.01 -1.13
CA LEU B 391 -4.71 8.58 -0.88
C LEU B 391 -3.95 9.57 0.00
N TYR B 392 -4.14 10.87 -0.23
CA TYR B 392 -3.34 11.87 0.48
C TYR B 392 -4.08 12.55 1.61
N GLY B 393 -5.41 12.57 1.58
CA GLY B 393 -6.16 13.21 2.64
C GLY B 393 -6.73 14.54 2.21
N LEU B 394 -7.89 14.88 2.78
CA LEU B 394 -8.55 16.13 2.43
C LEU B 394 -7.81 17.34 3.01
N ALA B 395 -7.38 17.24 4.27
CA ALA B 395 -6.67 18.32 4.94
C ALA B 395 -5.20 17.99 4.91
N ARG B 396 -4.53 18.36 3.82
CA ARG B 396 -3.13 18.05 3.62
C ARG B 396 -2.38 19.34 3.28
N THR B 397 -1.10 19.38 3.64
CA THR B 397 -0.22 20.48 3.31
C THR B 397 1.06 19.93 2.69
N GLN B 398 1.59 20.65 1.72
CA GLN B 398 2.80 20.19 1.04
C GLN B 398 3.98 20.16 1.99
N ALA B 399 4.08 21.15 2.88
CA ALA B 399 5.20 21.21 3.81
C ALA B 399 5.23 19.99 4.72
N GLU B 400 4.08 19.59 5.26
CA GLU B 400 4.05 18.44 6.15
C GLU B 400 4.42 17.17 5.42
N LEU B 401 3.89 16.96 4.22
CA LEU B 401 4.21 15.75 3.46
C LEU B 401 5.69 15.68 3.12
N LEU B 402 6.25 16.80 2.64
CA LEU B 402 7.66 16.80 2.27
C LEU B 402 8.56 16.62 3.49
N GLY B 403 8.19 17.23 4.62
CA GLY B 403 8.97 17.05 5.83
C GLY B 403 8.92 15.64 6.36
N ASN B 404 7.75 15.00 6.31
CA ASN B 404 7.63 13.64 6.77
C ASN B 404 8.35 12.68 5.84
N LEU B 405 8.44 13.01 4.55
CA LEU B 405 9.20 12.17 3.63
C LEU B 405 10.68 12.15 4.01
N GLY B 406 11.22 13.30 4.40
CA GLY B 406 12.61 13.33 4.84
C GLY B 406 13.56 13.28 3.66
N LYS B 407 14.62 12.47 3.81
CA LYS B 407 15.60 12.32 2.75
C LYS B 407 15.16 11.36 1.66
N GLU B 408 14.02 10.69 1.83
CA GLU B 408 13.54 9.75 0.82
C GLU B 408 13.00 10.53 -0.39
N VAL B 409 13.41 10.11 -1.58
CA VAL B 409 13.01 10.76 -2.82
C VAL B 409 11.95 9.99 -3.57
N ASN B 410 11.59 8.79 -3.11
CA ASN B 410 10.60 7.95 -3.76
C ASN B 410 9.33 7.92 -2.91
N ASP B 411 8.22 8.33 -3.50
CA ASP B 411 6.93 8.33 -2.84
C ASP B 411 6.11 7.16 -3.39
N LEU B 412 5.73 6.24 -2.51
CA LEU B 412 4.98 5.06 -2.95
C LEU B 412 3.55 5.41 -3.32
N ARG B 413 2.97 6.43 -2.68
CA ARG B 413 1.62 6.86 -3.02
C ARG B 413 1.54 7.32 -4.47
N LEU B 414 2.61 7.93 -4.99
CA LEU B 414 2.63 8.30 -6.40
C LEU B 414 2.58 7.07 -7.30
N GLU B 415 3.30 6.01 -6.93
CA GLU B 415 3.25 4.78 -7.72
C GLU B 415 1.86 4.17 -7.70
N THR B 416 1.23 4.14 -6.52
CA THR B 416 -0.14 3.63 -6.44
C THR B 416 -1.09 4.45 -7.29
N PHE B 417 -0.96 5.78 -7.24
CA PHE B 417 -1.83 6.64 -8.03
C PHE B 417 -1.61 6.43 -9.52
N THR B 418 -0.35 6.25 -9.94
CA THR B 418 -0.07 6.04 -11.35
C THR B 418 -0.68 4.73 -11.84
N GLU B 419 -0.57 3.67 -11.03
CA GLU B 419 -1.21 2.41 -11.41
C GLU B 419 -2.72 2.56 -11.51
N PHE B 420 -3.32 3.27 -10.55
CA PHE B 420 -4.75 3.52 -10.61
C PHE B 420 -5.14 4.29 -11.87
N ILE B 421 -4.32 5.28 -12.25
CA ILE B 421 -4.64 6.08 -13.43
C ILE B 421 -4.52 5.26 -14.69
N ARG B 422 -3.54 4.35 -14.75
CA ARG B 422 -3.44 3.46 -15.91
C ARG B 422 -4.68 2.59 -16.04
N LEU B 423 -5.12 2.00 -14.93
CA LEU B 423 -6.34 1.19 -14.97
C LEU B 423 -7.55 2.02 -15.39
N GLU B 424 -7.63 3.25 -14.87
CA GLU B 424 -8.75 4.13 -15.23
C GLU B 424 -8.74 4.46 -16.72
N THR B 425 -7.56 4.69 -17.29
CA THR B 425 -7.49 4.99 -18.71
C THR B 425 -7.96 3.81 -19.55
N ILE B 426 -7.57 2.59 -19.16
CA ILE B 426 -8.06 1.40 -19.86
C ILE B 426 -9.58 1.34 -19.80
N LEU B 427 -10.14 1.58 -18.60
CA LEU B 427 -11.59 1.54 -18.44
C LEU B 427 -12.28 2.59 -19.30
N VAL B 428 -11.67 3.78 -19.41
CA VAL B 428 -12.26 4.85 -20.21
C VAL B 428 -12.28 4.47 -21.68
N ASN B 429 -11.20 3.90 -22.18
CA ASN B 429 -11.19 3.45 -23.56
C ASN B 429 -12.31 2.44 -23.82
N THR B 430 -12.45 1.48 -22.89
CA THR B 430 -13.52 0.49 -23.05
C THR B 430 -14.90 1.14 -23.07
N ARG B 431 -15.15 2.06 -22.13
CA ARG B 431 -16.46 2.68 -22.04
C ARG B 431 -16.77 3.52 -23.27
N ILE B 432 -15.79 4.26 -23.77
CA ILE B 432 -16.02 5.10 -24.96
C ILE B 432 -16.32 4.23 -26.17
N ILE B 433 -15.58 3.14 -26.34
CA ILE B 433 -15.84 2.26 -27.48
C ILE B 433 -17.24 1.67 -27.40
N GLU B 434 -17.65 1.22 -26.21
CA GLU B 434 -18.98 0.66 -26.07
C GLU B 434 -20.07 1.70 -26.36
N GLU B 435 -19.88 2.94 -25.88
CA GLU B 435 -20.85 3.98 -26.15
C GLU B 435 -20.97 4.28 -27.63
N HIS B 436 -19.83 4.31 -28.34
CA HIS B 436 -19.87 4.51 -29.78
C HIS B 436 -20.63 3.39 -30.47
N GLN B 437 -20.39 2.15 -30.05
CA GLN B 437 -21.12 1.02 -30.62
C GLN B 437 -22.62 1.15 -30.40
N ALA B 438 -23.01 1.56 -29.18
CA ALA B 438 -24.42 1.74 -28.90
C ALA B 438 -25.04 2.82 -29.76
N ILE B 439 -24.31 3.93 -29.96
CA ILE B 439 -24.83 5.00 -30.81
C ILE B 439 -25.03 4.49 -32.24
N GLY B 440 -24.05 3.75 -32.76
CA GLY B 440 -24.18 3.22 -34.11
C GLY B 440 -25.35 2.26 -34.25
N SER B 441 -25.53 1.38 -33.27
CA SER B 441 -26.64 0.43 -33.34
C SER B 441 -27.98 1.14 -33.27
N LYS B 442 -28.09 2.16 -32.41
CA LYS B 442 -29.33 2.92 -32.32
C LYS B 442 -29.63 3.64 -33.63
N LYS B 443 -28.60 4.21 -34.26
CA LYS B 443 -28.80 4.88 -35.54
C LYS B 443 -29.26 3.89 -36.61
N LYS B 444 -28.66 2.70 -36.64
CA LYS B 444 -29.08 1.69 -37.61
C LYS B 444 -30.52 1.27 -37.39
N GLU B 445 -30.91 1.07 -36.13
CA GLU B 445 -32.29 0.69 -35.84
C GLU B 445 -33.26 1.80 -36.25
N GLU B 446 -32.91 3.06 -35.99
CA GLU B 446 -33.77 4.16 -36.38
C GLU B 446 -33.92 4.23 -37.90
N VAL B 447 -32.82 4.02 -38.63
CA VAL B 447 -32.89 4.04 -40.09
C VAL B 447 -33.79 2.90 -40.59
N LYS B 448 -33.64 1.72 -40.01
CA LYS B 448 -34.48 0.59 -40.41
C LYS B 448 -35.95 0.87 -40.14
N ARG B 449 -36.25 1.47 -38.98
CA ARG B 449 -37.63 1.82 -38.67
C ARG B 449 -38.18 2.83 -39.65
N LEU B 450 -37.38 3.85 -39.99
CA LEU B 450 -37.86 4.91 -40.87
C LEU B 450 -38.07 4.40 -42.29
N LEU B 451 -37.21 3.48 -42.74
CA LEU B 451 -37.26 3.04 -44.14
C LEU B 451 -38.59 2.37 -44.46
N GLY B 452 -38.87 1.24 -43.82
CA GLY B 452 -40.09 0.52 -44.07
C GLY B 452 -39.91 -0.99 -44.13
N PRO B 453 -40.99 -1.74 -43.97
CA PRO B 453 -40.88 -3.21 -43.94
C PRO B 453 -40.74 -3.85 -45.31
N ASN B 454 -41.02 -3.12 -46.40
CA ASN B 454 -40.99 -3.74 -47.71
C ASN B 454 -39.60 -4.22 -48.09
N ALA B 455 -38.58 -3.40 -47.82
CA ALA B 455 -37.22 -3.77 -48.19
C ALA B 455 -36.66 -4.81 -47.22
N LEU B 456 -35.52 -5.37 -47.59
CA LEU B 456 -34.86 -6.41 -46.81
C LEU B 456 -33.49 -5.92 -46.37
N ASP B 457 -33.02 -6.47 -45.25
CA ASP B 457 -31.75 -6.09 -44.64
C ASP B 457 -30.72 -7.18 -44.87
N LEU B 458 -29.54 -6.78 -45.33
CA LEU B 458 -28.45 -7.72 -45.55
C LEU B 458 -27.66 -8.02 -44.30
N GLY B 459 -27.99 -7.38 -43.17
CA GLY B 459 -27.32 -7.65 -41.92
C GLY B 459 -25.96 -7.01 -41.76
N ASN B 460 -25.61 -6.04 -42.61
CA ASN B 460 -24.32 -5.39 -42.50
C ASN B 460 -24.41 -3.87 -42.69
N GLY B 461 -25.57 -3.28 -42.38
CA GLY B 461 -25.76 -1.86 -42.55
C GLY B 461 -26.18 -1.41 -43.93
N CYS B 462 -26.30 -2.32 -44.88
CA CYS B 462 -26.71 -1.99 -46.24
C CYS B 462 -28.12 -2.49 -46.48
N PHE B 463 -28.97 -1.61 -47.01
CA PHE B 463 -30.36 -1.91 -47.29
C PHE B 463 -30.59 -1.92 -48.79
N ASN B 464 -31.16 -3.01 -49.29
CA ASN B 464 -31.57 -3.12 -50.69
C ASN B 464 -33.04 -2.75 -50.83
N LEU B 465 -33.31 -1.75 -51.67
CA LEU B 465 -34.67 -1.26 -51.86
C LEU B 465 -35.34 -1.97 -53.03
N THR B 466 -36.67 -1.96 -53.02
CA THR B 466 -37.45 -2.51 -54.12
C THR B 466 -37.41 -1.62 -55.36
N HIS B 467 -37.01 -0.37 -55.21
CA HIS B 467 -36.91 0.59 -56.30
C HIS B 467 -35.47 1.07 -56.41
N THR B 468 -35.24 2.03 -57.31
CA THR B 468 -33.93 2.65 -57.43
C THR B 468 -33.85 3.88 -56.55
N CYS B 469 -32.69 4.08 -55.93
CA CYS B 469 -32.43 5.22 -55.06
C CYS B 469 -31.39 6.10 -55.75
N ASP B 470 -31.84 7.23 -56.28
CA ASP B 470 -30.95 8.15 -56.98
C ASP B 470 -30.17 8.99 -55.96
N SER B 471 -29.46 9.99 -56.45
CA SER B 471 -28.64 10.82 -55.57
C SER B 471 -29.50 11.63 -54.61
N ASN B 472 -30.66 12.10 -55.07
CA ASN B 472 -31.55 12.86 -54.19
C ASN B 472 -32.19 11.97 -53.13
N CYS B 473 -32.44 10.70 -53.46
CA CYS B 473 -33.04 9.78 -52.50
C CYS B 473 -32.13 9.59 -51.29
N VAL B 474 -30.82 9.49 -51.53
CA VAL B 474 -29.87 9.34 -50.42
C VAL B 474 -29.90 10.57 -49.52
N ASN B 475 -29.90 11.76 -50.13
CA ASN B 475 -29.93 12.99 -49.34
C ASN B 475 -31.22 13.10 -48.54
N SER B 476 -32.34 12.63 -49.10
CA SER B 476 -33.61 12.69 -48.39
C SER B 476 -33.59 11.85 -47.12
N ILE B 477 -32.94 10.70 -47.16
CA ILE B 477 -32.86 9.83 -45.98
C ILE B 477 -32.09 10.52 -44.86
N SER B 478 -31.02 11.24 -45.21
CA SER B 478 -30.12 11.78 -44.19
C SER B 478 -30.83 12.77 -43.27
N ARG B 479 -31.61 13.69 -43.83
CA ARG B 479 -32.30 14.66 -43.00
C ARG B 479 -33.61 14.14 -42.43
N GLY B 480 -33.99 12.91 -42.75
CA GLY B 480 -35.15 12.28 -42.15
C GLY B 480 -36.48 12.68 -42.75
N THR B 481 -36.50 13.49 -43.80
CA THR B 481 -37.73 13.89 -44.47
C THR B 481 -38.12 12.93 -45.59
N TYR B 482 -37.47 11.75 -45.64
CA TYR B 482 -37.75 10.78 -46.70
C TYR B 482 -39.18 10.29 -46.63
N THR B 483 -39.83 10.22 -47.79
CA THR B 483 -41.17 9.68 -47.90
C THR B 483 -41.20 8.62 -49.00
N ARG B 484 -42.07 7.63 -48.83
CA ARG B 484 -42.11 6.49 -49.72
C ARG B 484 -42.97 6.72 -50.97
N GLU B 485 -43.84 7.73 -50.94
CA GLU B 485 -44.85 7.87 -51.99
C GLU B 485 -44.22 8.10 -53.36
N ASN B 486 -43.19 8.95 -53.43
CA ASN B 486 -42.64 9.34 -54.72
C ASN B 486 -41.62 8.36 -55.29
N TYR B 487 -41.31 7.28 -54.55
CA TYR B 487 -40.29 6.34 -54.99
C TYR B 487 -40.84 4.94 -55.25
N ILE B 488 -42.16 4.74 -55.15
CA ILE B 488 -42.73 3.42 -55.32
C ILE B 488 -42.55 2.91 -56.74
N HIS B 489 -42.49 3.83 -57.72
CA HIS B 489 -42.48 3.44 -59.13
C HIS B 489 -41.29 2.54 -59.45
N ASN B 490 -41.51 1.67 -60.45
CA ASN B 490 -40.54 0.68 -60.91
C ASN B 490 -40.25 -0.38 -59.84
N VAL B 491 -39.85 -1.56 -60.27
CA VAL B 491 -39.61 -2.69 -59.37
C VAL B 491 -38.26 -3.31 -59.72
N THR B 492 -37.45 -3.55 -58.69
CA THR B 492 -36.16 -4.19 -58.88
C THR B 492 -35.76 -4.88 -57.58
N LEU B 493 -34.79 -5.79 -57.70
CA LEU B 493 -34.28 -6.53 -56.54
C LEU B 493 -32.76 -6.49 -56.50
N ASN C 1 -51.88 -15.93 -35.77
CA ASN C 1 -51.35 -14.88 -34.90
C ASN C 1 -49.86 -15.08 -34.65
N GLN C 2 -49.39 -14.60 -33.50
CA GLN C 2 -47.99 -14.70 -33.14
C GLN C 2 -47.87 -14.61 -31.63
N ILE C 3 -46.70 -15.02 -31.12
CA ILE C 3 -46.43 -14.99 -29.70
C ILE C 3 -45.07 -14.33 -29.46
N CYS C 4 -44.85 -13.90 -28.22
CA CYS C 4 -43.58 -13.30 -27.84
C CYS C 4 -43.24 -13.71 -26.42
N ILE C 5 -41.94 -13.74 -26.13
CA ILE C 5 -41.44 -14.07 -24.80
C ILE C 5 -40.49 -12.95 -24.36
N GLY C 6 -40.58 -12.57 -23.10
CA GLY C 6 -39.73 -11.49 -22.64
C GLY C 6 -39.84 -11.24 -21.16
N LYS C 7 -39.42 -10.05 -20.76
CA LYS C 7 -39.44 -9.62 -19.37
C LYS C 7 -40.70 -8.81 -19.08
N ALA C 8 -41.07 -8.77 -17.80
CA ALA C 8 -42.21 -7.98 -17.37
C ALA C 8 -41.79 -6.52 -17.21
N ILE C 9 -42.58 -5.61 -17.79
CA ILE C 9 -42.29 -4.20 -17.71
C ILE C 9 -42.54 -3.70 -16.29
N LYS C 10 -41.54 -3.05 -15.70
CA LYS C 10 -41.64 -2.49 -14.37
C LYS C 10 -40.94 -1.14 -14.36
N PRO C 11 -41.34 -0.24 -13.46
CA PRO C 11 -40.68 1.08 -13.40
C PRO C 11 -39.21 0.94 -13.06
N ILE C 12 -38.40 1.80 -13.67
CA ILE C 12 -36.95 1.79 -13.46
C ILE C 12 -36.65 2.38 -12.09
N ASN C 13 -35.95 1.63 -11.25
CA ASN C 13 -35.68 2.08 -9.89
C ASN C 13 -34.36 2.84 -9.78
N GLY C 14 -33.34 2.46 -10.53
CA GLY C 14 -32.09 3.17 -10.40
C GLY C 14 -31.10 2.77 -11.47
N THR C 15 -29.85 3.16 -11.24
CA THR C 15 -28.75 2.87 -12.15
C THR C 15 -27.59 2.29 -11.36
N VAL C 16 -27.00 1.21 -11.87
CA VAL C 16 -25.82 0.61 -11.27
C VAL C 16 -24.67 0.70 -12.27
N GLU C 17 -23.46 0.54 -11.77
CA GLU C 17 -22.26 0.68 -12.57
C GLU C 17 -21.65 -0.69 -12.82
N THR C 18 -21.46 -1.02 -14.10
CA THR C 18 -20.79 -2.24 -14.51
C THR C 18 -19.38 -1.89 -14.98
N VAL C 19 -18.68 -2.89 -15.52
CA VAL C 19 -17.30 -2.69 -15.92
C VAL C 19 -17.20 -1.67 -17.06
N SER C 20 -18.10 -1.78 -18.05
CA SER C 20 -17.98 -0.98 -19.26
C SER C 20 -19.12 -0.01 -19.49
N ARG C 21 -20.16 -0.03 -18.67
CA ARG C 21 -21.28 0.89 -18.87
C ARG C 21 -22.09 0.99 -17.59
N MET C 22 -23.05 1.91 -17.60
CA MET C 22 -24.01 2.06 -16.52
C MET C 22 -25.35 1.50 -16.97
N ALA C 23 -25.93 0.63 -16.15
CA ALA C 23 -27.14 -0.09 -16.52
C ALA C 23 -28.31 0.35 -15.64
N LYS C 24 -29.46 0.54 -16.28
CA LYS C 24 -30.68 0.88 -15.55
C LYS C 24 -31.36 -0.38 -15.06
N VAL C 25 -31.69 -0.41 -13.76
CA VAL C 25 -32.22 -1.60 -13.13
C VAL C 25 -33.50 -1.25 -12.38
N THR C 26 -34.35 -2.27 -12.21
CA THR C 26 -35.62 -2.16 -11.54
C THR C 26 -35.52 -2.31 -10.03
N GLY C 27 -34.33 -2.58 -9.49
CA GLY C 27 -34.16 -2.73 -8.07
C GLY C 27 -32.71 -2.91 -7.66
N MET C 28 -32.32 -2.25 -6.57
CA MET C 28 -30.94 -2.36 -6.08
C MET C 28 -30.94 -2.17 -4.58
N LYS C 29 -29.87 -2.65 -3.94
CA LYS C 29 -29.71 -2.54 -2.50
C LYS C 29 -28.27 -2.16 -2.21
N LYS C 30 -27.91 -2.16 -0.93
CA LYS C 30 -26.59 -1.73 -0.49
C LYS C 30 -25.85 -2.90 0.16
N VAL C 31 -24.54 -2.95 -0.07
CA VAL C 31 -23.74 -4.06 0.42
C VAL C 31 -23.59 -4.02 1.93
N GLY C 32 -23.35 -2.83 2.49
CA GLY C 32 -23.05 -2.70 3.89
C GLY C 32 -24.22 -2.23 4.73
N GLY C 33 -24.16 -2.54 6.03
CA GLY C 33 -25.16 -2.10 6.97
C GLY C 33 -24.78 -0.79 7.64
N GLU C 34 -25.79 0.00 7.97
CA GLU C 34 -25.60 1.33 8.52
C GLU C 34 -25.72 1.32 10.04
N ARG C 35 -24.94 2.20 10.67
CA ARG C 35 -24.94 2.32 12.12
C ARG C 35 -26.28 2.83 12.63
N MET C 36 -26.71 2.33 13.78
CA MET C 36 -27.93 2.79 14.41
C MET C 36 -27.62 3.96 15.35
N GLN C 37 -28.67 4.54 15.93
CA GLN C 37 -28.53 5.72 16.77
C GLN C 37 -28.37 5.38 18.25
N LYS C 38 -28.29 4.10 18.61
CA LYS C 38 -28.20 3.69 20.00
C LYS C 38 -27.45 2.38 20.08
N ILE C 39 -27.16 1.96 21.31
CA ILE C 39 -26.49 0.70 21.58
C ILE C 39 -27.50 -0.24 22.21
N CYS C 40 -27.71 -1.39 21.57
CA CYS C 40 -28.66 -2.38 22.05
C CYS C 40 -27.91 -3.35 22.96
N ALA C 41 -28.09 -3.21 24.27
CA ALA C 41 -27.32 -3.93 25.26
C ALA C 41 -28.20 -4.81 26.13
N LYS C 42 -29.22 -5.41 25.55
CA LYS C 42 -30.03 -6.37 26.29
C LYS C 42 -29.27 -7.67 26.47
N GLY C 43 -29.26 -8.20 27.69
CA GLY C 43 -28.53 -9.40 27.98
C GLY C 43 -27.04 -9.20 28.20
N GLU C 44 -26.57 -7.97 28.25
CA GLU C 44 -25.17 -7.66 28.49
C GLU C 44 -25.04 -6.83 29.76
N GLN C 45 -23.92 -7.02 30.45
CA GLN C 45 -23.61 -6.24 31.64
C GLN C 45 -22.74 -5.04 31.27
N ILE C 46 -22.91 -3.96 32.02
CA ILE C 46 -22.21 -2.71 31.78
C ILE C 46 -21.40 -2.36 33.02
N HIS C 47 -20.12 -2.04 32.82
CA HIS C 47 -19.23 -1.66 33.92
C HIS C 47 -19.01 -0.16 33.88
N ASP C 48 -19.15 0.48 35.03
CA ASP C 48 -18.96 1.93 35.13
C ASP C 48 -18.33 2.24 36.49
N SER C 49 -17.10 2.75 36.46
CA SER C 49 -16.41 3.14 37.69
C SER C 49 -15.74 4.50 37.52
N SER C 50 -16.34 5.39 36.75
CA SER C 50 -15.72 6.69 36.48
C SER C 50 -15.74 7.61 37.69
N SER C 51 -16.55 7.29 38.70
CA SER C 51 -16.64 8.16 39.87
C SER C 51 -15.70 7.76 41.00
N ALA C 52 -14.97 6.65 40.86
CA ALA C 52 -14.11 6.18 41.94
C ALA C 52 -12.72 5.74 41.50
N CYS C 53 -12.50 5.41 40.23
CA CYS C 53 -11.24 4.84 39.79
C CYS C 53 -10.73 5.56 38.55
N GLY C 54 -9.43 5.40 38.31
CA GLY C 54 -8.81 5.86 37.09
C GLY C 54 -8.19 4.68 36.34
N ILE C 55 -7.56 5.02 35.20
CA ILE C 55 -6.96 3.99 34.36
C ILE C 55 -5.78 3.34 35.08
N VAL C 56 -4.92 4.14 35.71
CA VAL C 56 -3.75 3.59 36.38
C VAL C 56 -4.16 2.75 37.58
N SER C 57 -5.23 3.16 38.28
CA SER C 57 -5.66 2.42 39.46
C SER C 57 -6.05 0.99 39.13
N HIS C 58 -6.53 0.74 37.91
CA HIS C 58 -6.91 -0.61 37.54
C HIS C 58 -5.70 -1.51 37.37
N HIS C 59 -4.61 -0.98 36.80
CA HIS C 59 -3.41 -1.79 36.60
C HIS C 59 -2.75 -2.16 37.91
N LEU C 60 -2.80 -1.27 38.89
CA LEU C 60 -2.14 -1.49 40.18
C LEU C 60 -3.01 -2.21 41.19
N LYS C 61 -4.21 -2.63 40.79
CA LYS C 61 -5.13 -3.37 41.66
C LYS C 61 -5.48 -2.58 42.92
N GLN C 62 -5.84 -1.32 42.72
CA GLN C 62 -6.30 -0.50 43.82
C GLN C 62 -7.62 -1.04 44.37
N GLU C 63 -7.86 -0.79 45.65
CA GLU C 63 -9.07 -1.29 46.31
C GLU C 63 -10.32 -0.77 45.63
N GLY C 64 -11.08 -1.67 45.00
CA GLY C 64 -12.30 -1.31 44.31
C GLY C 64 -12.16 -1.11 42.81
N CYS C 65 -10.97 -1.33 42.25
CA CYS C 65 -10.72 -1.16 40.82
C CYS C 65 -9.96 -2.39 40.34
N ASP C 66 -10.70 -3.42 39.90
CA ASP C 66 -10.09 -4.69 39.54
C ASP C 66 -10.70 -5.24 38.25
N PHE C 67 -10.88 -4.39 37.25
CA PHE C 67 -11.39 -4.88 35.97
C PHE C 67 -10.47 -5.90 35.32
N PRO C 68 -9.15 -5.69 35.22
CA PRO C 68 -8.31 -6.70 34.56
C PRO C 68 -8.21 -8.03 35.27
N PHE C 69 -8.83 -8.19 36.44
CA PHE C 69 -8.75 -9.43 37.20
C PHE C 69 -10.13 -10.02 37.48
N LEU C 70 -11.15 -9.56 36.77
CA LEU C 70 -12.49 -10.10 36.92
C LEU C 70 -12.62 -11.44 36.22
N LEU C 71 -13.44 -12.33 36.79
CA LEU C 71 -13.68 -13.62 36.17
C LEU C 71 -14.46 -13.47 34.87
N ASN C 72 -15.55 -12.70 34.90
CA ASN C 72 -16.34 -12.39 33.71
C ASN C 72 -16.23 -10.91 33.45
N LYS C 73 -15.78 -10.55 32.25
CA LYS C 73 -15.52 -9.16 31.91
C LYS C 73 -16.64 -8.62 31.04
N PRO C 74 -17.34 -7.57 31.45
CA PRO C 74 -18.40 -7.00 30.60
C PRO C 74 -17.82 -6.43 29.31
N LYS C 75 -18.63 -6.46 28.26
CA LYS C 75 -18.21 -5.94 26.96
C LYS C 75 -18.20 -4.42 26.91
N PHE C 76 -18.91 -3.74 27.81
CA PHE C 76 -18.95 -2.29 27.87
C PHE C 76 -18.36 -1.84 29.20
N ALA C 77 -17.43 -0.89 29.15
CA ALA C 77 -16.75 -0.45 30.36
C ALA C 77 -16.43 1.04 30.25
N THR C 78 -16.55 1.73 31.38
CA THR C 78 -16.23 3.15 31.48
C THR C 78 -15.47 3.39 32.77
N THR C 79 -14.53 4.33 32.74
CA THR C 79 -13.73 4.66 33.92
C THR C 79 -13.25 6.10 33.77
N GLY C 80 -12.57 6.58 34.81
CA GLY C 80 -12.08 7.95 34.83
C GLY C 80 -10.98 8.18 33.82
N PRO C 81 -10.64 9.45 33.58
CA PRO C 81 -9.62 9.77 32.59
C PRO C 81 -8.22 9.35 33.02
N MET C 82 -7.24 9.52 32.13
CA MET C 82 -5.89 9.06 32.39
C MET C 82 -5.25 9.81 33.56
N ASN C 83 -5.53 11.10 33.68
CA ASN C 83 -4.92 11.93 34.72
C ASN C 83 -5.64 11.83 36.06
N THR C 84 -6.43 10.79 36.28
CA THR C 84 -7.09 10.62 37.57
C THR C 84 -6.08 10.16 38.62
N SER C 85 -6.11 10.81 39.78
CA SER C 85 -5.19 10.47 40.84
C SER C 85 -5.58 9.15 41.50
N THR C 86 -4.60 8.51 42.13
CA THR C 86 -4.81 7.30 42.90
C THR C 86 -4.66 7.60 44.39
N THR C 87 -4.97 6.61 45.21
CA THR C 87 -4.81 6.72 46.65
C THR C 87 -3.44 6.25 47.12
N GLY C 88 -2.61 5.76 46.22
CA GLY C 88 -1.27 5.32 46.58
C GLY C 88 -0.25 6.41 46.40
N PHE C 89 0.78 6.15 45.60
CA PHE C 89 1.82 7.14 45.35
C PHE C 89 1.51 7.92 44.07
N ASN C 90 2.28 8.98 43.86
CA ASN C 90 2.16 9.73 42.62
C ASN C 90 2.74 8.91 41.47
N PHE C 91 2.30 9.21 40.25
CA PHE C 91 2.74 8.40 39.11
C PHE C 91 3.08 9.29 37.92
N TYR C 92 3.93 8.76 37.06
CA TYR C 92 4.29 9.38 35.79
C TYR C 92 4.36 8.30 34.73
N LEU C 93 3.82 8.59 33.55
CA LEU C 93 3.79 7.65 32.44
C LEU C 93 4.34 8.31 31.19
N THR C 94 5.10 7.55 30.41
CA THR C 94 5.58 8.04 29.13
C THR C 94 4.43 8.05 28.12
N GLU C 95 4.69 8.65 26.95
CA GLU C 95 3.66 8.73 25.92
C GLU C 95 3.28 7.35 25.41
N LYS C 96 4.27 6.48 25.20
CA LYS C 96 3.99 5.11 24.80
C LYS C 96 3.18 4.38 25.88
N ALA C 97 3.55 4.59 27.14
CA ALA C 97 2.82 3.97 28.23
C ALA C 97 1.38 4.46 28.28
N LYS C 98 1.16 5.75 28.05
CA LYS C 98 -0.21 6.28 28.02
C LYS C 98 -1.01 5.65 26.89
N SER C 99 -0.40 5.56 25.70
CA SER C 99 -1.10 5.00 24.56
C SER C 99 -1.48 3.55 24.79
N TRP C 100 -0.58 2.77 25.40
CA TRP C 100 -0.91 1.36 25.64
C TRP C 100 -1.83 1.16 26.84
N MET C 101 -1.76 2.04 27.84
CA MET C 101 -2.65 1.93 28.99
C MET C 101 -4.08 2.35 28.64
N ASN C 102 -4.25 3.16 27.59
CA ASN C 102 -5.60 3.45 27.13
C ASN C 102 -6.33 2.19 26.70
N ILE C 103 -5.60 1.12 26.38
CA ILE C 103 -6.19 -0.11 25.89
C ILE C 103 -6.11 -1.24 26.90
N THR C 104 -4.96 -1.40 27.56
CA THR C 104 -4.70 -2.61 28.34
C THR C 104 -5.55 -2.74 29.59
N TRP C 105 -6.21 -1.67 30.04
CA TRP C 105 -7.01 -1.79 31.25
C TRP C 105 -8.33 -2.51 31.02
N ARG C 106 -8.73 -2.70 29.76
CA ARG C 106 -10.04 -3.27 29.46
C ARG C 106 -9.96 -4.46 28.51
N VAL C 107 -8.82 -5.17 28.46
CA VAL C 107 -8.72 -6.35 27.62
C VAL C 107 -9.59 -7.46 28.18
N LEU C 108 -10.28 -8.17 27.31
CA LEU C 108 -11.27 -9.15 27.71
C LEU C 108 -10.70 -10.55 27.88
N GLY C 109 -9.41 -10.75 27.65
CA GLY C 109 -8.78 -12.04 27.80
C GLY C 109 -8.41 -12.33 29.24
N GLU C 110 -7.57 -13.34 29.41
CA GLU C 110 -7.06 -13.73 30.72
C GLU C 110 -5.61 -13.29 30.84
N ASN C 111 -5.30 -12.58 31.93
CA ASN C 111 -3.97 -12.04 32.15
C ASN C 111 -3.12 -13.02 32.95
N LYS C 112 -1.82 -13.01 32.66
CA LYS C 112 -0.87 -13.93 33.28
C LYS C 112 -0.01 -13.18 34.29
N ASP C 113 0.18 -13.78 35.45
CA ASP C 113 0.95 -13.20 36.55
C ASP C 113 2.25 -13.97 36.74
N PHE C 114 3.33 -13.23 37.02
CA PHE C 114 4.62 -13.85 37.26
C PHE C 114 5.33 -13.23 38.47
N GLY C 115 4.53 -12.70 39.41
CA GLY C 115 5.12 -12.15 40.62
C GLY C 115 5.79 -13.18 41.51
N ASP C 116 5.23 -14.40 41.56
CA ASP C 116 5.82 -15.43 42.39
C ASP C 116 7.21 -15.82 41.91
N ASN C 117 7.41 -15.86 40.59
CA ASN C 117 8.74 -16.14 40.06
C ASN C 117 9.75 -15.09 40.50
N LEU C 118 9.36 -13.81 40.44
CA LEU C 118 10.24 -12.75 40.90
C LEU C 118 10.54 -12.88 42.39
N VAL C 119 9.51 -13.20 43.19
CA VAL C 119 9.71 -13.33 44.63
C VAL C 119 10.67 -14.46 44.94
N GLU C 120 10.51 -15.60 44.29
CA GLU C 120 11.38 -16.73 44.58
C GLU C 120 12.79 -16.51 44.03
N LYS C 121 12.92 -15.75 42.93
CA LYS C 121 14.25 -15.49 42.39
C LYS C 121 15.03 -14.49 43.21
N TYR C 122 14.40 -13.41 43.65
CA TYR C 122 15.12 -12.30 44.27
C TYR C 122 14.68 -11.97 45.69
N GLY C 123 13.76 -12.74 46.27
CA GLY C 123 13.33 -12.47 47.63
C GLY C 123 12.10 -11.58 47.69
N GLU C 124 11.72 -11.25 48.92
CA GLU C 124 10.54 -10.45 49.16
C GLU C 124 10.70 -9.04 48.59
N SER C 125 9.60 -8.49 48.11
CA SER C 125 9.61 -7.16 47.51
C SER C 125 9.81 -6.09 48.58
N GLY C 126 10.30 -4.94 48.14
CA GLY C 126 10.43 -3.81 49.05
C GLY C 126 9.08 -3.32 49.52
N ALA C 127 9.06 -2.79 50.74
CA ALA C 127 7.82 -2.41 51.39
C ALA C 127 7.83 -0.93 51.73
N THR C 128 6.71 -0.26 51.45
CA THR C 128 6.51 1.12 51.85
C THR C 128 5.08 1.28 52.34
N SER C 129 4.89 2.18 53.30
CA SER C 129 3.57 2.40 53.88
C SER C 129 2.66 3.25 53.02
N GLU C 130 3.20 3.92 52.00
CA GLU C 130 2.40 4.76 51.12
C GLU C 130 1.66 3.98 50.04
N GLY C 131 1.91 2.68 49.93
CA GLY C 131 1.25 1.87 48.93
C GLY C 131 0.47 0.73 49.54
N ALA C 132 -0.16 0.97 50.69
CA ALA C 132 -0.94 -0.08 51.34
C ALA C 132 -2.20 -0.42 50.56
N THR C 133 -2.77 0.57 49.87
CA THR C 133 -4.00 0.32 49.10
C THR C 133 -3.74 -0.47 47.82
N LEU C 134 -2.60 -0.27 47.18
CA LEU C 134 -2.29 -0.95 45.94
C LEU C 134 -1.60 -2.28 46.21
N LYS C 135 -1.71 -3.18 45.25
CA LYS C 135 -1.22 -4.55 45.45
C LYS C 135 -0.29 -5.03 44.34
N ASN C 136 -0.53 -4.63 43.09
CA ASN C 136 0.11 -5.26 41.94
C ASN C 136 1.37 -4.49 41.55
N TYR C 137 2.43 -4.70 42.33
CA TYR C 137 3.74 -4.16 41.98
C TYR C 137 4.81 -4.91 42.74
N TYR C 138 5.98 -5.05 42.11
CA TYR C 138 7.14 -5.66 42.73
C TYR C 138 8.26 -4.63 42.76
N TRP C 139 8.80 -4.37 43.96
CA TRP C 139 9.86 -3.39 44.16
C TRP C 139 11.16 -4.12 44.46
N TYR C 140 12.14 -3.98 43.58
CA TYR C 140 13.40 -4.70 43.70
C TYR C 140 14.36 -3.86 44.54
N VAL C 141 14.54 -4.23 45.80
CA VAL C 141 15.47 -3.57 46.70
C VAL C 141 16.36 -4.61 47.35
N PRO C 142 17.47 -4.99 46.74
CA PRO C 142 18.34 -6.01 47.32
C PRO C 142 19.09 -5.48 48.52
N THR C 143 19.70 -6.41 49.27
CA THR C 143 20.47 -6.04 50.44
C THR C 143 21.73 -5.28 50.06
N ALA C 144 22.44 -5.73 49.03
CA ALA C 144 23.63 -5.07 48.54
C ALA C 144 23.26 -4.24 47.31
N LYS C 145 23.45 -2.94 47.39
CA LYS C 145 23.02 -2.03 46.34
C LYS C 145 24.22 -1.47 45.58
N PRO C 146 24.06 -1.17 44.28
CA PRO C 146 22.84 -1.33 43.48
C PRO C 146 22.52 -2.78 43.12
N GLY C 147 23.56 -3.61 43.00
CA GLY C 147 23.40 -5.01 42.70
C GLY C 147 22.61 -5.27 41.44
N PRO C 148 23.17 -4.91 40.28
CA PRO C 148 22.44 -5.09 39.02
C PRO C 148 22.28 -6.56 38.68
N VAL C 149 21.12 -6.89 38.08
CA VAL C 149 20.84 -8.22 37.59
C VAL C 149 20.08 -8.09 36.27
N VAL C 150 19.95 -9.22 35.57
CA VAL C 150 19.13 -9.31 34.37
C VAL C 150 18.14 -10.44 34.57
N TYR C 151 16.85 -10.11 34.58
CA TYR C 151 15.80 -11.08 34.80
C TYR C 151 15.26 -11.53 33.45
N GLU C 152 15.32 -12.84 33.19
CA GLU C 152 14.85 -13.43 31.95
C GLU C 152 13.69 -14.37 32.25
N LYS C 153 12.67 -14.33 31.39
CA LYS C 153 11.54 -15.21 31.56
C LYS C 153 10.91 -15.53 30.22
N LEU C 154 10.43 -16.75 30.07
CA LEU C 154 9.71 -17.16 28.87
C LEU C 154 8.24 -16.77 29.01
N ALA C 155 7.74 -15.98 28.06
CA ALA C 155 6.39 -15.48 28.17
C ALA C 155 5.37 -16.58 27.91
N GLU C 156 4.16 -16.38 28.43
CA GLU C 156 3.06 -17.30 28.24
C GLU C 156 2.02 -16.78 27.26
N CYS C 157 2.06 -15.49 26.91
CA CYS C 157 1.12 -14.91 25.97
C CYS C 157 1.74 -13.66 25.38
N THR C 158 1.19 -13.25 24.23
CA THR C 158 1.62 -11.99 23.62
C THR C 158 0.91 -10.83 24.30
N GLY C 159 1.68 -9.83 24.72
CA GLY C 159 1.07 -8.73 25.45
C GLY C 159 2.08 -7.66 25.80
N THR C 160 1.70 -6.84 26.78
CA THR C 160 2.52 -5.73 27.23
C THR C 160 2.81 -5.87 28.72
N ILE C 161 3.96 -5.34 29.13
CA ILE C 161 4.42 -5.33 30.50
C ILE C 161 4.89 -3.93 30.85
N TYR C 162 4.47 -3.43 32.01
CA TYR C 162 4.85 -2.10 32.46
C TYR C 162 5.95 -2.20 33.50
N TYR C 163 7.05 -1.47 33.28
CA TYR C 163 8.21 -1.51 34.14
C TYR C 163 8.65 -0.07 34.42
N GLY C 164 9.73 0.08 35.19
CA GLY C 164 10.24 1.40 35.45
C GLY C 164 10.90 1.53 36.81
N ALA C 165 10.58 2.61 37.54
CA ALA C 165 11.18 2.81 38.85
C ALA C 165 10.14 3.37 39.82
N LEU C 166 10.46 3.27 41.10
CA LEU C 166 9.65 3.85 42.17
C LEU C 166 10.58 4.55 43.13
N LEU C 167 10.61 5.88 43.10
CA LEU C 167 11.63 6.64 43.81
C LEU C 167 10.99 7.80 44.57
N SER C 168 11.67 8.23 45.62
CA SER C 168 11.26 9.38 46.39
C SER C 168 11.83 10.66 45.77
N ASP C 169 11.22 11.79 46.12
CA ASP C 169 11.67 13.08 45.63
C ASP C 169 12.59 13.80 46.61
N ALA C 170 13.01 13.11 47.66
CA ALA C 170 13.98 13.64 48.61
C ALA C 170 15.32 12.95 48.42
N GLU C 171 16.40 13.71 48.62
CA GLU C 171 17.74 13.17 48.39
C GLU C 171 18.05 12.01 49.32
N ALA C 172 17.66 12.12 50.60
CA ALA C 172 17.97 11.08 51.57
C ALA C 172 17.31 9.77 51.20
N GLY C 173 16.01 9.81 50.85
CA GLY C 173 15.33 8.59 50.47
C GLY C 173 15.87 8.00 49.19
N TYR C 174 16.19 8.84 48.21
CA TYR C 174 16.75 8.34 46.95
C TYR C 174 18.08 7.65 47.20
N ILE C 175 18.95 8.23 48.02
CA ILE C 175 20.24 7.62 48.30
C ILE C 175 20.05 6.33 49.08
N ALA C 176 19.11 6.32 50.03
CA ALA C 176 18.89 5.12 50.84
C ALA C 176 18.35 3.98 50.00
N VAL C 177 17.53 4.26 49.00
CA VAL C 177 16.92 3.19 48.21
C VAL C 177 17.85 2.74 47.09
N THR C 178 18.34 3.68 46.28
CA THR C 178 19.13 3.29 45.11
C THR C 178 20.54 2.85 45.50
N GLY C 179 21.15 3.54 46.46
CA GLY C 179 22.54 3.29 46.78
C GLY C 179 23.52 3.87 45.79
N ARG C 180 23.09 4.78 44.93
CA ARG C 180 23.93 5.43 43.93
C ARG C 180 24.23 6.86 44.37
N ASN C 181 25.06 7.53 43.58
CA ASN C 181 25.32 8.95 43.77
C ASN C 181 24.32 9.77 42.96
N VAL C 182 24.00 10.96 43.49
CA VAL C 182 22.95 11.78 42.88
C VAL C 182 23.34 12.22 41.47
N THR C 183 24.63 12.39 41.20
CA THR C 183 25.07 12.86 39.90
C THR C 183 25.05 11.77 38.83
N GLU C 184 24.88 10.52 39.21
CA GLU C 184 24.87 9.42 38.25
C GLU C 184 23.54 9.33 37.51
N ARG C 185 23.61 8.88 36.27
CA ARG C 185 22.44 8.57 35.47
C ARG C 185 22.43 7.08 35.19
N TRP C 186 21.31 6.41 35.46
CA TRP C 186 21.21 4.98 35.24
C TRP C 186 19.99 4.66 34.40
N ASP C 187 19.94 3.44 33.87
CA ASP C 187 18.92 3.04 32.93
C ASP C 187 18.25 1.75 33.38
N VAL C 188 17.00 1.60 32.98
CA VAL C 188 16.28 0.34 33.05
C VAL C 188 15.87 -0.01 31.62
N ARG C 189 16.25 -1.21 31.18
CA ARG C 189 16.09 -1.63 29.80
C ARG C 189 15.24 -2.89 29.72
N PHE C 190 14.42 -2.96 28.67
CA PHE C 190 13.51 -4.06 28.44
C PHE C 190 13.73 -4.59 27.02
N THR C 191 13.95 -5.89 26.90
CA THR C 191 14.17 -6.53 25.61
C THR C 191 13.16 -7.65 25.44
N GLY C 192 12.20 -7.45 24.54
CA GLY C 192 11.23 -8.46 24.20
C GLY C 192 11.05 -8.57 22.70
N SER C 193 9.82 -8.41 22.23
CA SER C 193 9.59 -8.29 20.79
C SER C 193 10.26 -7.05 20.22
N SER C 194 10.49 -6.04 21.04
CA SER C 194 11.21 -4.83 20.64
C SER C 194 12.10 -4.43 21.80
N GLU C 195 12.66 -3.22 21.72
CA GLU C 195 13.56 -2.71 22.75
C GLU C 195 12.99 -1.43 23.34
N SER C 196 13.10 -1.30 24.66
CA SER C 196 12.67 -0.08 25.35
C SER C 196 13.65 0.23 26.46
N SER C 197 13.70 1.50 26.84
CA SER C 197 14.62 1.93 27.89
C SER C 197 14.07 3.19 28.56
N ILE C 198 14.52 3.42 29.79
CA ILE C 198 14.14 4.63 30.52
C ILE C 198 15.28 4.99 31.47
N SER C 199 15.49 6.29 31.66
CA SER C 199 16.63 6.80 32.41
C SER C 199 16.17 7.51 33.68
N PHE C 200 17.02 7.44 34.71
CA PHE C 200 16.75 8.04 36.00
C PHE C 200 18.03 8.65 36.56
N SER C 201 17.84 9.60 37.48
CA SER C 201 18.93 10.27 38.16
C SER C 201 18.43 10.78 39.50
N GLY C 202 19.22 11.63 40.15
CA GLY C 202 18.86 12.18 41.43
C GLY C 202 17.71 13.16 41.34
N PRO C 203 17.06 13.42 42.47
CA PRO C 203 15.87 14.30 42.44
C PRO C 203 16.15 15.70 41.96
N LYS C 204 17.37 16.20 42.14
CA LYS C 204 17.74 17.54 41.71
C LYS C 204 18.49 17.56 40.39
N GLN C 205 18.51 16.45 39.66
CA GLN C 205 19.20 16.33 38.40
C GLN C 205 18.23 15.87 37.31
N SER C 206 18.57 16.17 36.07
CA SER C 206 17.77 15.72 34.95
C SER C 206 17.95 14.21 34.75
N PRO C 207 16.90 13.50 34.32
CA PRO C 207 15.55 13.98 34.01
C PRO C 207 14.55 13.84 35.16
N MET C 208 15.04 13.51 36.36
CA MET C 208 14.13 13.23 37.47
C MET C 208 13.35 14.46 37.89
N GLU C 209 13.95 15.65 37.77
CA GLU C 209 13.23 16.88 38.12
C GLU C 209 12.00 17.07 37.22
N GLU C 210 12.15 16.78 35.93
CA GLU C 210 11.01 16.86 35.03
C GLU C 210 9.93 15.84 35.39
N TYR C 211 10.35 14.64 35.80
CA TYR C 211 9.38 13.65 36.27
C TYR C 211 8.62 14.17 37.49
N ILE C 212 9.32 14.80 38.42
CA ILE C 212 8.67 15.34 39.62
C ILE C 212 7.67 16.42 39.23
N ILE C 213 8.07 17.32 38.33
CA ILE C 213 7.19 18.43 37.95
C ILE C 213 5.95 17.92 37.23
N LYS C 214 6.14 16.96 36.32
CA LYS C 214 5.05 16.48 35.47
C LYS C 214 4.20 15.40 36.11
N SER C 215 4.53 14.96 37.32
CA SER C 215 3.83 13.85 37.94
C SER C 215 2.41 14.23 38.33
N VAL C 216 1.55 13.22 38.40
CA VAL C 216 0.17 13.40 38.84
C VAL C 216 0.11 13.14 40.35
N ARG C 217 -0.25 14.17 41.11
CA ARG C 217 -0.22 14.06 42.56
C ARG C 217 -1.36 13.18 43.07
N SER C 218 -1.09 12.47 44.16
CA SER C 218 -2.06 11.55 44.73
C SER C 218 -3.06 12.29 45.62
N SER C 219 -4.09 11.56 46.05
CA SER C 219 -5.11 12.16 46.92
C SER C 219 -4.51 12.55 48.26
N VAL C 220 -3.66 11.71 48.82
CA VAL C 220 -2.98 12.04 50.07
C VAL C 220 -1.80 12.96 49.75
N ASP C 221 -1.74 14.11 50.41
CA ASP C 221 -0.74 15.12 50.11
C ASP C 221 0.58 14.89 50.81
N THR C 222 0.68 13.88 51.68
CA THR C 222 1.92 13.59 52.38
C THR C 222 2.75 12.51 51.70
N VAL C 223 2.30 12.02 50.55
CA VAL C 223 3.01 10.96 49.85
C VAL C 223 4.12 11.57 49.00
N ARG C 224 5.35 11.06 49.17
CA ARG C 224 6.51 11.55 48.45
C ARG C 224 6.96 10.65 47.31
N ASN C 225 6.49 9.41 47.26
CA ASN C 225 6.97 8.46 46.27
C ASN C 225 6.29 8.68 44.91
N ILE C 226 7.09 8.57 43.86
CA ILE C 226 6.61 8.65 42.49
C ILE C 226 7.02 7.37 41.78
N ILE C 227 6.06 6.76 41.09
CA ILE C 227 6.30 5.56 40.29
C ILE C 227 6.29 6.00 38.82
N ILE C 228 7.42 5.80 38.15
CA ILE C 228 7.61 6.21 36.76
C ILE C 228 7.60 4.95 35.92
N LEU C 229 6.72 4.90 34.92
CA LEU C 229 6.45 3.67 34.20
C LEU C 229 6.60 3.85 32.69
N ASP C 230 7.20 2.84 32.06
CA ASP C 230 7.25 2.68 30.61
C ASP C 230 6.72 1.29 30.28
N SER C 231 6.53 1.04 28.98
CA SER C 231 5.91 -0.20 28.53
C SER C 231 6.83 -0.96 27.58
N GLY C 232 6.65 -2.29 27.56
CA GLY C 232 7.35 -3.13 26.62
C GLY C 232 6.45 -4.25 26.15
N ARG C 233 6.82 -4.85 25.03
CA ARG C 233 6.00 -5.85 24.37
C ARG C 233 6.68 -7.21 24.38
N VAL C 234 5.89 -8.27 24.56
CA VAL C 234 6.39 -9.63 24.63
C VAL C 234 5.56 -10.52 23.71
N LYS C 235 6.22 -11.50 23.09
CA LYS C 235 5.60 -12.49 22.24
C LYS C 235 5.40 -13.79 23.00
N LYS C 236 4.51 -14.64 22.48
CA LYS C 236 4.05 -15.80 23.23
C LYS C 236 5.17 -16.81 23.46
N GLY C 237 5.87 -17.20 22.41
CA GLY C 237 6.85 -18.26 22.54
C GLY C 237 8.26 -17.85 22.92
N GLU C 238 8.55 -16.56 22.90
CA GLU C 238 9.91 -16.06 23.11
C GLU C 238 10.12 -15.68 24.57
N THR C 239 11.38 -15.40 24.90
CA THR C 239 11.77 -14.96 26.23
C THR C 239 12.06 -13.46 26.21
N PHE C 240 11.76 -12.82 27.32
CA PHE C 240 12.02 -11.39 27.49
C PHE C 240 12.94 -11.18 28.69
N SER C 241 13.68 -10.07 28.65
CA SER C 241 14.65 -9.74 29.68
C SER C 241 14.46 -8.31 30.15
N ILE C 242 14.68 -8.09 31.45
CA ILE C 242 14.63 -6.77 32.05
C ILE C 242 15.91 -6.56 32.85
N SER C 243 16.56 -5.42 32.64
CA SER C 243 17.78 -5.07 33.38
C SER C 243 17.37 -4.32 34.65
N LEU C 244 17.60 -4.93 35.81
CA LEU C 244 17.13 -4.41 37.07
C LEU C 244 18.28 -3.96 37.95
N SER C 245 18.07 -2.85 38.65
CA SER C 245 18.96 -2.37 39.69
C SER C 245 18.11 -2.00 40.90
N SER C 246 18.79 -1.67 42.01
CA SER C 246 18.07 -1.31 43.23
C SER C 246 17.21 -0.09 42.99
N GLY C 247 15.95 -0.18 43.39
CA GLY C 247 14.98 0.87 43.17
C GLY C 247 14.07 0.67 41.98
N ALA C 248 14.38 -0.28 41.11
CA ALA C 248 13.55 -0.54 39.94
C ALA C 248 12.24 -1.21 40.37
N VAL C 249 11.21 -1.01 39.54
CA VAL C 249 9.88 -1.54 39.80
C VAL C 249 9.34 -2.16 38.53
N VAL C 250 8.44 -3.14 38.70
CA VAL C 250 7.79 -3.81 37.58
C VAL C 250 6.43 -4.28 38.05
N ILE C 251 5.43 -4.13 37.19
CA ILE C 251 4.08 -4.64 37.45
C ILE C 251 4.06 -6.10 36.99
N PRO C 252 3.92 -7.06 37.89
CA PRO C 252 4.13 -8.48 37.53
C PRO C 252 2.90 -9.11 36.90
N THR C 253 2.51 -8.59 35.74
CA THR C 253 1.36 -9.11 35.02
C THR C 253 1.54 -8.84 33.54
N ILE C 254 1.25 -9.84 32.71
CA ILE C 254 1.22 -9.67 31.26
C ILE C 254 -0.22 -9.46 30.85
N PHE C 255 -0.49 -8.32 30.22
CA PHE C 255 -1.84 -8.00 29.76
C PHE C 255 -1.99 -8.54 28.34
N CYS C 256 -2.59 -9.72 28.22
CA CYS C 256 -2.62 -10.44 26.96
C CYS C 256 -3.46 -9.71 25.92
N ASP C 257 -3.04 -9.84 24.67
CA ASP C 257 -3.76 -9.22 23.56
C ASP C 257 -5.06 -9.97 23.27
N GLY C 258 -5.92 -9.33 22.51
CA GLY C 258 -7.21 -9.87 22.16
C GLY C 258 -8.21 -8.75 21.97
N ASP C 259 -9.47 -9.05 22.27
CA ASP C 259 -10.51 -8.04 22.24
C ASP C 259 -10.50 -7.25 23.53
N PHE C 260 -10.92 -5.99 23.45
CA PHE C 260 -11.05 -5.14 24.62
C PHE C 260 -12.37 -4.38 24.56
N ALA C 261 -12.84 -3.99 25.73
CA ALA C 261 -14.20 -3.47 25.89
C ALA C 261 -14.37 -2.17 25.12
N VAL C 262 -15.64 -1.81 24.91
CA VAL C 262 -16.02 -0.61 24.17
C VAL C 262 -16.63 0.37 25.16
N THR C 263 -16.16 1.62 25.11
CA THR C 263 -16.69 2.67 25.97
C THR C 263 -17.86 3.35 25.26
N PRO C 264 -19.08 3.26 25.76
CA PRO C 264 -20.22 3.84 25.05
C PRO C 264 -20.12 5.36 24.98
N GLN C 265 -20.40 5.90 23.78
CA GLN C 265 -20.44 7.34 23.57
C GLN C 265 -21.82 7.85 23.20
N VAL C 266 -22.81 6.96 23.09
CA VAL C 266 -24.18 7.33 22.76
C VAL C 266 -25.10 6.73 23.81
N GLN C 267 -26.40 6.92 23.63
CA GLN C 267 -27.38 6.43 24.58
C GLN C 267 -27.41 4.91 24.58
N ILE C 268 -27.43 4.32 25.78
CA ILE C 268 -27.51 2.87 25.93
C ILE C 268 -28.96 2.49 26.12
N ASP C 269 -29.45 1.58 25.28
CA ASP C 269 -30.84 1.15 25.31
C ASP C 269 -30.91 -0.33 25.64
N LYS C 270 -31.68 -0.66 26.68
CA LYS C 270 -31.99 -2.03 27.01
C LYS C 270 -33.27 -2.44 26.26
N ASP C 271 -33.76 -3.63 26.52
CA ASP C 271 -34.92 -4.19 25.81
C ASP C 271 -34.70 -4.15 24.30
N CYS C 272 -33.46 -4.42 23.89
CA CYS C 272 -33.08 -4.42 22.48
C CYS C 272 -31.77 -5.17 22.36
N ALA C 273 -31.73 -6.15 21.47
CA ALA C 273 -30.59 -7.05 21.34
C ALA C 273 -29.94 -6.90 19.97
N SER C 274 -28.64 -7.18 19.93
CA SER C 274 -27.87 -7.17 18.69
C SER C 274 -26.61 -7.98 18.93
N ASP C 275 -25.83 -8.17 17.87
CA ASP C 275 -24.61 -8.96 17.95
C ASP C 275 -23.37 -8.21 17.47
N CYS C 276 -23.51 -6.99 16.98
CA CYS C 276 -22.39 -6.18 16.54
C CYS C 276 -22.57 -4.77 17.09
N HIS C 277 -21.63 -4.33 17.91
CA HIS C 277 -21.71 -3.02 18.55
C HIS C 277 -20.42 -2.25 18.34
N SER C 278 -20.55 -0.92 18.38
CA SER C 278 -19.41 -0.02 18.34
C SER C 278 -19.62 1.07 19.38
N ALA C 279 -18.64 1.96 19.50
CA ALA C 279 -18.74 3.03 20.49
C ALA C 279 -19.81 4.05 20.16
N TYR C 280 -20.32 4.06 18.93
CA TYR C 280 -21.30 5.06 18.49
C TYR C 280 -22.59 4.42 18.01
N GLY C 281 -22.84 3.15 18.33
CA GLY C 281 -24.07 2.51 17.96
C GLY C 281 -23.92 1.07 17.51
N SER C 282 -25.04 0.35 17.45
CA SER C 282 -25.03 -1.04 17.03
C SER C 282 -25.29 -1.13 15.53
N PHE C 283 -25.26 -2.36 15.01
CA PHE C 283 -25.45 -2.62 13.59
C PHE C 283 -26.50 -3.70 13.41
N PRO C 284 -27.20 -3.70 12.27
CA PRO C 284 -28.24 -4.70 12.04
C PRO C 284 -27.69 -6.11 11.95
N ASN C 285 -28.53 -7.08 12.27
CA ASN C 285 -28.14 -8.48 12.24
C ASN C 285 -27.82 -8.93 10.83
N GLY C 286 -26.87 -9.85 10.72
CA GLY C 286 -26.59 -10.51 9.46
C GLY C 286 -26.09 -9.60 8.35
N SER C 287 -25.22 -8.66 8.68
CA SER C 287 -24.65 -7.77 7.68
C SER C 287 -23.36 -8.36 7.13
N SER C 288 -23.20 -8.27 5.81
CA SER C 288 -21.98 -8.74 5.19
C SER C 288 -20.82 -7.80 5.48
N PHE C 289 -21.09 -6.49 5.50
CA PHE C 289 -20.11 -5.49 5.87
C PHE C 289 -20.80 -4.41 6.69
N ILE C 290 -20.01 -3.65 7.43
CA ILE C 290 -20.52 -2.57 8.27
C ILE C 290 -19.78 -1.28 7.92
N ILE C 291 -20.50 -0.16 7.92
CA ILE C 291 -19.90 1.13 7.66
C ILE C 291 -19.27 1.67 8.94
N HIS C 292 -17.99 1.39 9.13
CA HIS C 292 -17.27 1.78 10.34
C HIS C 292 -15.91 2.33 9.95
N HIS C 293 -15.36 3.21 10.78
CA HIS C 293 -14.09 3.85 10.53
C HIS C 293 -12.94 3.19 11.28
N SER C 294 -13.17 2.05 11.90
CA SER C 294 -12.12 1.36 12.64
C SER C 294 -12.45 -0.13 12.69
N VAL C 295 -11.51 -0.90 13.23
CA VAL C 295 -11.69 -2.35 13.38
C VAL C 295 -12.07 -2.72 14.80
N HIS C 296 -12.31 -1.74 15.67
CA HIS C 296 -12.64 -2.00 17.07
C HIS C 296 -14.15 -2.17 17.21
N THR C 297 -14.57 -3.37 17.59
CA THR C 297 -15.97 -3.68 17.81
C THR C 297 -16.07 -4.85 18.77
N VAL C 298 -17.26 -5.05 19.31
CA VAL C 298 -17.52 -6.16 20.23
C VAL C 298 -18.62 -7.02 19.64
N GLY C 299 -18.62 -8.29 20.04
CA GLY C 299 -19.55 -9.25 19.47
C GLY C 299 -19.03 -9.84 18.18
N SER C 300 -19.95 -10.47 17.44
CA SER C 300 -19.63 -11.06 16.15
C SER C 300 -19.86 -10.01 15.07
N CYS C 301 -18.78 -9.51 14.48
CA CYS C 301 -18.88 -8.42 13.54
C CYS C 301 -18.18 -8.76 12.23
N PRO C 302 -18.71 -8.28 11.11
CA PRO C 302 -18.07 -8.51 9.82
C PRO C 302 -17.01 -7.45 9.55
N PRO C 303 -16.29 -7.55 8.44
CA PRO C 303 -15.31 -6.50 8.10
C PRO C 303 -16.00 -5.16 7.88
N SER C 304 -15.24 -4.09 8.08
CA SER C 304 -15.75 -2.73 8.01
C SER C 304 -15.22 -2.01 6.79
N ILE C 305 -16.06 -1.15 6.21
CA ILE C 305 -15.70 -0.32 5.07
C ILE C 305 -16.07 1.12 5.39
N LEU C 306 -15.47 2.04 4.65
CA LEU C 306 -15.63 3.47 4.93
C LEU C 306 -16.83 4.09 4.25
N ARG C 307 -17.37 3.47 3.20
CA ARG C 307 -18.55 4.01 2.53
C ARG C 307 -19.31 2.86 1.87
N ASN C 308 -20.57 3.14 1.54
CA ASN C 308 -21.48 2.13 1.01
C ASN C 308 -21.49 2.13 -0.51
N PHE C 309 -21.96 1.02 -1.08
CA PHE C 309 -22.03 0.84 -2.52
C PHE C 309 -23.33 0.14 -2.88
N ASP C 310 -23.73 0.29 -4.13
CA ASP C 310 -25.00 -0.24 -4.62
C ASP C 310 -24.77 -1.50 -5.45
N VAL C 311 -25.61 -2.50 -5.20
CA VAL C 311 -25.56 -3.76 -5.93
C VAL C 311 -26.95 -4.04 -6.48
N ILE C 312 -26.99 -4.76 -7.61
CA ILE C 312 -28.25 -4.97 -8.31
C ILE C 312 -29.12 -5.96 -7.54
N ASP C 313 -30.42 -5.69 -7.49
CA ASP C 313 -31.38 -6.56 -6.84
C ASP C 313 -32.52 -7.00 -7.74
N GLY C 314 -32.64 -6.43 -8.94
CA GLY C 314 -33.67 -6.84 -9.88
C GLY C 314 -33.07 -7.32 -11.18
N TYR C 315 -33.43 -6.67 -12.28
CA TYR C 315 -32.88 -7.00 -13.58
C TYR C 315 -32.83 -5.74 -14.43
N GLU C 316 -32.00 -5.79 -15.48
CA GLU C 316 -31.81 -4.64 -16.34
C GLU C 316 -33.06 -4.35 -17.15
N ALA C 317 -33.35 -3.06 -17.35
CA ALA C 317 -34.51 -2.62 -18.10
C ALA C 317 -34.09 -2.38 -19.55
N THR C 318 -34.12 -3.45 -20.34
CA THR C 318 -33.72 -3.39 -21.75
C THR C 318 -34.94 -3.20 -22.63
N TRP C 319 -35.58 -2.04 -22.47
CA TRP C 319 -36.74 -1.68 -23.28
C TRP C 319 -36.85 -0.17 -23.33
N GLU C 320 -37.68 0.32 -24.25
CA GLU C 320 -37.89 1.75 -24.42
C GLU C 320 -38.46 2.40 -23.18
N PHE C 335 -44.84 -1.49 -30.95
CA PHE C 335 -43.68 -2.27 -31.40
C PHE C 335 -43.02 -3.00 -30.23
N PHE C 336 -42.82 -4.30 -30.40
CA PHE C 336 -42.20 -5.10 -29.35
C PHE C 336 -40.74 -4.70 -29.16
N THR C 337 -40.33 -4.52 -27.91
CA THR C 337 -38.97 -4.11 -27.59
C THR C 337 -38.38 -4.92 -26.44
N GLY C 338 -38.88 -6.14 -26.24
CA GLY C 338 -38.41 -7.00 -25.18
C GLY C 338 -39.25 -6.99 -23.93
N GLY C 339 -40.11 -5.98 -23.77
CA GLY C 339 -40.97 -5.88 -22.61
C GLY C 339 -42.37 -6.38 -22.89
N ILE C 340 -43.08 -6.72 -21.81
CA ILE C 340 -44.45 -7.21 -21.88
C ILE C 340 -45.33 -6.24 -21.12
N GLN C 341 -46.33 -5.67 -21.79
CA GLN C 341 -47.20 -4.69 -21.17
C GLN C 341 -48.06 -5.31 -20.08
N GLY C 342 -48.58 -6.51 -20.33
CA GLY C 342 -49.50 -7.12 -19.38
C GLY C 342 -48.82 -7.45 -18.06
N ALA C 343 -49.56 -7.27 -16.97
CA ALA C 343 -49.03 -7.56 -15.65
C ALA C 343 -48.95 -9.06 -15.43
N ILE C 344 -47.82 -9.52 -14.89
CA ILE C 344 -47.60 -10.94 -14.61
C ILE C 344 -46.99 -11.07 -13.23
N ASP C 345 -47.14 -12.27 -12.66
CA ASP C 345 -46.60 -12.58 -11.34
C ASP C 345 -45.24 -13.26 -11.49
N GLY C 346 -44.27 -12.47 -11.91
CA GLY C 346 -42.93 -12.98 -12.12
C GLY C 346 -42.08 -11.96 -12.86
N TRP C 347 -40.91 -12.42 -13.30
CA TRP C 347 -39.99 -11.58 -14.05
C TRP C 347 -40.01 -11.85 -15.54
N TYR C 348 -40.43 -13.03 -15.97
CA TYR C 348 -40.46 -13.40 -17.38
C TYR C 348 -41.85 -13.89 -17.74
N GLY C 349 -42.18 -13.78 -19.02
CA GLY C 349 -43.52 -14.14 -19.44
C GLY C 349 -43.63 -14.36 -20.93
N VAL C 350 -44.77 -14.94 -21.31
CA VAL C 350 -45.14 -15.21 -22.70
C VAL C 350 -46.48 -14.54 -22.96
N THR C 351 -46.57 -13.82 -24.07
CA THR C 351 -47.78 -13.07 -24.40
C THR C 351 -48.09 -13.24 -25.89
N ASN C 352 -49.30 -12.84 -26.26
CA ASN C 352 -49.75 -12.80 -27.65
C ASN C 352 -50.40 -11.46 -27.95
N HIS C 353 -49.83 -10.39 -27.42
CA HIS C 353 -50.35 -9.03 -27.55
C HIS C 353 -51.77 -8.90 -27.00
N ASP C 354 -52.20 -9.86 -26.19
CA ASP C 354 -53.49 -9.80 -25.49
C ASP C 354 -53.22 -9.73 -24.01
N THR C 355 -53.77 -8.71 -23.35
CA THR C 355 -53.52 -8.44 -21.95
C THR C 355 -54.74 -8.83 -21.12
N GLY C 356 -54.48 -9.43 -19.96
CA GLY C 356 -55.53 -9.75 -19.01
C GLY C 356 -55.67 -11.24 -18.72
N LYS C 357 -55.66 -12.07 -19.75
CA LYS C 357 -55.67 -13.52 -19.53
C LYS C 357 -54.70 -14.26 -20.44
N GLY C 358 -54.37 -13.74 -21.61
CA GLY C 358 -53.49 -14.40 -22.56
C GLY C 358 -52.02 -14.23 -22.30
N THR C 359 -51.63 -13.58 -21.21
CA THR C 359 -50.23 -13.43 -20.82
C THR C 359 -49.97 -14.37 -19.66
N ALA C 360 -48.96 -15.23 -19.81
CA ALA C 360 -48.62 -16.21 -18.78
C ALA C 360 -47.15 -16.09 -18.44
N ALA C 361 -46.84 -16.23 -17.15
CA ALA C 361 -45.49 -16.11 -16.64
C ALA C 361 -44.90 -17.49 -16.34
N ASP C 362 -43.59 -17.58 -16.43
CA ASP C 362 -42.86 -18.81 -16.12
C ASP C 362 -42.00 -18.58 -14.89
N GLN C 363 -42.17 -19.43 -13.88
CA GLN C 363 -41.43 -19.26 -12.63
C GLN C 363 -39.99 -19.77 -12.72
N THR C 364 -39.69 -20.62 -13.72
CA THR C 364 -38.36 -21.21 -13.82
C THR C 364 -37.29 -20.14 -14.03
N SER C 365 -37.53 -19.23 -14.98
CA SER C 365 -36.55 -18.19 -15.27
C SER C 365 -36.37 -17.24 -14.09
N THR C 366 -37.47 -16.87 -13.43
CA THR C 366 -37.37 -15.99 -12.27
C THR C 366 -36.59 -16.66 -11.15
N GLN C 367 -36.86 -17.93 -10.89
CA GLN C 367 -36.12 -18.66 -9.86
C GLN C 367 -34.63 -18.72 -10.21
N LYS C 368 -34.31 -18.98 -11.48
CA LYS C 368 -32.92 -19.03 -11.89
C LYS C 368 -32.23 -17.68 -11.70
N ALA C 369 -32.93 -16.59 -12.04
CA ALA C 369 -32.33 -15.26 -11.89
C ALA C 369 -32.07 -14.93 -10.42
N VAL C 370 -33.03 -15.25 -9.55
CA VAL C 370 -32.84 -15.00 -8.12
C VAL C 370 -31.68 -15.82 -7.58
N GLU C 371 -31.60 -17.09 -7.97
CA GLU C 371 -30.50 -17.93 -7.53
C GLU C 371 -29.16 -17.39 -8.02
N ALA C 372 -29.12 -16.90 -9.25
CA ALA C 372 -27.88 -16.33 -9.79
C ALA C 372 -27.44 -15.12 -8.97
N ILE C 373 -28.38 -14.24 -8.65
CA ILE C 373 -28.05 -13.07 -7.83
C ILE C 373 -27.46 -13.52 -6.50
N THR C 374 -28.12 -14.48 -5.84
CA THR C 374 -27.67 -14.93 -4.54
C THR C 374 -26.26 -15.53 -4.61
N ASN C 375 -26.03 -16.39 -5.60
CA ASN C 375 -24.74 -17.06 -5.71
C ASN C 375 -23.62 -16.07 -6.00
N LYS C 376 -23.86 -15.13 -6.92
CA LYS C 376 -22.82 -14.15 -7.22
C LYS C 376 -22.50 -13.29 -6.01
N LEU C 377 -23.53 -12.87 -5.25
CA LEU C 377 -23.27 -12.08 -4.05
C LEU C 377 -22.47 -12.89 -3.03
N ASN C 378 -22.79 -14.17 -2.86
CA ASN C 378 -22.05 -14.99 -1.90
C ASN C 378 -20.59 -15.12 -2.31
N GLU C 379 -20.33 -15.34 -3.60
CA GLU C 379 -18.95 -15.44 -4.06
C GLU C 379 -18.20 -14.13 -3.83
N ALA C 380 -18.87 -13.00 -4.07
CA ALA C 380 -18.25 -11.70 -3.81
C ALA C 380 -17.89 -11.54 -2.34
N ILE C 381 -18.80 -11.92 -1.44
CA ILE C 381 -18.54 -11.78 -0.02
C ILE C 381 -17.36 -12.66 0.38
N GLU C 382 -17.27 -13.87 -0.18
CA GLU C 382 -16.13 -14.73 0.12
C GLU C 382 -14.82 -14.11 -0.35
N ASN C 383 -14.82 -13.53 -1.55
CA ASN C 383 -13.61 -12.88 -2.05
C ASN C 383 -13.20 -11.71 -1.16
N GLY C 384 -14.19 -10.92 -0.73
CA GLY C 384 -13.89 -9.80 0.16
C GLY C 384 -13.32 -10.26 1.50
N ASN C 385 -13.86 -11.34 2.06
CA ASN C 385 -13.33 -11.87 3.31
C ASN C 385 -11.89 -12.36 3.13
N GLN C 386 -11.61 -13.02 2.00
CA GLN C 386 -10.25 -13.46 1.75
C GLN C 386 -9.29 -12.29 1.65
N ARG C 387 -9.70 -11.22 0.95
CA ARG C 387 -8.85 -10.04 0.84
C ARG C 387 -8.63 -9.40 2.20
N TYR C 388 -9.67 -9.33 3.03
CA TYR C 388 -9.53 -8.78 4.37
C TYR C 388 -8.53 -9.57 5.20
N ASN C 389 -8.63 -10.90 5.14
CA ASN C 389 -7.68 -11.74 5.88
C ASN C 389 -6.26 -11.54 5.38
N GLN C 390 -6.08 -11.42 4.07
CA GLN C 390 -4.75 -11.16 3.54
C GLN C 390 -4.22 -9.81 4.01
N LEU C 391 -5.07 -8.79 4.03
CA LEU C 391 -4.63 -7.45 4.41
C LEU C 391 -4.25 -7.38 5.88
N TYR C 392 -5.03 -8.00 6.76
CA TYR C 392 -4.81 -7.84 8.19
C TYR C 392 -4.11 -9.02 8.84
N GLY C 393 -4.20 -10.21 8.26
CA GLY C 393 -3.54 -11.36 8.84
C GLY C 393 -4.52 -12.31 9.49
N LEU C 394 -4.19 -13.60 9.44
CA LEU C 394 -5.07 -14.62 10.02
C LEU C 394 -5.06 -14.57 11.53
N ALA C 395 -3.88 -14.45 12.14
CA ALA C 395 -3.73 -14.42 13.59
C ALA C 395 -3.55 -12.96 14.00
N ARG C 396 -4.68 -12.27 14.17
CA ARG C 396 -4.69 -10.85 14.50
C ARG C 396 -5.54 -10.62 15.73
N THR C 397 -5.19 -9.57 16.49
CA THR C 397 -5.96 -9.15 17.64
C THR C 397 -6.24 -7.67 17.53
N GLN C 398 -7.43 -7.26 17.99
CA GLN C 398 -7.80 -5.85 17.91
C GLN C 398 -6.90 -4.99 18.80
N ALA C 399 -6.53 -5.49 19.97
CA ALA C 399 -5.70 -4.72 20.88
C ALA C 399 -4.35 -4.40 20.25
N GLU C 400 -3.71 -5.38 19.62
CA GLU C 400 -2.40 -5.15 19.01
C GLU C 400 -2.49 -4.13 17.88
N LEU C 401 -3.51 -4.25 17.02
CA LEU C 401 -3.65 -3.33 15.90
C LEU C 401 -3.89 -1.91 16.40
N LEU C 402 -4.80 -1.76 17.37
CA LEU C 402 -5.10 -0.42 17.88
C LEU C 402 -3.91 0.19 18.62
N GLY C 403 -3.16 -0.63 19.36
CA GLY C 403 -1.99 -0.12 20.04
C GLY C 403 -0.89 0.28 19.07
N ASN C 404 -0.69 -0.51 18.02
CA ASN C 404 0.32 -0.16 17.03
C ASN C 404 -0.07 1.07 16.24
N LEU C 405 -1.37 1.29 16.04
CA LEU C 405 -1.81 2.52 15.37
C LEU C 405 -1.43 3.75 16.20
N GLY C 406 -1.59 3.66 17.52
CA GLY C 406 -1.19 4.78 18.37
C GLY C 406 -2.19 5.90 18.30
N LYS C 407 -1.69 7.13 18.19
CA LYS C 407 -2.54 8.31 18.11
C LYS C 407 -3.11 8.53 16.72
N GLU C 408 -2.68 7.76 15.73
CA GLU C 408 -3.20 7.91 14.38
C GLU C 408 -4.64 7.42 14.29
N VAL C 409 -5.51 8.20 13.67
CA VAL C 409 -6.93 7.87 13.54
C VAL C 409 -7.29 7.42 12.14
N ASN C 410 -6.36 7.46 11.20
CA ASN C 410 -6.61 7.07 9.83
C ASN C 410 -5.85 5.77 9.53
N ASP C 411 -6.58 4.74 9.13
CA ASP C 411 -6.01 3.45 8.78
C ASP C 411 -6.02 3.32 7.27
N LEU C 412 -4.84 3.14 6.67
CA LEU C 412 -4.74 3.05 5.22
C LEU C 412 -5.26 1.71 4.71
N ARG C 413 -5.16 0.66 5.51
CA ARG C 413 -5.68 -0.63 5.10
C ARG C 413 -7.18 -0.58 4.90
N LEU C 414 -7.89 0.25 5.68
CA LEU C 414 -9.31 0.42 5.46
C LEU C 414 -9.60 1.06 4.11
N GLU C 415 -8.78 2.04 3.72
CA GLU C 415 -8.95 2.66 2.40
C GLU C 415 -8.70 1.65 1.29
N THR C 416 -7.65 0.85 1.43
CA THR C 416 -7.38 -0.19 0.43
C THR C 416 -8.54 -1.17 0.33
N PHE C 417 -9.07 -1.59 1.48
CA PHE C 417 -10.18 -2.54 1.48
C PHE C 417 -11.43 -1.92 0.86
N THR C 418 -11.69 -0.65 1.13
CA THR C 418 -12.85 0.01 0.55
C THR C 418 -12.74 0.09 -0.97
N GLU C 419 -11.54 0.43 -1.48
CA GLU C 419 -11.34 0.44 -2.93
C GLU C 419 -11.56 -0.94 -3.53
N PHE C 420 -11.02 -1.98 -2.86
CA PHE C 420 -11.21 -3.34 -3.33
C PHE C 420 -12.69 -3.71 -3.37
N ILE C 421 -13.44 -3.30 -2.35
CA ILE C 421 -14.86 -3.64 -2.28
C ILE C 421 -15.63 -2.92 -3.39
N ARG C 422 -15.26 -1.68 -3.69
CA ARG C 422 -15.90 -0.97 -4.79
C ARG C 422 -15.68 -1.71 -6.11
N LEU C 423 -14.43 -2.12 -6.37
CA LEU C 423 -14.14 -2.86 -7.60
C LEU C 423 -14.92 -4.18 -7.63
N GLU C 424 -15.00 -4.85 -6.49
CA GLU C 424 -15.74 -6.11 -6.41
C GLU C 424 -17.21 -5.92 -6.72
N THR C 425 -17.80 -4.83 -6.20
CA THR C 425 -19.20 -4.57 -6.48
C THR C 425 -19.44 -4.33 -7.96
N ILE C 426 -18.55 -3.59 -8.62
CA ILE C 426 -18.68 -3.40 -10.07
C ILE C 426 -18.62 -4.74 -10.79
N LEU C 427 -17.66 -5.58 -10.40
CA LEU C 427 -17.54 -6.90 -11.03
C LEU C 427 -18.78 -7.74 -10.82
N VAL C 428 -19.37 -7.67 -9.63
CA VAL C 428 -20.57 -8.46 -9.35
C VAL C 428 -21.74 -8.00 -10.20
N ASN C 429 -21.90 -6.68 -10.36
CA ASN C 429 -22.97 -6.20 -11.23
C ASN C 429 -22.78 -6.73 -12.65
N THR C 430 -21.54 -6.67 -13.15
CA THR C 430 -21.27 -7.18 -14.50
C THR C 430 -21.62 -8.67 -14.61
N ARG C 431 -21.17 -9.46 -13.63
CA ARG C 431 -21.40 -10.90 -13.68
C ARG C 431 -22.87 -11.25 -13.63
N ILE C 432 -23.63 -10.57 -12.76
CA ILE C 432 -25.06 -10.85 -12.64
C ILE C 432 -25.78 -10.51 -13.93
N ILE C 433 -25.44 -9.36 -14.54
CA ILE C 433 -26.11 -8.99 -15.78
C ILE C 433 -25.81 -10.01 -16.88
N GLU C 434 -24.55 -10.45 -16.98
CA GLU C 434 -24.21 -11.44 -18.01
C GLU C 434 -24.93 -12.76 -17.77
N GLU C 435 -25.03 -13.19 -16.50
CA GLU C 435 -25.75 -14.44 -16.21
C GLU C 435 -27.22 -14.33 -16.59
N HIS C 436 -27.84 -13.18 -16.31
CA HIS C 436 -29.24 -12.99 -16.71
C HIS C 436 -29.38 -13.05 -18.22
N GLN C 437 -28.46 -12.43 -18.95
CA GLN C 437 -28.51 -12.49 -20.40
C GLN C 437 -28.39 -13.93 -20.90
N ALA C 438 -27.49 -14.71 -20.29
CA ALA C 438 -27.32 -16.10 -20.69
C ALA C 438 -28.60 -16.90 -20.43
N ILE C 439 -29.24 -16.67 -19.28
CA ILE C 439 -30.49 -17.36 -18.97
C ILE C 439 -31.55 -17.04 -20.01
N GLY C 440 -31.68 -15.76 -20.35
CA GLY C 440 -32.66 -15.36 -21.34
C GLY C 440 -32.41 -15.98 -22.71
N SER C 441 -31.14 -15.99 -23.14
CA SER C 441 -30.81 -16.58 -24.42
C SER C 441 -31.09 -18.07 -24.45
N LYS C 442 -30.75 -18.78 -23.36
CA LYS C 442 -31.04 -20.20 -23.29
C LYS C 442 -32.53 -20.47 -23.34
N LYS C 443 -33.32 -19.66 -22.64
CA LYS C 443 -34.78 -19.83 -22.68
C LYS C 443 -35.32 -19.61 -24.08
N LYS C 444 -34.82 -18.57 -24.77
CA LYS C 444 -35.27 -18.32 -26.14
C LYS C 444 -34.92 -19.48 -27.06
N GLU C 445 -33.71 -20.02 -26.93
CA GLU C 445 -33.31 -21.15 -27.76
C GLU C 445 -34.18 -22.38 -27.47
N GLU C 446 -34.48 -22.62 -26.20
CA GLU C 446 -35.34 -23.76 -25.86
C GLU C 446 -36.73 -23.59 -26.43
N VAL C 447 -37.28 -22.37 -26.38
CA VAL C 447 -38.59 -22.12 -26.95
C VAL C 447 -38.57 -22.35 -28.46
N LYS C 448 -37.53 -21.87 -29.13
CA LYS C 448 -37.43 -22.07 -30.57
C LYS C 448 -37.33 -23.55 -30.92
N ARG C 449 -36.57 -24.31 -30.13
CA ARG C 449 -36.46 -25.74 -30.37
C ARG C 449 -37.81 -26.43 -30.18
N LEU C 450 -38.53 -26.08 -29.11
CA LEU C 450 -39.79 -26.75 -28.82
C LEU C 450 -40.86 -26.40 -29.83
N LEU C 451 -40.84 -25.17 -30.35
CA LEU C 451 -41.90 -24.70 -31.24
C LEU C 451 -41.96 -25.53 -32.51
N GLY C 452 -40.90 -25.47 -33.32
CA GLY C 452 -40.86 -26.21 -34.56
C GLY C 452 -40.24 -25.43 -35.70
N PRO C 453 -39.79 -26.13 -36.75
CA PRO C 453 -39.12 -25.45 -37.86
C PRO C 453 -40.06 -24.77 -38.84
N ASN C 454 -41.36 -25.07 -38.80
CA ASN C 454 -42.29 -24.52 -39.79
C ASN C 454 -42.37 -23.00 -39.68
N ALA C 455 -42.47 -22.47 -38.46
CA ALA C 455 -42.61 -21.04 -38.27
C ALA C 455 -41.27 -20.34 -38.46
N LEU C 456 -41.33 -19.02 -38.58
CA LEU C 456 -40.15 -18.19 -38.79
C LEU C 456 -39.93 -17.28 -37.60
N ASP C 457 -38.68 -16.87 -37.41
CA ASP C 457 -38.28 -16.03 -36.29
C ASP C 457 -37.97 -14.62 -36.78
N LEU C 458 -38.53 -13.63 -36.09
CA LEU C 458 -38.30 -12.24 -36.44
C LEU C 458 -37.01 -11.69 -35.84
N GLY C 459 -36.27 -12.49 -35.07
CA GLY C 459 -35.01 -12.05 -34.52
C GLY C 459 -35.12 -11.14 -33.32
N ASN C 460 -36.29 -11.04 -32.69
CA ASN C 460 -36.45 -10.18 -31.53
C ASN C 460 -37.26 -10.85 -30.42
N GLY C 461 -37.30 -12.18 -30.38
CA GLY C 461 -38.06 -12.89 -29.37
C GLY C 461 -39.51 -13.13 -29.72
N CYS C 462 -39.98 -12.66 -30.87
CA CYS C 462 -41.35 -12.85 -31.30
C CYS C 462 -41.39 -13.85 -32.44
N PHE C 463 -42.28 -14.85 -32.32
CA PHE C 463 -42.43 -15.90 -33.30
C PHE C 463 -43.79 -15.76 -33.98
N ASN C 464 -43.78 -15.73 -35.31
CA ASN C 464 -45.00 -15.73 -36.11
C ASN C 464 -45.33 -17.15 -36.54
N LEU C 465 -46.52 -17.61 -36.19
CA LEU C 465 -46.93 -18.98 -36.49
C LEU C 465 -47.69 -19.03 -37.80
N THR C 466 -47.74 -20.23 -38.38
CA THR C 466 -48.50 -20.46 -39.60
C THR C 466 -50.00 -20.51 -39.35
N HIS C 467 -50.41 -20.66 -38.11
CA HIS C 467 -51.81 -20.72 -37.71
C HIS C 467 -52.10 -19.61 -36.70
N THR C 468 -53.33 -19.59 -36.20
CA THR C 468 -53.69 -18.67 -35.13
C THR C 468 -53.41 -19.30 -33.78
N CYS C 469 -52.97 -18.47 -32.84
CA CYS C 469 -52.64 -18.92 -31.48
C CYS C 469 -53.54 -18.16 -30.51
N ASP C 470 -54.53 -18.87 -29.96
CA ASP C 470 -55.45 -18.28 -29.00
C ASP C 470 -54.78 -18.22 -27.63
N SER C 471 -55.54 -17.82 -26.61
CA SER C 471 -55.00 -17.71 -25.27
C SER C 471 -54.60 -19.07 -24.72
N ASN C 472 -55.36 -20.11 -25.05
CA ASN C 472 -55.02 -21.46 -24.61
C ASN C 472 -53.71 -21.94 -25.24
N CYS C 473 -53.48 -21.60 -26.51
CA CYS C 473 -52.22 -21.94 -27.16
C CYS C 473 -51.05 -21.29 -26.46
N VAL C 474 -51.20 -20.03 -26.05
CA VAL C 474 -50.16 -19.35 -25.29
C VAL C 474 -49.94 -20.03 -23.94
N ASN C 475 -51.04 -20.33 -23.24
CA ASN C 475 -50.93 -20.91 -21.90
C ASN C 475 -50.28 -22.29 -21.94
N SER C 476 -50.52 -23.06 -22.99
CA SER C 476 -49.92 -24.39 -23.09
C SER C 476 -48.41 -24.30 -23.28
N ILE C 477 -47.93 -23.27 -23.98
CA ILE C 477 -46.51 -23.15 -24.28
C ILE C 477 -45.70 -22.97 -23.00
N SER C 478 -46.22 -22.18 -22.06
CA SER C 478 -45.45 -21.84 -20.87
C SER C 478 -45.10 -23.09 -20.06
N ARG C 479 -46.06 -24.01 -19.91
CA ARG C 479 -45.79 -25.24 -19.18
C ARG C 479 -45.06 -26.28 -20.02
N GLY C 480 -44.90 -26.05 -21.32
CA GLY C 480 -44.12 -26.94 -22.16
C GLY C 480 -44.85 -28.16 -22.69
N THR C 481 -46.14 -28.30 -22.40
CA THR C 481 -46.92 -29.42 -22.90
C THR C 481 -47.54 -29.15 -24.25
N TYR C 482 -47.09 -28.11 -24.95
CA TYR C 482 -47.66 -27.74 -26.24
C TYR C 482 -47.40 -28.82 -27.26
N THR C 483 -48.42 -29.13 -28.06
CA THR C 483 -48.32 -30.07 -29.16
C THR C 483 -48.84 -29.42 -30.44
N ARG C 484 -48.27 -29.82 -31.57
CA ARG C 484 -48.57 -29.19 -32.84
C ARG C 484 -49.81 -29.78 -33.52
N GLU C 485 -50.25 -30.96 -33.09
CA GLU C 485 -51.29 -31.68 -33.83
C GLU C 485 -52.60 -30.91 -33.88
N ASN C 486 -53.01 -30.31 -32.76
CA ASN C 486 -54.33 -29.70 -32.67
C ASN C 486 -54.37 -28.27 -33.20
N TYR C 487 -53.24 -27.71 -33.65
CA TYR C 487 -53.18 -26.33 -34.11
C TYR C 487 -52.82 -26.21 -35.58
N ILE C 488 -52.69 -27.32 -36.31
CA ILE C 488 -52.28 -27.26 -37.71
C ILE C 488 -53.34 -26.58 -38.56
N HIS C 489 -54.61 -26.68 -38.18
CA HIS C 489 -55.71 -26.22 -39.01
C HIS C 489 -55.57 -24.72 -39.32
N ASN C 490 -56.08 -24.35 -40.49
CA ASN C 490 -56.05 -22.99 -41.03
C ASN C 490 -54.62 -22.55 -41.34
N VAL C 491 -54.47 -21.61 -42.27
CA VAL C 491 -53.17 -21.14 -42.72
C VAL C 491 -53.18 -19.62 -42.74
N THR C 492 -52.13 -19.02 -42.17
CA THR C 492 -51.99 -17.57 -42.17
C THR C 492 -50.52 -17.21 -42.05
N LEU C 493 -50.21 -15.97 -42.38
CA LEU C 493 -48.84 -15.46 -42.30
C LEU C 493 -48.79 -14.14 -41.55
C1 NAG D . 45.62 -7.61 37.73
C2 NAG D . 45.52 -8.69 36.65
C3 NAG D . 46.50 -8.40 35.52
C4 NAG D . 46.29 -6.98 34.99
C5 NAG D . 46.35 -5.97 36.14
C6 NAG D . 46.01 -4.56 35.70
C7 NAG D . 45.23 -11.12 36.71
C8 NAG D . 45.60 -12.40 37.41
N2 NAG D . 45.77 -10.01 37.21
O1 NAG D . 44.69 -7.87 38.72
O3 NAG D . 46.32 -9.35 34.48
O4 NAG D . 47.30 -6.66 34.04
O5 NAG D . 45.39 -6.33 37.14
O6 NAG D . 47.14 -3.71 35.86
O7 NAG D . 44.46 -11.10 35.75
C1 GAL D . 46.76 -6.75 32.71
C2 GAL D . 47.77 -6.13 31.73
C3 GAL D . 47.32 -6.29 30.27
C4 GAL D . 47.02 -7.76 29.98
C5 GAL D . 46.04 -8.30 31.02
C6 GAL D . 45.77 -9.80 30.92
O2 GAL D . 47.96 -4.74 31.96
O3 GAL D . 48.37 -5.90 29.39
O4 GAL D . 48.22 -8.53 30.03
O5 GAL D . 46.52 -8.10 32.35
O6 GAL D . 45.27 -10.14 29.64
C1 SIA D . 47.44 -6.06 27.13
C2 SIA D . 47.88 -5.09 28.31
C3 SIA D . 49.00 -4.12 27.94
C4 SIA D . 48.62 -3.16 26.82
C5 SIA D . 47.35 -2.39 27.18
C6 SIA D . 46.24 -3.33 27.73
C7 SIA D . 45.18 -2.52 28.51
C8 SIA D . 44.09 -3.43 29.09
C9 SIA D . 42.81 -2.66 29.36
C10 SIA D . 46.43 -0.41 25.95
C11 SIA D . 45.95 0.06 24.59
N5 SIA D . 46.84 -1.71 25.99
O1A SIA D . 48.41 -6.35 26.36
O1B SIA D . 46.24 -6.43 27.06
O4 SIA D . 49.64 -2.18 26.58
O6 SIA D . 46.73 -4.26 28.68
O7 SIA D . 45.82 -1.75 29.53
O8 SIA D . 43.86 -4.53 28.19
O9 SIA D . 41.76 -3.17 28.52
O10 SIA D . 46.43 0.34 26.92
C1 NAG E . 18.62 -14.66 9.47
C2 NAG E . 17.63 -15.14 10.52
C3 NAG E . 16.78 -16.29 9.97
C4 NAG E . 16.12 -15.88 8.65
C5 NAG E . 17.18 -15.36 7.68
C6 NAG E . 16.60 -14.83 6.40
C7 NAG E . 18.09 -15.02 12.92
C8 NAG E . 18.89 -15.57 14.06
N2 NAG E . 18.32 -15.56 11.72
O3 NAG E . 15.80 -16.63 10.94
O4 NAG E . 15.48 -16.99 8.05
O5 NAG E . 17.91 -14.28 8.28
O6 NAG E . 15.88 -13.62 6.62
O7 NAG E . 17.29 -14.12 13.08
C1 NAG E . 14.11 -17.12 8.46
C2 NAG E . 13.29 -17.75 7.32
C3 NAG E . 11.86 -18.05 7.79
C4 NAG E . 11.89 -18.87 9.07
C5 NAG E . 12.71 -18.14 10.12
C6 NAG E . 12.84 -18.93 11.41
C7 NAG E . 14.00 -17.14 5.06
C8 NAG E . 13.87 -16.14 3.95
N2 NAG E . 13.28 -16.88 6.16
O3 NAG E . 11.18 -18.74 6.77
O4 NAG E . 10.56 -19.07 9.55
O5 NAG E . 14.03 -17.94 9.63
O6 NAG E . 13.53 -20.16 11.20
O7 NAG E . 14.73 -18.11 4.97
C1 BMA E . 10.25 -20.47 9.39
C2 BMA E . 9.09 -20.81 10.32
C3 BMA E . 8.77 -22.27 10.16
C4 BMA E . 8.50 -22.63 8.70
C5 BMA E . 9.62 -22.11 7.75
C6 BMA E . 9.26 -22.12 6.26
O2 BMA E . 7.94 -20.10 9.94
O3 BMA E . 7.65 -22.64 10.95
O4 BMA E . 8.41 -24.04 8.57
O5 BMA E . 9.89 -20.74 8.06
O6 BMA E . 9.03 -23.44 5.76
C1 BMA E . 7.60 -23.61 5.54
C2 BMA E . 7.00 -22.36 4.88
C3 BMA E . 5.51 -22.54 4.94
C4 BMA E . 5.07 -23.83 4.19
C5 BMA E . 5.90 -25.05 4.70
C6 BMA E . 5.71 -26.30 3.89
O2 BMA E . 7.36 -22.31 3.51
O3 BMA E . 4.78 -21.35 4.56
O4 BMA E . 3.71 -24.08 4.41
O5 BMA E . 7.31 -24.73 4.70
O6 BMA E . 6.48 -27.33 4.46
C1 BMA E . 4.38 -21.30 3.18
C2 BMA E . 2.92 -20.67 3.12
C3 BMA E . 2.55 -20.12 1.71
C4 BMA E . 3.76 -19.57 0.90
C5 BMA E . 4.93 -20.54 1.02
C6 BMA E . 6.12 -20.10 0.20
O2 BMA E . 2.64 -19.65 4.13
O3 BMA E . 1.53 -19.13 1.79
O4 BMA E . 3.39 -19.44 -0.46
O5 BMA E . 5.30 -20.57 2.39
O6 BMA E . 7.09 -21.14 0.23
C1 BMA E . 3.59 -18.57 4.21
C2 BMA E . 2.81 -17.25 4.19
C3 BMA E . 3.74 -16.07 4.45
C4 BMA E . 4.58 -16.32 5.71
C5 BMA E . 5.33 -17.63 5.58
C6 BMA E . 6.16 -17.97 6.80
O2 BMA E . 1.84 -17.22 5.21
O3 BMA E . 3.03 -14.86 4.59
O4 BMA E . 5.51 -15.26 5.87
O5 BMA E . 4.37 -18.68 5.40
O6 BMA E . 6.92 -19.13 6.51
C1 NAG F . 18.27 -26.79 -15.90
C2 NAG F . 18.62 -27.92 -16.89
C3 NAG F . 19.98 -28.52 -16.57
C4 NAG F . 21.04 -27.43 -16.52
C5 NAG F . 20.61 -26.34 -15.53
C6 NAG F . 21.56 -25.17 -15.48
C7 NAG F . 17.09 -29.78 -16.08
C8 NAG F . 17.65 -29.69 -14.69
N2 NAG F . 17.58 -28.95 -17.01
O3 NAG F . 20.32 -29.48 -17.57
O4 NAG F . 22.30 -27.96 -16.14
O5 NAG F . 19.33 -25.82 -15.89
O6 NAG F . 21.75 -24.70 -14.15
O7 NAG F . 16.20 -30.59 -16.35
C1 NAG F . 23.22 -27.81 -17.25
C2 NAG F . 24.62 -28.20 -16.78
C3 NAG F . 25.61 -28.09 -17.93
C4 NAG F . 25.12 -28.90 -19.13
C5 NAG F . 23.70 -28.49 -19.50
C6 NAG F . 23.11 -29.34 -20.60
C7 NAG F . 25.62 -27.87 -14.56
C8 NAG F . 26.00 -26.88 -13.50
N2 NAG F . 25.04 -27.37 -15.65
O3 NAG F . 26.88 -28.57 -17.51
O4 NAG F . 25.98 -28.67 -20.24
O5 NAG F . 22.84 -28.62 -18.36
O6 NAG F . 23.05 -30.71 -20.22
O7 NAG F . 25.85 -29.07 -14.44
C1 NAG G . 38.40 35.38 29.00
C2 NAG G . 37.91 35.95 27.67
C3 NAG G . 36.80 36.98 27.92
C4 NAG G . 35.69 36.37 28.76
C5 NAG G . 36.27 35.77 30.03
C6 NAG G . 35.23 35.04 30.86
C7 NAG G . 39.03 36.64 25.60
C8 NAG G . 40.24 37.29 25.00
N2 NAG G . 39.00 36.55 26.93
O1 NAG G . 39.36 34.41 28.76
O3 NAG G . 36.29 37.42 26.66
O4 NAG G . 34.72 37.35 29.09
O5 NAG G . 37.29 34.82 29.71
O6 NAG G . 35.01 35.68 32.11
O7 NAG G . 38.11 36.20 24.90
C1 GAL G . 33.57 37.20 28.26
C2 GAL G . 32.42 38.03 28.85
C3 GAL G . 31.18 37.93 27.97
C4 GAL G . 31.52 38.36 26.54
C5 GAL G . 32.72 37.56 26.04
C6 GAL G . 33.26 38.02 24.69
O2 GAL G . 32.06 37.58 30.14
O3 GAL G . 30.15 38.78 28.44
O4 GAL G . 31.84 39.74 26.52
O5 GAL G . 33.83 37.64 26.93
O6 GAL G . 32.26 37.93 23.68
C1 SIA G . 28.15 38.64 27.03
C2 SIA G . 28.77 38.36 28.45
C3 SIA G . 28.07 39.07 29.61
C4 SIA G . 26.62 38.62 29.80
C5 SIA G . 26.55 37.10 29.99
C6 SIA G . 27.39 36.35 28.91
C7 SIA G . 27.69 34.90 29.37
C8 SIA G . 28.68 34.22 28.39
C9 SIA G . 28.62 32.71 28.53
C10 SIA G . 24.56 35.78 30.72
C11 SIA G . 23.10 35.49 30.41
N5 SIA G . 25.16 36.67 29.89
O1A SIA G . 27.64 39.80 26.94
O1B SIA G . 28.23 37.75 26.15
O4 SIA G . 26.04 39.21 30.98
O6 SIA G . 28.67 36.92 28.73
O7 SIA G . 28.19 34.93 30.70
O8 SIA G . 28.41 34.64 27.06
O9 SIA G . 27.98 32.15 27.38
O10 SIA G . 25.13 35.21 31.65
C1 NAG H . 15.36 20.39 0.28
C2 NAG H . 16.49 19.48 -0.17
C3 NAG H . 16.46 19.30 -1.68
C4 NAG H . 15.09 18.83 -2.15
C5 NAG H . 14.01 19.78 -1.61
C6 NAG H . 12.61 19.31 -1.92
C7 NAG H . 18.60 19.35 1.06
C8 NAG H . 19.89 20.03 1.39
N2 NAG H . 17.77 20.01 0.25
O3 NAG H . 17.46 18.36 -2.05
O4 NAG H . 15.01 18.83 -3.57
O5 NAG H . 14.11 19.87 -0.18
O6 NAG H . 12.23 18.23 -1.09
O7 NAG H . 18.32 18.23 1.51
C1 NAG H . 15.39 17.58 -4.14
C2 NAG H . 14.65 17.36 -5.46
C3 NAG H . 15.15 16.11 -6.17
C4 NAG H . 16.66 16.16 -6.32
C5 NAG H . 17.30 16.36 -4.96
C6 NAG H . 18.81 16.49 -5.02
C7 NAG H . 12.38 18.29 -5.49
C8 NAG H . 10.93 18.03 -5.20
N2 NAG H . 13.22 17.28 -5.23
O3 NAG H . 14.53 16.01 -7.43
O4 NAG H . 17.14 14.95 -6.91
O5 NAG H . 16.80 17.57 -4.38
O6 NAG H . 19.19 17.67 -5.71
O7 NAG H . 12.77 19.36 -5.93
C1 BMA H . 17.62 15.29 -8.23
C2 BMA H . 18.57 14.19 -8.68
C3 BMA H . 19.06 14.52 -10.07
C4 BMA H . 17.90 14.74 -11.04
C5 BMA H . 16.84 15.74 -10.46
C6 BMA H . 15.50 15.73 -11.20
O2 BMA H . 17.90 12.95 -8.78
O3 BMA H . 19.92 13.50 -10.57
O4 BMA H . 18.40 15.25 -12.26
O5 BMA H . 16.53 15.36 -9.12
O6 BMA H . 15.62 16.18 -12.56
C1 BMA H . 15.47 15.05 -13.45
C2 BMA H . 14.30 14.15 -12.97
C3 BMA H . 14.41 12.88 -13.79
C4 BMA H . 14.28 13.20 -15.29
C5 BMA H . 15.30 14.32 -15.70
C6 BMA H . 15.11 14.83 -17.11
O2 BMA H . 13.07 14.75 -13.27
O3 BMA H . 13.54 11.84 -13.30
O4 BMA H . 14.56 12.04 -16.06
O5 BMA H . 15.20 15.43 -14.80
O6 BMA H . 16.10 15.83 -17.34
C1 BMA H . 12.25 11.77 -13.97
C2 BMA H . 11.90 10.23 -14.15
C3 BMA H . 10.38 9.98 -14.40
C4 BMA H . 9.45 11.01 -13.72
C5 BMA H . 9.99 12.43 -13.90
C6 BMA H . 9.10 13.48 -13.31
O2 BMA H . 12.37 9.35 -13.08
O3 BMA H . 10.00 8.66 -14.04
O4 BMA H . 8.14 10.93 -14.28
O5 BMA H . 11.26 12.47 -13.25
O6 BMA H . 9.58 14.75 -13.70
C1 BMA H . 12.00 9.74 -11.73
C2 BMA H . 11.38 8.51 -11.03
C3 BMA H . 11.13 8.81 -9.56
C4 BMA H . 12.39 9.39 -8.90
C5 BMA H . 12.85 10.62 -9.68
C6 BMA H . 14.10 11.24 -9.11
O2 BMA H . 12.28 7.42 -11.07
O3 BMA H . 10.71 7.66 -8.86
O4 BMA H . 12.09 9.75 -7.57
O5 BMA H . 13.12 10.22 -11.03
O6 BMA H . 14.33 12.48 -9.76
C1 NAG I . -2.19 30.48 -19.25
C2 NAG I . -2.57 31.46 -20.37
C3 NAG I . -1.99 32.85 -20.10
C4 NAG I . -2.40 33.33 -18.72
C5 NAG I . -1.98 32.29 -17.68
C6 NAG I . -2.43 32.66 -16.28
C7 NAG I . -1.06 30.68 -22.26
C8 NAG I . 0.16 30.85 -21.41
N2 NAG I . -2.26 30.97 -21.71
O3 NAG I . -2.46 33.76 -21.10
O4 NAG I . -1.79 34.58 -18.43
O5 NAG I . -2.57 31.03 -17.98
O6 NAG I . -1.36 32.52 -15.34
O7 NAG I . -0.98 30.28 -23.42
C1 NAG I . -2.84 35.57 -18.29
C2 NAG I . -2.22 36.88 -17.80
C3 NAG I . -3.28 37.96 -17.69
C4 NAG I . -4.02 38.11 -19.01
C5 NAG I . -4.56 36.76 -19.46
C6 NAG I . -5.20 36.82 -20.83
C7 NAG I . -0.35 37.18 -16.23
C8 NAG I . 0.19 36.87 -14.87
N2 NAG I . -1.55 36.68 -16.52
O3 NAG I . -2.66 39.20 -17.33
O4 NAG I . -5.10 39.03 -18.85
O5 NAG I . -3.49 35.80 -19.55
O6 NAG I . -4.25 37.17 -21.84
O7 NAG I . 0.29 37.85 -17.05
C1 NAG J . 11.56 13.50 56.97
C2 NAG J . 10.11 13.11 56.71
C3 NAG J . 9.88 11.66 57.10
C4 NAG J . 10.89 10.75 56.39
C5 NAG J . 12.30 11.25 56.66
C6 NAG J . 13.35 10.48 55.89
C7 NAG J . 7.96 14.27 57.00
C8 NAG J . 7.16 15.18 57.88
N2 NAG J . 9.20 13.98 57.44
O1 NAG J . 11.75 14.82 56.56
O3 NAG J . 8.55 11.28 56.75
O4 NAG J . 10.77 9.42 56.87
O5 NAG J . 12.43 12.63 56.26
O6 NAG J . 14.25 9.80 56.77
O7 NAG J . 7.52 13.82 55.95
C1 GAL J . 10.07 8.61 55.90
C2 GAL J . 10.19 7.14 56.32
C3 GAL J . 9.37 6.23 55.40
C4 GAL J . 7.92 6.73 55.34
C5 GAL J . 7.90 8.21 54.95
C6 GAL J . 6.51 8.84 55.01
O2 GAL J . 11.53 6.69 56.27
O3 GAL J . 9.34 4.91 55.92
O4 GAL J . 7.30 6.56 56.59
O5 GAL J . 8.70 8.98 55.85
O6 GAL J . 5.60 8.13 54.20
C1 SIA J . 8.13 3.54 54.27
C2 SIA J . 9.54 3.93 54.89
C3 SIA J . 10.28 2.75 55.53
C4 SIA J . 10.62 1.64 54.55
C5 SIA J . 11.43 2.19 53.37
C6 SIA J . 10.80 3.49 52.79
C7 SIA J . 11.84 4.27 51.96
C8 SIA J . 11.25 5.59 51.42
C9 SIA J . 12.02 6.08 50.21
C10 SIA J . 12.64 0.82 51.66
C11 SIA J . 12.45 -0.25 50.60
N5 SIA J . 11.51 1.19 52.31
O1A SIA J . 7.56 2.63 54.92
O1B SIA J . 7.73 4.16 53.25
O4 SIA J . 11.41 0.60 55.15
O6 SIA J . 10.41 4.41 53.80
O7 SIA J . 13.02 4.50 52.73
O8 SIA J . 9.86 5.41 51.12
O9 SIA J . 11.18 6.04 49.06
O10 SIA J . 13.75 1.30 51.89
C1 NAG K . -8.27 5.38 23.52
C2 NAG K . -8.25 6.86 23.15
C3 NAG K . -9.54 7.24 22.42
C4 NAG K . -9.78 6.32 21.24
C5 NAG K . -9.72 4.87 21.69
C6 NAG K . -9.83 3.88 20.55
C7 NAG K . -7.07 8.56 24.47
C8 NAG K . -7.03 9.33 25.76
N2 NAG K . -8.07 7.69 24.33
O3 NAG K . -9.44 8.60 22.00
O4 NAG K . -11.06 6.55 20.66
O5 NAG K . -8.47 4.60 22.35
O6 NAG K . -8.66 3.90 19.74
O7 NAG K . -6.21 8.70 23.61
C1 NAG K . -11.02 7.54 19.62
C2 NAG K . -12.13 7.24 18.60
C3 NAG K . -12.22 8.36 17.57
C4 NAG K . -12.35 9.70 18.24
C5 NAG K . -11.19 9.91 19.21
C6 NAG K . -11.28 11.20 19.99
C7 NAG K . -12.61 4.86 18.27
C8 NAG K . -12.26 3.62 17.51
N2 NAG K . -11.91 5.96 17.96
O3 NAG K . -13.34 8.12 16.72
O4 NAG K . -12.35 10.75 17.28
O5 NAG K . -11.20 8.84 20.18
O6 NAG K . -12.49 11.27 20.74
O7 NAG K . -13.48 4.87 19.13
C1 BMA K . -13.67 11.33 17.25
C2 BMA K . -13.56 12.73 16.65
C3 BMA K . -14.94 13.34 16.60
C4 BMA K . -15.94 12.43 15.87
C5 BMA K . -15.89 10.97 16.41
C6 BMA K . -16.60 9.94 15.52
O2 BMA K . -13.11 12.65 15.31
O3 BMA K . -14.91 14.62 15.98
O4 BMA K . -17.24 12.95 16.03
O5 BMA K . -14.53 10.54 16.47
O6 BMA K . -18.00 10.19 15.42
C1 BMA K . -18.31 10.68 14.08
C2 BMA K . -17.51 9.90 13.04
C3 BMA K . -17.68 10.65 11.74
C4 BMA K . -19.18 10.74 11.36
C5 BMA K . -20.02 11.29 12.55
C6 BMA K . -21.51 11.21 12.35
O2 BMA K . -18.08 8.62 12.85
O3 BMA K . -16.81 10.17 10.69
O4 BMA K . -19.34 11.61 10.25
O5 BMA K . -19.69 10.56 13.75
O6 BMA K . -22.14 11.73 13.50
C1 BMA K . -17.40 9.21 9.80
C2 BMA K . -16.91 9.54 8.33
C3 BMA K . -17.07 8.35 7.35
C4 BMA K . -16.92 6.96 8.00
C5 BMA K . -17.69 6.92 9.31
C6 BMA K . -17.64 5.57 9.99
O2 BMA K . -15.55 10.08 8.23
O3 BMA K . -16.18 8.47 6.24
O4 BMA K . -17.42 5.96 7.14
O5 BMA K . -17.10 7.88 10.18
O6 BMA K . -18.54 5.58 11.08
C1 BMA K . -14.52 9.31 8.89
C2 BMA K . -13.38 9.09 7.89
C3 BMA K . -12.18 8.44 8.58
C4 BMA K . -11.81 9.20 9.85
C5 BMA K . -13.03 9.29 10.76
C6 BMA K . -12.75 10.05 12.04
O2 BMA K . -12.92 10.32 7.38
O3 BMA K . -11.06 8.36 7.71
O4 BMA K . -10.77 8.51 10.52
O5 BMA K . -14.07 9.98 10.05
O6 BMA K . -13.85 9.85 12.92
C1 NAG L . -30.63 -10.01 16.26
C2 NAG L . -32.08 -10.49 16.45
C3 NAG L . -32.44 -10.58 17.93
C4 NAG L . -31.41 -11.45 18.66
C5 NAG L . -30.01 -10.90 18.42
C6 NAG L . -28.92 -11.75 19.03
C7 NAG L . -33.39 -8.43 15.78
C8 NAG L . -32.66 -7.59 16.79
N2 NAG L . -33.07 -9.74 15.69
O3 NAG L . -33.73 -11.15 18.08
O4 NAG L . -31.69 -11.47 20.06
O5 NAG L . -29.74 -10.85 17.01
O6 NAG L . -27.99 -10.95 19.76
O7 NAG L . -34.26 -7.93 15.06
C1 NAG L . -32.03 -12.82 20.43
C2 NAG L . -32.16 -12.90 21.95
C3 NAG L . -32.57 -14.30 22.39
C4 NAG L . -33.83 -14.73 21.65
C5 NAG L . -33.65 -14.57 20.15
C6 NAG L . -34.91 -14.87 19.37
C7 NAG L . -30.85 -11.64 23.62
C8 NAG L . -29.48 -11.36 24.16
N2 NAG L . -30.91 -12.50 22.60
O3 NAG L . -32.78 -14.32 23.79
O4 NAG L . -34.12 -16.09 21.95
O5 NAG L . -33.28 -13.23 19.83
O6 NAG L . -35.96 -13.99 19.74
O7 NAG L . -31.86 -11.12 24.08
C1 NAG M . -6.64 -32.18 -17.23
C2 NAG M . -7.08 -33.36 -16.37
C3 NAG M . -5.92 -33.87 -15.51
C4 NAG M . -4.72 -34.17 -16.38
C5 NAG M . -4.36 -32.95 -17.23
C6 NAG M . -3.24 -33.21 -18.21
C7 NAG M . -9.44 -33.53 -15.68
C8 NAG M . -10.49 -33.04 -14.72
N2 NAG M . -8.22 -33.00 -15.52
O3 NAG M . -6.33 -35.04 -14.81
O4 NAG M . -3.61 -34.51 -15.57
O5 NAG M . -5.50 -32.55 -18.01
O6 NAG M . -2.19 -32.27 -18.06
O7 NAG M . -9.68 -34.35 -16.56
C1 NAG N . 22.94 -20.38 21.96
C2 NAG N . 22.38 -20.94 23.27
C3 NAG N . 21.66 -22.27 23.01
C4 NAG N . 20.63 -22.11 21.91
C5 NAG N . 21.28 -21.51 20.66
C6 NAG N . 20.28 -21.22 19.56
C7 NAG N . 23.42 -20.51 25.44
C8 NAG N . 24.59 -20.80 26.33
N2 NAG N . 23.43 -21.11 24.25
O3 NAG N . 21.03 -22.70 24.20
O4 NAG N . 20.06 -23.37 21.58
O5 NAG N . 21.89 -20.26 20.99
O6 NAG N . 20.26 -19.83 19.24
O7 NAG N . 22.51 -19.76 25.79
C1 NAG O . 37.32 13.25 38.08
C2 NAG O . 38.42 13.89 37.23
C3 NAG O . 39.34 14.76 38.10
C4 NAG O . 38.52 15.75 38.91
C5 NAG O . 37.45 15.02 39.70
C6 NAG O . 36.54 15.96 40.46
C7 NAG O . 39.82 13.12 35.36
C8 NAG O . 40.56 11.96 34.77
N2 NAG O . 39.19 12.88 36.51
O3 NAG O . 40.27 15.45 37.27
O4 NAG O . 39.38 16.46 39.80
O5 NAG O . 36.62 14.26 38.81
O6 NAG O . 35.23 15.40 40.60
O7 NAG O . 39.78 14.21 34.82
C1 NAG P . -30.36 -28.30 -44.82
C2 NAG P . -31.75 -28.06 -44.23
C3 NAG P . -32.30 -29.36 -43.65
C4 NAG P . -32.25 -30.48 -44.67
C5 NAG P . -30.84 -30.60 -45.26
C6 NAG P . -30.76 -31.61 -46.39
C7 NAG P . -32.68 -26.09 -43.11
C8 NAG P . -32.50 -25.09 -42.02
N2 NAG P . -31.72 -27.02 -43.23
O3 NAG P . -33.64 -29.15 -43.22
O4 NAG P . -32.61 -31.72 -44.07
O5 NAG P . -30.42 -29.34 -45.80
O6 NAG P . -30.19 -31.02 -47.55
O7 NAG P . -33.65 -26.06 -43.86
C1 NAG Q . -1.63 10.80 -35.45
C2 NAG Q . -0.36 10.70 -36.28
C3 NAG Q . 0.66 11.74 -35.84
C4 NAG Q . 0.05 13.14 -35.86
C5 NAG Q . -1.24 13.14 -35.04
C6 NAG Q . -1.98 14.46 -35.10
C7 NAG Q . 0.30 8.54 -37.24
C8 NAG Q . 0.91 7.20 -36.97
N2 NAG Q . 0.22 9.36 -36.20
O3 NAG Q . 1.79 11.70 -36.70
O4 NAG Q . 0.95 14.09 -35.32
O5 NAG Q . -2.14 12.14 -35.53
O6 NAG Q . -2.14 15.03 -33.81
O7 NAG Q . -0.11 8.85 -38.36
C1 NAG R . 29.19 23.81 2.37
C2 NAG R . 30.59 23.23 2.15
C3 NAG R . 30.92 23.20 0.66
C4 NAG R . 29.83 22.47 -0.11
C5 NAG R . 28.48 23.08 0.20
C6 NAG R . 27.32 22.34 -0.44
C7 NAG R . 32.37 23.49 3.82
C8 NAG R . 33.34 24.43 4.46
N2 NAG R . 31.59 24.01 2.87
O3 NAG R . 32.17 22.53 0.47
O4 NAG R . 30.07 22.54 -1.51
O5 NAG R . 28.24 23.05 1.62
O6 NAG R . 26.47 21.75 0.54
O7 NAG R . 32.30 22.31 4.16
C1 NAG S . 29.36 19.57 42.14
C2 NAG S . 28.33 20.48 42.82
C3 NAG S . 28.76 20.77 44.26
C4 NAG S . 29.04 19.47 45.01
C5 NAG S . 30.05 18.64 44.24
C6 NAG S . 30.31 17.29 44.87
C7 NAG S . 27.01 22.42 42.12
C8 NAG S . 26.99 23.67 41.30
N2 NAG S . 28.14 21.71 42.09
O3 NAG S . 27.73 21.50 44.93
O4 NAG S . 29.57 19.77 46.29
O5 NAG S . 29.55 18.39 42.92
O6 NAG S . 30.64 16.32 43.89
O7 NAG S . 26.05 22.08 42.79
C1 NAG T . -28.70 -5.84 -53.61
C2 NAG T . -28.30 -7.29 -53.83
C3 NAG T . -27.22 -7.39 -54.91
C4 NAG T . -27.67 -6.67 -56.18
C5 NAG T . -28.12 -5.25 -55.85
C6 NAG T . -28.69 -4.52 -57.04
C7 NAG T . -28.07 -9.19 -52.29
C8 NAG T . -27.52 -9.66 -50.98
N2 NAG T . -27.85 -7.91 -52.59
O3 NAG T . -26.96 -8.76 -55.19
O4 NAG T . -26.60 -6.63 -57.11
O5 NAG T . -29.14 -5.27 -54.84
O6 NAG T . -29.98 -4.00 -56.75
O7 NAG T . -28.68 -9.95 -53.04
C1 NAG U . -36.64 1.97 -5.45
C2 NAG U . -37.32 3.34 -5.28
C3 NAG U . -37.35 3.73 -3.80
C4 NAG U . -37.99 2.63 -2.98
C5 NAG U . -37.29 1.30 -3.24
C6 NAG U . -37.94 0.13 -2.54
C7 NAG U . -37.22 4.99 -7.10
C8 NAG U . -36.38 6.01 -7.79
N2 NAG U . -36.64 4.35 -6.06
O3 NAG U . -38.08 4.94 -3.66
O4 NAG U . -37.91 2.94 -1.60
O5 NAG U . -37.31 1.00 -4.64
O6 NAG U . -37.00 -0.61 -1.77
O7 NAG U . -38.36 4.75 -7.44
C1 NAG V . -7.53 15.87 33.40
C2 NAG V . -7.45 17.39 33.50
C3 NAG V . -8.77 18.02 33.07
C4 NAG V . -9.17 17.53 31.69
C5 NAG V . -9.18 16.00 31.66
C6 NAG V . -9.46 15.43 30.29
C7 NAG V . -6.06 18.55 35.17
C8 NAG V . -5.87 18.86 36.61
N2 NAG V . -7.12 17.79 34.86
O3 NAG V . -8.63 19.44 33.06
O4 NAG V . -10.45 18.01 31.34
O5 NAG V . -7.90 15.50 32.06
O6 NAG V . -8.38 14.65 29.83
O7 NAG V . -5.29 18.95 34.31
C1 NAG W . 30.07 9.04 45.11
C2 NAG W . 30.27 7.61 45.62
C3 NAG W . 31.43 7.56 46.60
C4 NAG W . 32.68 8.16 45.97
C5 NAG W . 32.38 9.57 45.47
C6 NAG W . 33.55 10.20 44.74
C7 NAG W . 28.74 5.81 46.32
C8 NAG W . 27.45 5.48 47.01
N2 NAG W . 29.06 7.11 46.25
O3 NAG W . 31.68 6.20 46.96
O4 NAG W . 33.73 8.22 46.93
O5 NAG W . 31.29 9.52 44.54
O6 NAG W . 33.11 11.11 43.75
O7 NAG W . 29.48 4.95 45.85
C1 NAG X . -46.35 -11.43 -38.09
C2 NAG X . -45.90 -10.46 -39.17
C3 NAG X . -46.80 -9.22 -39.16
C4 NAG X . -48.26 -9.62 -39.27
C5 NAG X . -48.61 -10.66 -38.20
C6 NAG X . -50.01 -11.20 -38.33
C7 NAG X . -43.68 -9.83 -40.01
C8 NAG X . -42.28 -9.45 -39.65
N2 NAG X . -44.51 -10.08 -38.99
O3 NAG X . -46.46 -8.37 -40.25
O4 NAG X . -49.10 -8.48 -39.10
O5 NAG X . -47.72 -11.78 -38.30
O6 NAG X . -50.01 -12.62 -38.46
O7 NAG X . -44.05 -9.92 -41.18
#